data_1LL4
#
_entry.id   1LL4
#
_cell.length_a   61.045
_cell.length_b   78.190
_cell.length_c   88.457
_cell.angle_alpha   80.61
_cell.angle_beta   82.27
_cell.angle_gamma   66.72
#
_symmetry.space_group_name_H-M   'P 1'
#
loop_
_entity.id
_entity.type
_entity.pdbx_description
1 polymer 'CHITINASE 1'
2 branched 2-acetamido-2-deoxy-beta-D-allopyranose-(1-4)-2-acetamido-2-deoxy-beta-D-allopyranose
3 non-polymer ALLOSAMIZOLINE
4 water water
#
_entity_poly.entity_id   1
_entity_poly.type   'polypeptide(L)'
_entity_poly.pdbx_seq_one_letter_code
;GGFRSVVYFVNWAIYGRGHNPQDLKADQFTHILYAFANIRPSGEVYLSDTWADTDKHYPGDKWDEPGNNVYGCIKQMYLL
KKNNRNLKTLLSIGGWTYSPNFKTPASTEEGRKKFADTSLKLMKDLGFDGIDIDWEYPEDEKQANDFVLLLKACREALDA
YSAKHPNGKKFLLTIASPAGPQNYNKLKLAEMDKYLDFWNLMAYDFSGSWDKVSGHMSNVFPSTTKPESTPFSSDKAVKD
YIKAGVPANKIVLGMPLYGRAFASTDGIGTSFNGVGGGSWENGVWDYKDMPQQGAQVTELEDIAASYSYDKNKRYLISYD
TVKIAGKKAEYITKNGMGGGMWWESSSDKTGNESLVGTVVNGLGGTGKLEQRENELSYPESVYDNLKNGMPS
;
_entity_poly.pdbx_strand_id   A,B,C,D
#
# COMPACT_ATOMS: atom_id res chain seq x y z
N GLY A 1 -43.74 13.14 -25.02
CA GLY A 1 -43.44 12.04 -24.11
C GLY A 1 -42.62 12.67 -23.00
N GLY A 2 -42.42 12.04 -21.86
CA GLY A 2 -41.65 12.65 -20.76
C GLY A 2 -40.16 12.33 -20.92
N PHE A 3 -39.41 12.56 -19.87
CA PHE A 3 -37.97 12.42 -19.92
C PHE A 3 -37.56 10.97 -19.74
N ARG A 4 -36.38 10.66 -20.24
CA ARG A 4 -35.74 9.37 -20.14
C ARG A 4 -34.77 9.43 -18.98
N SER A 5 -34.56 8.29 -18.37
CA SER A 5 -33.72 8.16 -17.20
C SER A 5 -32.95 6.86 -17.50
N VAL A 6 -31.78 7.04 -18.07
CA VAL A 6 -30.97 5.96 -18.57
C VAL A 6 -29.79 5.68 -17.66
N VAL A 7 -29.55 4.45 -17.21
CA VAL A 7 -28.30 4.16 -16.50
C VAL A 7 -27.66 2.96 -17.20
N TYR A 8 -26.34 2.90 -17.05
CA TYR A 8 -25.58 1.76 -17.54
C TYR A 8 -25.27 0.84 -16.37
N PHE A 9 -25.43 -0.46 -16.59
CA PHE A 9 -25.10 -1.51 -15.63
C PHE A 9 -23.98 -2.18 -16.40
N VAL A 10 -22.88 -2.29 -15.67
CA VAL A 10 -21.63 -2.71 -16.24
C VAL A 10 -21.31 -4.09 -15.71
N ASN A 11 -21.26 -4.99 -16.66
CA ASN A 11 -20.85 -6.41 -16.59
C ASN A 11 -20.02 -6.81 -15.37
N TRP A 12 -18.94 -6.05 -15.24
CA TRP A 12 -17.93 -6.24 -14.23
C TRP A 12 -18.22 -5.73 -12.82
N ALA A 13 -19.34 -5.05 -12.57
CA ALA A 13 -19.66 -4.52 -11.26
C ALA A 13 -20.00 -5.63 -10.27
N ILE A 14 -20.36 -6.82 -10.79
CA ILE A 14 -20.68 -7.95 -9.94
C ILE A 14 -19.44 -8.52 -9.26
N TYR A 15 -18.25 -8.05 -9.66
CA TYR A 15 -17.04 -8.51 -9.02
C TYR A 15 -16.68 -7.56 -7.89
N GLY A 16 -15.58 -6.80 -8.00
CA GLY A 16 -15.08 -5.98 -6.90
C GLY A 16 -16.05 -4.95 -6.33
N ARG A 17 -16.92 -4.40 -7.18
CA ARG A 17 -17.88 -3.39 -6.74
C ARG A 17 -19.02 -3.99 -5.94
N GLY A 18 -19.29 -5.29 -6.11
CA GLY A 18 -20.39 -5.94 -5.42
C GLY A 18 -21.78 -5.49 -5.88
N HIS A 19 -21.91 -4.92 -7.08
CA HIS A 19 -23.20 -4.39 -7.48
C HIS A 19 -23.82 -5.42 -8.40
N ASN A 20 -25.03 -5.86 -8.04
CA ASN A 20 -25.75 -6.78 -8.92
C ASN A 20 -27.01 -6.10 -9.45
N PRO A 21 -27.66 -6.58 -10.53
CA PRO A 21 -28.88 -5.96 -11.11
C PRO A 21 -30.06 -5.85 -10.13
N GLN A 22 -30.10 -6.76 -9.18
CA GLN A 22 -31.09 -6.82 -8.14
C GLN A 22 -31.12 -5.54 -7.34
N ASP A 23 -29.97 -4.88 -7.17
CA ASP A 23 -29.90 -3.69 -6.35
C ASP A 23 -29.83 -2.45 -7.18
N LEU A 24 -30.71 -2.37 -8.15
CA LEU A 24 -30.91 -1.19 -9.00
C LEU A 24 -32.28 -0.65 -8.50
N LYS A 25 -32.38 0.65 -8.19
CA LYS A 25 -33.65 1.25 -7.78
C LYS A 25 -34.36 1.44 -9.13
N ALA A 26 -34.88 0.33 -9.67
CA ALA A 26 -35.53 0.29 -10.97
C ALA A 26 -36.68 1.26 -11.21
N ASP A 27 -37.36 1.68 -10.15
CA ASP A 27 -38.45 2.62 -10.30
C ASP A 27 -38.01 4.05 -10.61
N GLN A 28 -36.71 4.24 -10.48
CA GLN A 28 -36.05 5.49 -10.74
C GLN A 28 -35.65 5.59 -12.21
N PHE A 29 -35.69 4.51 -13.00
CA PHE A 29 -35.20 4.55 -14.37
C PHE A 29 -36.22 4.11 -15.41
N THR A 30 -35.90 4.36 -16.66
CA THR A 30 -36.73 3.89 -17.74
C THR A 30 -35.89 2.96 -18.62
N HIS A 31 -34.55 3.05 -18.57
CA HIS A 31 -33.68 2.29 -19.45
C HIS A 31 -32.42 1.86 -18.72
N ILE A 32 -32.24 0.53 -18.61
CA ILE A 32 -30.97 0.04 -18.09
C ILE A 32 -30.23 -0.41 -19.34
N LEU A 33 -28.99 0.00 -19.51
CA LEU A 33 -28.22 -0.41 -20.67
C LEU A 33 -27.09 -1.23 -20.09
N TYR A 34 -26.93 -2.45 -20.57
CA TYR A 34 -25.94 -3.39 -20.06
C TYR A 34 -24.70 -3.35 -20.94
N ALA A 35 -23.60 -2.99 -20.31
CA ALA A 35 -22.33 -2.78 -20.98
C ALA A 35 -21.30 -3.76 -20.39
N PHE A 36 -20.43 -4.34 -21.21
CA PHE A 36 -20.39 -4.11 -22.65
C PHE A 36 -20.35 -5.44 -23.38
N ALA A 37 -20.67 -5.38 -24.66
CA ALA A 37 -20.65 -6.52 -25.53
C ALA A 37 -19.51 -6.22 -26.47
N ASN A 38 -18.81 -7.25 -26.87
CA ASN A 38 -17.68 -7.08 -27.77
C ASN A 38 -18.04 -7.53 -29.18
N ILE A 39 -17.19 -7.25 -30.17
CA ILE A 39 -17.42 -7.50 -31.59
C ILE A 39 -16.17 -8.26 -32.06
N ARG A 40 -16.35 -9.18 -33.03
CA ARG A 40 -15.29 -9.99 -33.62
C ARG A 40 -15.02 -9.39 -35.00
N PRO A 41 -13.86 -9.57 -35.70
CA PRO A 41 -13.58 -9.03 -37.03
C PRO A 41 -14.66 -9.24 -38.05
N SER A 42 -15.36 -10.37 -37.88
CA SER A 42 -16.46 -10.80 -38.73
C SER A 42 -17.63 -9.84 -38.74
N GLY A 43 -17.77 -9.13 -37.64
CA GLY A 43 -18.91 -8.30 -37.35
C GLY A 43 -19.63 -8.94 -36.21
N GLU A 44 -19.24 -10.12 -35.77
CA GLU A 44 -20.01 -10.82 -34.74
C GLU A 44 -19.94 -10.20 -33.36
N VAL A 45 -21.12 -9.90 -32.87
CA VAL A 45 -21.28 -9.30 -31.58
C VAL A 45 -21.38 -10.50 -30.64
N TYR A 46 -20.69 -10.43 -29.50
CA TYR A 46 -20.68 -11.49 -28.54
C TYR A 46 -20.55 -10.93 -27.14
N LEU A 47 -20.96 -11.76 -26.19
CA LEU A 47 -20.95 -11.38 -24.78
C LEU A 47 -19.58 -11.34 -24.09
N SER A 48 -19.21 -10.24 -23.47
CA SER A 48 -17.95 -10.10 -22.78
C SER A 48 -17.64 -11.00 -21.62
N ASP A 49 -18.63 -11.56 -20.97
CA ASP A 49 -18.33 -12.22 -19.74
C ASP A 49 -19.46 -13.15 -19.48
N THR A 50 -19.51 -14.31 -20.13
CA THR A 50 -20.65 -15.22 -19.98
C THR A 50 -20.89 -15.66 -18.54
N TRP A 51 -19.88 -15.60 -17.65
CA TRP A 51 -20.09 -15.83 -16.23
C TRP A 51 -21.06 -14.78 -15.66
N ALA A 52 -20.66 -13.50 -15.71
CA ALA A 52 -21.51 -12.39 -15.28
C ALA A 52 -22.84 -12.39 -16.03
N ASP A 53 -22.72 -12.40 -17.36
CA ASP A 53 -23.86 -12.33 -18.26
C ASP A 53 -24.92 -13.39 -18.17
N THR A 54 -24.48 -14.62 -18.31
CA THR A 54 -25.45 -15.67 -18.54
C THR A 54 -25.41 -16.88 -17.61
N ASP A 55 -24.33 -17.09 -16.86
CA ASP A 55 -24.18 -18.39 -16.24
C ASP A 55 -24.26 -18.47 -14.74
N LYS A 56 -23.78 -17.40 -14.11
CA LYS A 56 -23.78 -17.27 -12.67
C LYS A 56 -25.18 -17.53 -12.14
N HIS A 57 -25.28 -18.30 -11.08
CA HIS A 57 -26.58 -18.54 -10.52
C HIS A 57 -26.72 -17.60 -9.34
N TYR A 58 -27.77 -16.77 -9.38
CA TYR A 58 -28.05 -15.94 -8.25
C TYR A 58 -28.94 -16.72 -7.28
N PRO A 59 -29.17 -16.28 -6.02
CA PRO A 59 -30.33 -16.67 -5.21
C PRO A 59 -31.58 -16.72 -6.07
N GLY A 60 -32.20 -17.88 -6.13
CA GLY A 60 -33.40 -18.05 -6.91
C GLY A 60 -33.17 -18.90 -8.12
N ASP A 61 -31.93 -19.24 -8.43
CA ASP A 61 -31.68 -20.00 -9.62
C ASP A 61 -31.51 -21.44 -9.23
N LYS A 62 -32.43 -22.28 -9.66
CA LYS A 62 -32.25 -23.73 -9.54
C LYS A 62 -30.99 -24.10 -10.33
N TRP A 63 -30.09 -24.88 -9.70
CA TRP A 63 -28.89 -25.19 -10.43
C TRP A 63 -29.19 -26.13 -11.57
N ASP A 64 -29.92 -27.16 -11.12
CA ASP A 64 -30.43 -28.28 -11.92
C ASP A 64 -31.44 -27.90 -12.99
N GLU A 65 -32.77 -28.00 -12.79
CA GLU A 65 -33.81 -27.54 -13.72
C GLU A 65 -33.89 -27.88 -15.23
N PRO A 66 -35.04 -28.38 -15.73
CA PRO A 66 -35.25 -28.71 -17.14
C PRO A 66 -35.06 -27.52 -18.06
N GLY A 67 -34.69 -27.75 -19.30
CA GLY A 67 -34.63 -26.70 -20.28
C GLY A 67 -33.23 -26.22 -20.58
N ASN A 68 -33.01 -25.54 -21.70
CA ASN A 68 -31.76 -24.82 -21.91
C ASN A 68 -32.01 -23.41 -21.38
N ASN A 69 -31.39 -23.02 -20.28
CA ASN A 69 -31.78 -21.80 -19.55
C ASN A 69 -30.79 -20.67 -19.37
N VAL A 70 -31.17 -19.39 -19.25
CA VAL A 70 -30.23 -18.28 -19.00
C VAL A 70 -30.32 -17.87 -17.56
N TYR A 71 -29.17 -17.53 -17.02
CA TYR A 71 -29.11 -17.02 -15.64
C TYR A 71 -28.30 -15.73 -15.74
N GLY A 72 -27.38 -15.50 -14.81
CA GLY A 72 -26.50 -14.33 -14.82
C GLY A 72 -27.26 -13.01 -14.67
N CYS A 73 -26.64 -11.94 -15.09
CA CYS A 73 -27.26 -10.66 -14.98
C CYS A 73 -28.35 -10.54 -16.02
N ILE A 74 -28.33 -11.34 -17.11
CA ILE A 74 -29.42 -11.30 -18.09
C ILE A 74 -30.71 -11.79 -17.44
N LYS A 75 -30.73 -12.92 -16.71
CA LYS A 75 -31.99 -13.31 -16.05
C LYS A 75 -32.40 -12.23 -15.07
N GLN A 76 -31.45 -11.67 -14.32
CA GLN A 76 -31.73 -10.63 -13.33
C GLN A 76 -32.31 -9.36 -13.92
N MET A 77 -31.85 -8.97 -15.10
CA MET A 77 -32.39 -7.80 -15.74
C MET A 77 -33.79 -8.11 -16.24
N TYR A 78 -34.03 -9.35 -16.70
CA TYR A 78 -35.37 -9.73 -17.18
C TYR A 78 -36.36 -9.73 -16.01
N LEU A 79 -35.93 -10.18 -14.85
CA LEU A 79 -36.72 -10.17 -13.65
C LEU A 79 -36.97 -8.72 -13.25
N LEU A 80 -35.99 -7.81 -13.45
CA LEU A 80 -36.17 -6.40 -13.14
C LEU A 80 -37.24 -5.83 -14.04
N LYS A 81 -37.21 -6.22 -15.32
CA LYS A 81 -38.23 -5.87 -16.31
C LYS A 81 -39.64 -6.41 -16.06
N LYS A 82 -39.77 -7.65 -15.64
CA LYS A 82 -41.05 -8.22 -15.32
C LYS A 82 -41.66 -7.41 -14.20
N ASN A 83 -40.85 -7.08 -13.19
CA ASN A 83 -41.39 -6.27 -12.12
C ASN A 83 -41.55 -4.82 -12.51
N ASN A 84 -40.70 -4.19 -13.31
CA ASN A 84 -40.91 -2.79 -13.58
C ASN A 84 -41.14 -2.73 -15.06
N ARG A 85 -42.43 -2.68 -15.41
CA ARG A 85 -42.81 -2.70 -16.82
C ARG A 85 -42.52 -1.44 -17.62
N ASN A 86 -42.17 -0.33 -16.97
CA ASN A 86 -41.69 0.84 -17.70
C ASN A 86 -40.15 0.80 -17.79
N LEU A 87 -39.50 -0.27 -17.36
CA LEU A 87 -38.08 -0.38 -17.43
C LEU A 87 -37.67 -1.19 -18.66
N LYS A 88 -37.04 -0.52 -19.62
CA LYS A 88 -36.51 -1.21 -20.77
C LYS A 88 -35.03 -1.54 -20.53
N THR A 89 -34.46 -2.47 -21.28
CA THR A 89 -33.10 -2.89 -21.12
C THR A 89 -32.53 -2.86 -22.54
N LEU A 90 -31.27 -2.45 -22.71
CA LEU A 90 -30.64 -2.53 -24.01
C LEU A 90 -29.28 -3.18 -23.82
N LEU A 91 -28.80 -3.98 -24.77
CA LEU A 91 -27.45 -4.54 -24.74
C LEU A 91 -26.59 -3.41 -25.32
N SER A 92 -25.46 -3.12 -24.70
CA SER A 92 -24.60 -2.03 -25.15
C SER A 92 -23.30 -2.69 -25.61
N ILE A 93 -22.92 -2.34 -26.83
CA ILE A 93 -21.83 -2.93 -27.57
C ILE A 93 -20.77 -1.87 -27.82
N GLY A 94 -19.53 -2.18 -27.41
CA GLY A 94 -18.40 -1.32 -27.67
C GLY A 94 -17.75 -0.91 -26.37
N GLY A 95 -17.57 0.38 -26.18
CA GLY A 95 -16.89 0.86 -24.99
C GLY A 95 -15.53 1.33 -25.42
N TRP A 96 -14.86 2.12 -24.56
CA TRP A 96 -13.57 2.71 -24.92
C TRP A 96 -12.57 1.60 -25.31
N THR A 97 -12.55 0.62 -24.43
CA THR A 97 -11.77 -0.59 -24.53
C THR A 97 -12.05 -1.47 -25.76
N TYR A 98 -13.27 -1.59 -26.31
CA TYR A 98 -13.50 -2.47 -27.46
C TYR A 98 -13.67 -1.70 -28.76
N SER A 99 -13.74 -0.36 -28.73
CA SER A 99 -13.88 0.42 -29.95
C SER A 99 -12.75 0.38 -30.97
N PRO A 100 -11.46 0.01 -30.72
CA PRO A 100 -10.51 -0.43 -31.74
C PRO A 100 -11.09 -1.44 -32.73
N ASN A 101 -11.94 -2.34 -32.22
CA ASN A 101 -12.55 -3.27 -33.13
C ASN A 101 -14.03 -3.03 -33.51
N PHE A 102 -14.27 -1.80 -34.02
CA PHE A 102 -15.51 -1.50 -34.73
C PHE A 102 -15.21 -1.27 -36.22
N LYS A 103 -14.17 -0.50 -36.60
CA LYS A 103 -13.87 -0.15 -37.98
C LYS A 103 -13.78 -1.22 -39.06
N THR A 104 -13.16 -2.36 -38.78
CA THR A 104 -13.04 -3.42 -39.76
C THR A 104 -14.38 -4.06 -40.17
N PRO A 105 -15.27 -4.58 -39.31
CA PRO A 105 -16.60 -5.03 -39.72
C PRO A 105 -17.47 -3.95 -40.33
N ALA A 106 -17.39 -2.73 -39.76
CA ALA A 106 -18.19 -1.62 -40.24
C ALA A 106 -17.87 -1.20 -41.68
N SER A 107 -16.67 -1.49 -42.17
CA SER A 107 -16.35 -1.12 -43.53
C SER A 107 -17.01 -2.03 -44.54
N THR A 108 -17.48 -3.23 -44.22
CA THR A 108 -18.03 -4.02 -45.28
C THR A 108 -19.46 -4.33 -44.97
N GLU A 109 -20.16 -4.63 -46.04
CA GLU A 109 -21.56 -4.99 -45.99
C GLU A 109 -21.69 -6.29 -45.19
N GLU A 110 -20.76 -7.22 -45.38
CA GLU A 110 -20.82 -8.51 -44.71
C GLU A 110 -20.71 -8.29 -43.22
N GLY A 111 -19.75 -7.44 -42.86
CA GLY A 111 -19.46 -7.11 -41.49
C GLY A 111 -20.63 -6.47 -40.81
N ARG A 112 -21.24 -5.48 -41.44
CA ARG A 112 -22.40 -4.79 -40.87
C ARG A 112 -23.63 -5.69 -40.78
N LYS A 113 -23.90 -6.46 -41.83
CA LYS A 113 -24.94 -7.47 -41.85
C LYS A 113 -24.76 -8.46 -40.70
N LYS A 114 -23.52 -8.92 -40.52
CA LYS A 114 -23.17 -9.85 -39.46
C LYS A 114 -23.34 -9.18 -38.11
N PHE A 115 -22.98 -7.90 -37.96
CA PHE A 115 -23.17 -7.15 -36.73
C PHE A 115 -24.67 -7.10 -36.39
N ALA A 116 -25.46 -6.64 -37.35
CA ALA A 116 -26.91 -6.51 -37.23
C ALA A 116 -27.55 -7.81 -36.82
N ASP A 117 -27.22 -8.89 -37.51
CA ASP A 117 -27.80 -10.18 -37.20
C ASP A 117 -27.41 -10.73 -35.84
N THR A 118 -26.14 -10.64 -35.46
CA THR A 118 -25.74 -11.19 -34.18
C THR A 118 -26.31 -10.39 -33.01
N SER A 119 -26.33 -9.07 -33.17
CA SER A 119 -26.95 -8.16 -32.23
C SER A 119 -28.44 -8.49 -32.06
N LEU A 120 -29.20 -8.69 -33.16
CA LEU A 120 -30.61 -9.02 -33.03
C LEU A 120 -30.77 -10.37 -32.35
N LYS A 121 -29.94 -11.35 -32.73
CA LYS A 121 -29.96 -12.69 -32.16
C LYS A 121 -29.84 -12.61 -30.63
N LEU A 122 -28.83 -11.88 -30.20
CA LEU A 122 -28.55 -11.62 -28.80
C LEU A 122 -29.71 -10.90 -28.13
N MET A 123 -30.22 -9.83 -28.71
CA MET A 123 -31.35 -9.11 -28.13
C MET A 123 -32.58 -10.01 -27.89
N LYS A 124 -33.01 -10.66 -28.97
CA LYS A 124 -34.17 -11.53 -28.91
C LYS A 124 -33.90 -12.83 -28.13
N ASP A 125 -32.67 -13.30 -27.94
CA ASP A 125 -32.46 -14.42 -27.04
C ASP A 125 -32.40 -14.07 -25.56
N LEU A 126 -31.79 -12.93 -25.26
CA LEU A 126 -31.54 -12.57 -23.88
C LEU A 126 -32.58 -11.67 -23.24
N GLY A 127 -33.59 -11.22 -24.00
CA GLY A 127 -34.69 -10.45 -23.47
C GLY A 127 -34.43 -8.96 -23.39
N PHE A 128 -33.79 -8.43 -24.41
CA PHE A 128 -33.47 -7.02 -24.45
C PHE A 128 -34.48 -6.22 -25.25
N ASP A 129 -34.68 -4.98 -24.83
CA ASP A 129 -35.58 -4.11 -25.56
C ASP A 129 -34.93 -3.42 -26.76
N GLY A 130 -33.61 -3.53 -26.88
CA GLY A 130 -32.91 -2.99 -28.01
C GLY A 130 -31.41 -3.06 -27.83
N ILE A 131 -30.68 -2.42 -28.72
CA ILE A 131 -29.24 -2.41 -28.62
C ILE A 131 -28.75 -0.95 -28.78
N ASP A 132 -27.60 -0.75 -28.11
CA ASP A 132 -26.87 0.49 -27.99
C ASP A 132 -25.42 0.28 -28.42
N ILE A 133 -24.96 1.04 -29.42
CA ILE A 133 -23.57 0.99 -29.86
C ILE A 133 -22.83 2.13 -29.18
N ASP A 134 -21.58 1.84 -28.83
CA ASP A 134 -20.69 2.81 -28.24
C ASP A 134 -19.32 2.71 -28.92
N TRP A 135 -19.25 3.32 -30.12
CA TRP A 135 -18.02 3.38 -30.93
C TRP A 135 -17.33 4.72 -30.68
N GLU A 136 -16.24 4.62 -29.96
CA GLU A 136 -15.44 5.76 -29.58
C GLU A 136 -14.07 5.71 -30.24
N TYR A 137 -13.89 6.35 -31.40
CA TYR A 137 -14.92 7.14 -32.08
C TYR A 137 -14.72 6.91 -33.56
N PRO A 138 -15.65 6.95 -34.55
CA PRO A 138 -15.31 6.88 -35.99
C PRO A 138 -14.23 7.92 -36.27
N GLU A 139 -13.01 7.48 -36.51
CA GLU A 139 -11.90 8.42 -36.61
C GLU A 139 -11.73 9.13 -37.95
N ASP A 140 -12.43 8.74 -38.99
CA ASP A 140 -12.28 9.40 -40.27
C ASP A 140 -13.65 9.47 -40.94
N GLU A 141 -13.67 10.09 -42.13
CA GLU A 141 -14.88 10.29 -42.92
C GLU A 141 -15.59 9.00 -43.33
N LYS A 142 -14.79 8.04 -43.72
CA LYS A 142 -15.25 6.71 -44.13
C LYS A 142 -15.91 5.99 -42.96
N GLN A 143 -15.26 6.04 -41.79
CA GLN A 143 -15.75 5.37 -40.61
C GLN A 143 -17.09 5.97 -40.20
N ALA A 144 -17.24 7.27 -40.42
CA ALA A 144 -18.46 7.99 -40.14
C ALA A 144 -19.62 7.53 -41.05
N ASN A 145 -19.39 7.45 -42.34
CA ASN A 145 -20.39 6.93 -43.26
C ASN A 145 -20.73 5.49 -42.89
N ASP A 146 -19.67 4.75 -42.49
CA ASP A 146 -19.80 3.36 -42.08
C ASP A 146 -20.71 3.28 -40.87
N PHE A 147 -20.61 4.29 -40.00
CA PHE A 147 -21.41 4.30 -38.80
C PHE A 147 -22.86 4.54 -39.16
N VAL A 148 -23.16 5.38 -40.16
CA VAL A 148 -24.54 5.60 -40.58
C VAL A 148 -25.05 4.26 -41.13
N LEU A 149 -24.30 3.62 -42.01
CA LEU A 149 -24.72 2.38 -42.61
C LEU A 149 -24.89 1.25 -41.61
N LEU A 150 -24.05 1.21 -40.59
CA LEU A 150 -24.14 0.19 -39.56
C LEU A 150 -25.44 0.36 -38.79
N LEU A 151 -25.73 1.63 -38.49
CA LEU A 151 -26.91 2.04 -37.77
C LEU A 151 -28.14 1.57 -38.54
N LYS A 152 -28.11 1.87 -39.84
CA LYS A 152 -29.11 1.43 -40.79
C LYS A 152 -29.31 -0.11 -40.80
N ALA A 153 -28.20 -0.85 -40.75
CA ALA A 153 -28.21 -2.29 -40.68
C ALA A 153 -29.01 -2.72 -39.44
N CYS A 154 -28.66 -2.15 -38.30
CA CYS A 154 -29.29 -2.51 -37.06
C CYS A 154 -30.74 -2.10 -37.00
N ARG A 155 -31.10 -0.93 -37.55
CA ARG A 155 -32.49 -0.45 -37.55
C ARG A 155 -33.32 -1.39 -38.41
N GLU A 156 -32.81 -1.73 -39.60
CA GLU A 156 -33.46 -2.69 -40.46
C GLU A 156 -33.59 -4.08 -39.83
N ALA A 157 -32.56 -4.53 -39.11
CA ALA A 157 -32.59 -5.78 -38.41
C ALA A 157 -33.71 -5.87 -37.38
N LEU A 158 -33.73 -4.92 -36.45
CA LEU A 158 -34.71 -4.90 -35.39
C LEU A 158 -36.17 -4.78 -35.88
N ASP A 159 -36.33 -3.92 -36.90
CA ASP A 159 -37.62 -3.73 -37.51
C ASP A 159 -38.16 -4.98 -38.17
N ALA A 160 -37.29 -5.75 -38.85
CA ALA A 160 -37.69 -7.00 -39.47
C ALA A 160 -38.24 -7.96 -38.44
N TYR A 161 -37.65 -7.98 -37.25
CA TYR A 161 -38.09 -8.83 -36.17
C TYR A 161 -39.45 -8.42 -35.59
N SER A 162 -39.66 -7.11 -35.48
CA SER A 162 -40.94 -6.58 -35.08
C SER A 162 -42.00 -6.88 -36.14
N ALA A 163 -41.63 -6.85 -37.43
CA ALA A 163 -42.56 -7.17 -38.48
C ALA A 163 -43.01 -8.61 -38.30
N LYS A 164 -42.07 -9.49 -37.99
CA LYS A 164 -42.36 -10.87 -37.64
C LYS A 164 -43.17 -11.01 -36.36
N HIS A 165 -43.48 -9.98 -35.61
CA HIS A 165 -44.23 -10.14 -34.37
C HIS A 165 -45.09 -8.92 -34.12
N PRO A 166 -46.11 -8.65 -34.96
CA PRO A 166 -46.81 -7.37 -34.97
C PRO A 166 -47.57 -7.10 -33.67
N ASN A 167 -47.99 -8.14 -32.98
CA ASN A 167 -48.66 -7.93 -31.69
C ASN A 167 -47.68 -7.69 -30.56
N GLY A 168 -46.38 -7.62 -30.85
CA GLY A 168 -45.38 -7.44 -29.84
C GLY A 168 -44.92 -6.01 -29.92
N LYS A 169 -43.71 -5.70 -29.46
CA LYS A 169 -43.27 -4.31 -29.46
C LYS A 169 -42.25 -3.95 -30.54
N LYS A 170 -42.13 -2.64 -30.75
CA LYS A 170 -41.07 -2.10 -31.59
C LYS A 170 -39.79 -2.10 -30.70
N PHE A 171 -38.60 -2.17 -31.28
CA PHE A 171 -37.36 -2.22 -30.51
C PHE A 171 -36.43 -1.02 -30.60
N LEU A 172 -35.64 -0.75 -29.54
CA LEU A 172 -34.77 0.43 -29.49
C LEU A 172 -33.37 0.30 -30.07
N LEU A 173 -32.82 1.42 -30.55
CA LEU A 173 -31.49 1.50 -31.11
C LEU A 173 -30.94 2.86 -30.70
N THR A 174 -29.90 2.83 -29.87
CA THR A 174 -29.30 4.08 -29.40
C THR A 174 -27.79 4.04 -29.60
N ILE A 175 -27.12 5.15 -29.30
CA ILE A 175 -25.65 5.23 -29.29
C ILE A 175 -25.27 6.15 -28.13
N ALA A 176 -24.08 5.86 -27.63
CA ALA A 176 -23.38 6.69 -26.65
C ALA A 176 -22.58 7.67 -27.53
N SER A 177 -22.68 8.98 -27.39
CA SER A 177 -22.03 9.85 -28.34
C SER A 177 -21.00 10.84 -27.77
N PRO A 178 -20.11 11.41 -28.58
CA PRO A 178 -19.16 12.44 -28.17
C PRO A 178 -19.59 13.87 -27.87
N ALA A 179 -19.24 14.38 -26.69
CA ALA A 179 -19.48 15.79 -26.40
C ALA A 179 -18.28 16.60 -26.84
N GLY A 180 -17.14 16.03 -27.19
CA GLY A 180 -16.01 16.80 -27.66
C GLY A 180 -16.17 17.17 -29.14
N PRO A 181 -16.07 18.44 -29.53
CA PRO A 181 -16.19 18.87 -30.91
C PRO A 181 -15.32 18.15 -31.92
N GLN A 182 -14.05 17.86 -31.60
CA GLN A 182 -13.14 17.15 -32.49
C GLN A 182 -13.58 15.75 -32.85
N ASN A 183 -14.52 15.19 -32.07
CA ASN A 183 -15.12 13.93 -32.45
C ASN A 183 -16.47 14.09 -33.08
N TYR A 184 -17.45 14.77 -32.47
CA TYR A 184 -18.75 14.84 -33.13
C TYR A 184 -18.75 15.57 -34.46
N ASN A 185 -17.76 16.44 -34.75
CA ASN A 185 -17.75 17.13 -36.03
C ASN A 185 -17.39 16.25 -37.21
N LYS A 186 -16.95 15.02 -36.91
CA LYS A 186 -16.66 14.06 -37.95
C LYS A 186 -17.94 13.30 -38.25
N LEU A 187 -18.83 13.22 -37.26
CA LEU A 187 -20.01 12.41 -37.40
C LEU A 187 -21.10 13.01 -38.27
N LYS A 188 -21.75 12.14 -39.03
CA LYS A 188 -22.93 12.53 -39.80
C LYS A 188 -24.17 12.37 -38.93
N LEU A 189 -24.21 13.26 -37.94
CA LEU A 189 -25.22 13.28 -36.91
C LEU A 189 -26.68 13.22 -37.37
N ALA A 190 -27.06 14.06 -38.35
CA ALA A 190 -28.46 14.11 -38.79
C ALA A 190 -28.90 12.88 -39.60
N GLU A 191 -27.97 12.26 -40.33
CA GLU A 191 -28.32 11.09 -41.10
C GLU A 191 -28.42 9.96 -40.10
N MET A 192 -27.49 9.93 -39.13
CA MET A 192 -27.50 8.94 -38.06
C MET A 192 -28.79 8.96 -37.27
N ASP A 193 -29.25 10.17 -36.95
CA ASP A 193 -30.45 10.42 -36.17
C ASP A 193 -31.68 9.71 -36.71
N LYS A 194 -31.79 9.63 -38.03
CA LYS A 194 -32.90 8.93 -38.65
C LYS A 194 -33.15 7.53 -38.06
N TYR A 195 -32.11 6.83 -37.63
CA TYR A 195 -32.19 5.45 -37.16
C TYR A 195 -32.38 5.31 -35.67
N LEU A 196 -32.13 6.38 -34.95
CA LEU A 196 -32.02 6.23 -33.52
C LEU A 196 -33.23 6.62 -32.72
N ASP A 197 -33.43 5.87 -31.66
CA ASP A 197 -34.46 6.20 -30.70
C ASP A 197 -34.07 7.45 -29.92
N PHE A 198 -32.82 7.50 -29.44
CA PHE A 198 -32.26 8.66 -28.77
C PHE A 198 -30.75 8.53 -28.72
N TRP A 199 -30.12 9.59 -28.23
CA TRP A 199 -28.68 9.75 -28.16
C TRP A 199 -28.33 9.90 -26.69
N ASN A 200 -27.29 9.20 -26.23
CA ASN A 200 -26.81 9.32 -24.85
C ASN A 200 -25.46 10.02 -24.98
N LEU A 201 -25.56 11.33 -24.84
CA LEU A 201 -24.43 12.22 -24.96
C LEU A 201 -23.53 12.08 -23.74
N MET A 202 -22.28 11.62 -23.95
CA MET A 202 -21.32 11.45 -22.86
C MET A 202 -20.72 12.83 -22.56
N ALA A 203 -21.47 13.60 -21.80
CA ALA A 203 -21.11 14.96 -21.44
C ALA A 203 -20.26 14.95 -20.16
N TYR A 204 -19.10 14.29 -20.28
CA TYR A 204 -18.18 14.09 -19.19
C TYR A 204 -16.85 13.65 -19.77
N ASP A 205 -15.86 13.43 -18.89
CA ASP A 205 -14.47 13.14 -19.25
C ASP A 205 -13.82 14.26 -20.07
N PHE A 206 -14.24 15.48 -19.70
CA PHE A 206 -13.77 16.72 -20.27
C PHE A 206 -12.38 17.07 -19.73
N SER A 207 -12.10 16.64 -18.52
CA SER A 207 -10.79 16.82 -17.97
C SER A 207 -10.35 15.54 -17.28
N GLY A 208 -9.05 15.24 -17.24
CA GLY A 208 -8.52 14.09 -16.53
C GLY A 208 -7.02 14.01 -16.79
N SER A 209 -6.39 12.88 -16.48
CA SER A 209 -4.94 12.63 -16.51
C SER A 209 -4.13 13.15 -17.69
N TRP A 210 -4.83 13.13 -18.80
CA TRP A 210 -4.31 13.58 -20.05
C TRP A 210 -4.05 15.08 -20.14
N ASP A 211 -4.53 15.91 -19.22
CA ASP A 211 -4.43 17.34 -19.38
C ASP A 211 -3.29 17.95 -18.59
N LYS A 212 -3.00 19.25 -18.77
CA LYS A 212 -1.97 19.85 -17.96
C LYS A 212 -2.46 20.72 -16.82
N VAL A 213 -3.71 21.16 -16.88
CA VAL A 213 -4.32 21.98 -15.85
C VAL A 213 -5.56 21.23 -15.39
N SER A 214 -5.90 21.29 -14.09
CA SER A 214 -7.07 20.64 -13.56
C SER A 214 -8.27 21.40 -14.12
N GLY A 215 -9.27 20.66 -14.60
CA GLY A 215 -10.43 21.30 -15.17
C GLY A 215 -11.66 20.63 -14.61
N HIS A 216 -12.73 21.18 -15.12
CA HIS A 216 -14.04 20.66 -14.81
C HIS A 216 -14.26 19.49 -15.79
N MET A 217 -14.70 18.32 -15.31
CA MET A 217 -14.75 17.20 -16.20
C MET A 217 -16.11 16.93 -16.84
N SER A 218 -17.18 17.59 -16.45
CA SER A 218 -18.50 17.40 -17.01
C SER A 218 -19.33 18.68 -16.85
N ASN A 219 -18.70 19.87 -16.94
CA ASN A 219 -19.44 21.13 -16.72
C ASN A 219 -20.40 21.42 -17.85
N VAL A 220 -21.50 22.09 -17.46
CA VAL A 220 -22.52 22.46 -18.42
C VAL A 220 -22.07 23.66 -19.23
N PHE A 221 -21.62 24.75 -18.60
CA PHE A 221 -21.25 25.97 -19.33
C PHE A 221 -19.79 26.38 -19.24
N PRO A 222 -19.22 27.00 -20.27
CA PRO A 222 -17.88 27.57 -20.25
C PRO A 222 -17.69 28.65 -19.19
N SER A 223 -16.57 28.58 -18.46
CA SER A 223 -16.21 29.61 -17.52
C SER A 223 -15.63 30.75 -18.35
N THR A 224 -16.27 31.93 -18.34
CA THR A 224 -15.68 33.08 -19.02
C THR A 224 -14.56 33.62 -18.15
N THR A 225 -14.72 33.49 -16.82
CA THR A 225 -13.78 34.08 -15.93
C THR A 225 -12.48 33.28 -16.03
N LYS A 226 -12.64 31.94 -16.09
CA LYS A 226 -11.48 31.10 -15.98
C LYS A 226 -11.47 30.08 -17.08
N PRO A 227 -11.28 30.45 -18.34
CA PRO A 227 -11.32 29.55 -19.49
C PRO A 227 -10.56 28.25 -19.35
N GLU A 228 -9.37 28.33 -18.73
CA GLU A 228 -8.55 27.16 -18.51
C GLU A 228 -9.21 26.10 -17.61
N SER A 229 -10.19 26.48 -16.78
CA SER A 229 -10.89 25.49 -15.97
C SER A 229 -12.00 24.76 -16.73
N THR A 230 -12.42 25.22 -17.93
CA THR A 230 -13.45 24.54 -18.66
C THR A 230 -13.09 24.33 -20.14
N PRO A 231 -12.17 23.39 -20.48
CA PRO A 231 -11.86 23.02 -21.87
C PRO A 231 -13.05 22.57 -22.71
N PHE A 232 -14.08 21.98 -22.12
CA PHE A 232 -15.29 21.59 -22.86
C PHE A 232 -16.48 22.09 -22.07
N SER A 233 -17.69 21.77 -22.52
CA SER A 233 -18.94 22.08 -21.83
C SER A 233 -20.05 21.31 -22.55
N SER A 234 -21.01 20.79 -21.76
CA SER A 234 -22.19 20.08 -22.27
C SER A 234 -22.87 20.94 -23.35
N ASP A 235 -23.10 22.21 -22.98
CA ASP A 235 -23.81 23.18 -23.78
C ASP A 235 -23.32 23.37 -25.21
N LYS A 236 -22.02 23.39 -25.38
CA LYS A 236 -21.46 23.47 -26.71
C LYS A 236 -21.93 22.24 -27.48
N ALA A 237 -21.79 21.03 -26.93
CA ALA A 237 -22.20 19.81 -27.62
C ALA A 237 -23.67 19.76 -28.02
N VAL A 238 -24.56 20.03 -27.04
CA VAL A 238 -26.01 19.96 -27.23
C VAL A 238 -26.43 20.96 -28.32
N LYS A 239 -26.13 22.25 -28.21
CA LYS A 239 -26.55 23.16 -29.25
C LYS A 239 -25.86 22.92 -30.59
N ASP A 240 -24.69 22.26 -30.60
CA ASP A 240 -24.04 21.87 -31.85
C ASP A 240 -24.73 20.69 -32.54
N TYR A 241 -25.28 19.74 -31.73
CA TYR A 241 -26.06 18.64 -32.26
C TYR A 241 -27.36 19.19 -32.85
N ILE A 242 -27.94 20.15 -32.12
CA ILE A 242 -29.18 20.79 -32.51
C ILE A 242 -28.93 21.59 -33.78
N LYS A 243 -27.89 22.40 -33.92
CA LYS A 243 -27.63 23.03 -35.22
C LYS A 243 -27.42 21.98 -36.30
N ALA A 244 -26.83 20.83 -35.95
CA ALA A 244 -26.61 19.73 -36.89
C ALA A 244 -27.89 19.04 -37.32
N GLY A 245 -28.92 19.17 -36.49
CA GLY A 245 -30.22 18.65 -36.84
C GLY A 245 -30.71 17.53 -35.95
N VAL A 246 -30.15 17.30 -34.77
CA VAL A 246 -30.70 16.27 -33.92
C VAL A 246 -31.77 17.04 -33.16
N PRO A 247 -33.01 16.52 -33.08
CA PRO A 247 -34.03 16.94 -32.12
C PRO A 247 -33.50 16.89 -30.69
N ALA A 248 -33.57 18.00 -29.97
CA ALA A 248 -33.14 18.07 -28.57
C ALA A 248 -33.77 17.05 -27.64
N ASN A 249 -35.04 16.80 -27.86
CA ASN A 249 -35.78 15.82 -27.06
C ASN A 249 -35.21 14.43 -27.29
N LYS A 250 -34.38 14.18 -28.31
CA LYS A 250 -33.73 12.90 -28.49
C LYS A 250 -32.32 12.87 -27.89
N ILE A 251 -31.81 13.98 -27.35
CA ILE A 251 -30.50 14.07 -26.73
C ILE A 251 -30.67 13.86 -25.24
N VAL A 252 -30.16 12.77 -24.70
CA VAL A 252 -30.20 12.48 -23.26
C VAL A 252 -28.83 12.88 -22.71
N LEU A 253 -28.80 13.80 -21.75
CA LEU A 253 -27.59 14.36 -21.17
C LEU A 253 -26.93 13.41 -20.17
N GLY A 254 -25.75 12.90 -20.57
CA GLY A 254 -24.95 12.01 -19.74
C GLY A 254 -24.36 12.72 -18.54
N MET A 255 -24.43 12.11 -17.38
CA MET A 255 -23.90 12.66 -16.15
C MET A 255 -23.11 11.52 -15.49
N PRO A 256 -21.92 11.84 -14.97
CA PRO A 256 -21.05 10.86 -14.31
C PRO A 256 -21.51 10.50 -12.91
N LEU A 257 -21.32 9.28 -12.45
CA LEU A 257 -21.56 9.02 -11.05
C LEU A 257 -20.24 8.72 -10.36
N TYR A 258 -19.14 9.17 -10.95
CA TYR A 258 -17.75 9.06 -10.49
C TYR A 258 -17.12 10.46 -10.63
N GLY A 259 -15.91 10.67 -10.14
CA GLY A 259 -15.25 11.95 -10.26
C GLY A 259 -13.79 11.79 -10.65
N ARG A 260 -13.26 12.72 -11.46
CA ARG A 260 -11.84 12.67 -11.82
C ARG A 260 -10.96 13.63 -11.01
N ALA A 261 -9.91 13.02 -10.46
CA ALA A 261 -8.95 13.62 -9.55
C ALA A 261 -7.69 14.17 -10.18
N PHE A 262 -7.03 15.11 -9.48
CA PHE A 262 -5.80 15.76 -9.93
C PHE A 262 -4.89 15.87 -8.70
N ALA A 263 -3.61 15.50 -8.78
CA ALA A 263 -2.70 15.62 -7.63
C ALA A 263 -1.70 16.78 -7.77
N SER A 264 -1.18 17.36 -6.67
CA SER A 264 -0.25 18.48 -6.69
C SER A 264 -0.83 19.66 -7.45
N THR A 265 -1.95 20.13 -6.94
CA THR A 265 -2.69 21.21 -7.57
C THR A 265 -2.92 22.28 -6.52
N ASP A 266 -3.08 23.53 -6.95
CA ASP A 266 -3.47 24.58 -6.05
C ASP A 266 -4.97 24.54 -6.14
N GLY A 267 -5.52 24.37 -7.33
CA GLY A 267 -6.94 24.27 -7.46
C GLY A 267 -7.34 24.20 -8.92
N ILE A 268 -8.63 24.44 -9.13
CA ILE A 268 -9.17 24.36 -10.46
C ILE A 268 -8.41 25.38 -11.32
N GLY A 269 -8.08 24.90 -12.52
CA GLY A 269 -7.39 25.70 -13.48
C GLY A 269 -5.88 25.77 -13.27
N THR A 270 -5.30 25.16 -12.24
CA THR A 270 -3.87 25.23 -12.06
C THR A 270 -3.26 23.92 -12.53
N SER A 271 -1.95 23.79 -12.69
CA SER A 271 -1.29 22.54 -13.04
C SER A 271 -1.30 21.50 -11.93
N PHE A 272 -1.23 20.25 -12.32
CA PHE A 272 -1.26 19.14 -11.38
C PHE A 272 -0.21 18.17 -11.92
N ASN A 273 0.20 17.21 -11.12
CA ASN A 273 1.17 16.23 -11.55
C ASN A 273 0.65 15.02 -10.85
N GLY A 274 0.23 14.03 -11.62
CA GLY A 274 -0.35 12.84 -11.01
C GLY A 274 -1.84 13.07 -10.77
N VAL A 275 -2.52 11.96 -10.55
CA VAL A 275 -3.95 12.01 -10.34
C VAL A 275 -4.28 11.24 -9.07
N GLY A 276 -3.30 10.65 -8.40
CA GLY A 276 -3.56 9.87 -7.18
C GLY A 276 -4.19 8.50 -7.43
N GLY A 277 -4.86 8.05 -6.38
CA GLY A 277 -5.58 6.80 -6.43
C GLY A 277 -6.97 6.95 -7.07
N GLY A 278 -7.85 6.12 -6.61
CA GLY A 278 -9.21 6.12 -7.09
C GLY A 278 -9.95 5.07 -6.34
N SER A 279 -11.24 4.90 -6.60
CA SER A 279 -11.96 3.83 -5.93
C SER A 279 -11.66 2.47 -6.54
N TRP A 280 -11.38 2.45 -7.84
CA TRP A 280 -11.17 1.23 -8.57
C TRP A 280 -10.01 1.40 -9.53
N GLU A 281 -9.76 2.58 -10.07
CA GLU A 281 -8.62 2.77 -10.96
C GLU A 281 -7.97 4.07 -10.53
N ASN A 282 -6.82 4.50 -11.02
CA ASN A 282 -6.22 5.73 -10.54
C ASN A 282 -6.88 6.90 -11.24
N GLY A 283 -6.98 7.99 -10.47
CA GLY A 283 -7.60 9.24 -10.86
C GLY A 283 -9.12 9.27 -10.96
N VAL A 284 -9.83 8.22 -10.58
CA VAL A 284 -11.26 8.10 -10.77
C VAL A 284 -11.83 7.63 -9.42
N TRP A 285 -12.76 8.37 -8.84
CA TRP A 285 -13.38 8.06 -7.56
C TRP A 285 -14.88 7.89 -7.68
N ASP A 286 -15.50 6.91 -7.01
CA ASP A 286 -16.95 6.75 -7.05
C ASP A 286 -17.52 7.91 -6.29
N TYR A 287 -18.58 8.51 -6.84
CA TYR A 287 -19.27 9.57 -6.15
C TYR A 287 -19.66 9.21 -4.71
N LYS A 288 -20.08 7.98 -4.41
CA LYS A 288 -20.44 7.61 -3.04
C LYS A 288 -19.29 7.58 -2.04
N ASP A 289 -18.09 7.80 -2.55
CA ASP A 289 -16.92 7.94 -1.71
C ASP A 289 -16.58 9.42 -1.48
N MET A 290 -17.33 10.26 -2.15
CA MET A 290 -17.14 11.67 -2.06
C MET A 290 -18.08 12.09 -0.96
N PRO A 291 -17.79 13.12 -0.17
CA PRO A 291 -16.52 13.84 -0.20
C PRO A 291 -15.53 13.25 0.78
N GLN A 292 -14.27 13.22 0.30
CA GLN A 292 -13.16 12.75 1.10
C GLN A 292 -12.80 13.71 2.22
N GLN A 293 -12.48 13.08 3.35
CA GLN A 293 -12.08 13.79 4.57
C GLN A 293 -10.98 14.81 4.32
N GLY A 294 -11.25 16.01 4.85
CA GLY A 294 -10.29 17.09 4.72
C GLY A 294 -10.37 17.83 3.39
N ALA A 295 -11.37 17.60 2.54
CA ALA A 295 -11.52 18.41 1.34
C ALA A 295 -12.75 19.28 1.45
N GLN A 296 -12.66 20.50 0.95
CA GLN A 296 -13.83 21.37 0.95
C GLN A 296 -14.39 21.34 -0.46
N VAL A 297 -15.72 21.27 -0.48
CA VAL A 297 -16.41 21.14 -1.73
C VAL A 297 -16.85 22.49 -2.27
N THR A 298 -16.50 22.81 -3.49
CA THR A 298 -16.89 24.06 -4.10
C THR A 298 -17.96 23.72 -5.14
N GLU A 299 -19.07 24.49 -5.17
CA GLU A 299 -20.14 24.28 -6.15
C GLU A 299 -20.28 25.53 -6.97
N LEU A 300 -20.04 25.48 -8.25
CA LEU A 300 -20.17 26.64 -9.09
C LEU A 300 -21.41 26.43 -9.94
N GLU A 301 -22.55 26.85 -9.35
CA GLU A 301 -23.85 26.73 -9.97
C GLU A 301 -24.00 27.37 -11.34
N ASP A 302 -23.46 28.56 -11.59
CA ASP A 302 -23.65 29.19 -12.89
C ASP A 302 -23.12 28.39 -14.08
N ILE A 303 -22.08 27.56 -13.89
CA ILE A 303 -21.61 26.75 -15.02
C ILE A 303 -21.94 25.26 -14.84
N ALA A 304 -22.62 25.04 -13.69
CA ALA A 304 -23.01 23.77 -13.10
C ALA A 304 -21.86 22.77 -13.11
N ALA A 305 -20.99 23.06 -12.13
CA ALA A 305 -19.76 22.30 -11.95
C ALA A 305 -19.40 22.27 -10.48
N SER A 306 -18.84 21.22 -9.92
CA SER A 306 -18.35 21.24 -8.55
C SER A 306 -17.10 20.37 -8.46
N TYR A 307 -16.40 20.49 -7.33
CA TYR A 307 -15.20 19.70 -7.04
C TYR A 307 -14.91 19.69 -5.54
N SER A 308 -14.14 18.69 -5.09
CA SER A 308 -13.59 18.74 -3.77
C SER A 308 -12.12 19.09 -3.99
N TYR A 309 -11.55 19.77 -3.01
CA TYR A 309 -10.13 20.09 -3.02
C TYR A 309 -9.64 20.04 -1.56
N ASP A 310 -8.51 19.33 -1.39
CA ASP A 310 -7.85 19.25 -0.09
C ASP A 310 -6.62 20.13 -0.22
N LYS A 311 -6.70 21.24 0.50
CA LYS A 311 -5.65 22.26 0.58
C LYS A 311 -4.31 21.69 1.06
N ASN A 312 -4.34 20.78 2.06
CA ASN A 312 -3.11 20.15 2.53
C ASN A 312 -2.59 19.18 1.50
N LYS A 313 -3.30 18.12 1.15
CA LYS A 313 -2.76 17.18 0.18
C LYS A 313 -2.73 17.71 -1.24
N ARG A 314 -3.16 18.95 -1.49
CA ARG A 314 -3.18 19.55 -2.81
C ARG A 314 -3.84 18.72 -3.92
N TYR A 315 -4.98 18.12 -3.58
CA TYR A 315 -5.69 17.18 -4.45
C TYR A 315 -7.11 17.68 -4.76
N LEU A 316 -7.41 17.69 -6.06
CA LEU A 316 -8.68 18.14 -6.63
C LEU A 316 -9.49 16.98 -7.23
N ILE A 317 -10.79 16.80 -6.91
CA ILE A 317 -11.59 15.75 -7.55
C ILE A 317 -12.82 16.43 -8.13
N SER A 318 -12.92 16.46 -9.45
CA SER A 318 -14.05 17.02 -10.15
C SER A 318 -15.18 15.98 -10.11
N TYR A 319 -16.32 16.33 -9.53
CA TYR A 319 -17.50 15.46 -9.50
C TYR A 319 -18.72 16.33 -9.19
N ASP A 320 -19.94 15.83 -9.44
CA ASP A 320 -21.17 16.57 -9.22
C ASP A 320 -21.68 16.32 -7.83
N THR A 321 -22.22 17.38 -7.26
CA THR A 321 -22.93 17.29 -5.99
C THR A 321 -24.44 17.34 -6.34
N VAL A 322 -25.34 17.15 -5.35
CA VAL A 322 -26.79 17.21 -5.60
C VAL A 322 -27.23 18.55 -6.14
N LYS A 323 -26.62 19.62 -5.63
CA LYS A 323 -26.94 20.96 -6.10
C LYS A 323 -26.61 21.03 -7.57
N ILE A 324 -25.50 20.43 -7.99
CA ILE A 324 -25.09 20.50 -9.37
C ILE A 324 -25.95 19.61 -10.23
N ALA A 325 -26.32 18.43 -9.73
CA ALA A 325 -27.18 17.49 -10.47
C ALA A 325 -28.53 18.15 -10.75
N GLY A 326 -28.98 18.91 -9.75
CA GLY A 326 -30.18 19.72 -9.84
C GLY A 326 -30.09 20.79 -10.92
N LYS A 327 -28.95 21.46 -11.04
CA LYS A 327 -28.74 22.44 -12.08
C LYS A 327 -28.71 21.73 -13.45
N LYS A 328 -28.27 20.48 -13.48
CA LYS A 328 -28.21 19.72 -14.71
C LYS A 328 -29.62 19.36 -15.07
N ALA A 329 -30.44 18.87 -14.14
CA ALA A 329 -31.85 18.55 -14.39
C ALA A 329 -32.53 19.77 -14.99
N GLU A 330 -32.27 20.93 -14.35
CA GLU A 330 -32.72 22.23 -14.79
C GLU A 330 -32.44 22.51 -16.25
N TYR A 331 -31.23 22.21 -16.70
CA TYR A 331 -30.84 22.44 -18.07
C TYR A 331 -31.62 21.49 -18.96
N ILE A 332 -31.80 20.21 -18.55
CA ILE A 332 -32.52 19.23 -19.33
C ILE A 332 -33.97 19.71 -19.58
N THR A 333 -34.70 20.07 -18.50
CA THR A 333 -36.07 20.57 -18.62
C THR A 333 -36.11 21.85 -19.43
N LYS A 334 -35.38 22.89 -18.96
CA LYS A 334 -35.31 24.18 -19.63
C LYS A 334 -35.10 24.09 -21.13
N ASN A 335 -34.23 23.19 -21.56
CA ASN A 335 -33.92 23.07 -22.97
C ASN A 335 -34.72 22.01 -23.70
N GLY A 336 -35.65 21.34 -23.00
CA GLY A 336 -36.50 20.32 -23.60
C GLY A 336 -35.72 19.19 -24.27
N MET A 337 -34.77 18.69 -23.48
CA MET A 337 -33.90 17.59 -23.87
C MET A 337 -34.56 16.23 -23.53
N GLY A 338 -34.02 15.13 -24.03
CA GLY A 338 -34.58 13.81 -23.78
C GLY A 338 -34.47 13.23 -22.37
N GLY A 339 -33.74 13.83 -21.44
CA GLY A 339 -33.64 13.26 -20.11
C GLY A 339 -32.17 13.11 -19.71
N GLY A 340 -31.94 12.31 -18.69
CA GLY A 340 -30.64 12.16 -18.12
C GLY A 340 -30.15 10.74 -18.27
N MET A 341 -28.83 10.61 -18.43
CA MET A 341 -28.18 9.33 -18.56
C MET A 341 -27.06 9.28 -17.53
N TRP A 342 -26.80 8.15 -16.89
CA TRP A 342 -25.71 8.03 -15.92
C TRP A 342 -24.79 6.83 -16.14
N TRP A 343 -23.47 7.11 -16.07
CA TRP A 343 -22.39 6.10 -16.10
C TRP A 343 -21.68 6.26 -14.74
N GLU A 344 -21.77 5.27 -13.87
CA GLU A 344 -22.51 4.03 -14.12
C GLU A 344 -23.16 3.59 -12.83
N SER A 345 -24.22 2.78 -12.83
CA SER A 345 -25.03 2.49 -11.64
C SER A 345 -24.45 2.15 -10.27
N SER A 346 -23.20 1.75 -10.06
CA SER A 346 -22.78 1.38 -8.72
C SER A 346 -22.17 2.48 -7.89
N SER A 347 -21.75 3.56 -8.52
CA SER A 347 -21.02 4.57 -7.84
C SER A 347 -21.87 5.66 -7.21
N ASP A 348 -23.20 5.54 -7.38
CA ASP A 348 -24.12 6.53 -6.86
C ASP A 348 -24.50 6.25 -5.44
N LYS A 349 -24.83 7.33 -4.73
CA LYS A 349 -25.34 7.22 -3.37
C LYS A 349 -26.86 6.95 -3.40
N THR A 350 -27.43 6.76 -2.22
CA THR A 350 -28.83 6.51 -2.13
C THR A 350 -29.53 7.63 -1.37
N GLY A 351 -30.83 7.51 -1.25
CA GLY A 351 -31.63 8.43 -0.45
C GLY A 351 -31.57 9.86 -0.95
N ASN A 352 -31.54 10.76 0.02
CA ASN A 352 -31.50 12.16 -0.31
C ASN A 352 -30.22 12.56 -1.01
N GLU A 353 -29.18 11.72 -0.93
CA GLU A 353 -27.94 12.00 -1.62
C GLU A 353 -27.81 11.32 -2.97
N SER A 354 -28.86 10.67 -3.50
CA SER A 354 -28.75 10.08 -4.82
C SER A 354 -28.72 11.17 -5.87
N LEU A 355 -27.64 11.26 -6.65
CA LEU A 355 -27.61 12.21 -7.76
C LEU A 355 -28.72 11.97 -8.77
N VAL A 356 -29.00 10.69 -9.02
CA VAL A 356 -30.03 10.29 -9.96
C VAL A 356 -31.39 10.69 -9.36
N GLY A 357 -31.62 10.38 -8.08
CA GLY A 357 -32.81 10.80 -7.37
C GLY A 357 -33.10 12.29 -7.58
N THR A 358 -32.02 13.04 -7.33
CA THR A 358 -32.03 14.48 -7.51
C THR A 358 -32.46 14.91 -8.93
N VAL A 359 -31.94 14.26 -9.96
CA VAL A 359 -32.31 14.63 -11.31
C VAL A 359 -33.73 14.23 -11.63
N VAL A 360 -34.23 13.08 -11.15
CA VAL A 360 -35.57 12.63 -11.52
C VAL A 360 -36.60 13.60 -10.90
N ASN A 361 -36.41 13.96 -9.64
CA ASN A 361 -37.19 14.99 -8.97
C ASN A 361 -37.13 16.35 -9.66
N GLY A 362 -36.00 16.88 -10.12
CA GLY A 362 -35.96 18.13 -10.86
C GLY A 362 -36.57 17.95 -12.24
N LEU A 363 -36.77 16.71 -12.67
CA LEU A 363 -37.46 16.44 -13.92
C LEU A 363 -38.99 16.45 -13.70
N GLY A 364 -39.40 16.52 -12.43
CA GLY A 364 -40.78 16.56 -12.04
C GLY A 364 -41.23 15.26 -11.41
N GLY A 365 -40.23 14.43 -11.05
CA GLY A 365 -40.43 13.14 -10.46
C GLY A 365 -40.70 12.10 -11.53
N THR A 366 -40.99 10.88 -11.09
CA THR A 366 -41.16 9.76 -12.02
C THR A 366 -42.33 9.94 -12.94
N GLY A 367 -43.35 10.70 -12.46
CA GLY A 367 -44.53 11.00 -13.24
C GLY A 367 -44.21 11.71 -14.55
N LYS A 368 -43.07 12.36 -14.61
CA LYS A 368 -42.68 13.02 -15.83
C LYS A 368 -41.74 12.15 -16.66
N LEU A 369 -41.48 10.91 -16.27
CA LEU A 369 -40.62 10.05 -17.07
C LEU A 369 -41.43 9.43 -18.18
N GLU A 370 -40.78 9.15 -19.31
CA GLU A 370 -41.34 8.59 -20.51
C GLU A 370 -41.94 7.23 -20.19
N GLN A 371 -43.22 7.09 -20.50
CA GLN A 371 -43.96 5.86 -20.23
C GLN A 371 -43.93 5.07 -21.53
N ARG A 372 -43.08 4.05 -21.62
CA ARG A 372 -43.02 3.19 -22.76
C ARG A 372 -42.93 1.79 -22.18
N GLU A 373 -43.91 0.95 -22.41
CA GLU A 373 -43.87 -0.32 -21.75
C GLU A 373 -42.90 -1.22 -22.51
N ASN A 374 -42.17 -1.99 -21.72
CA ASN A 374 -41.13 -2.89 -22.22
C ASN A 374 -41.68 -4.16 -22.83
N GLU A 375 -40.79 -5.02 -23.29
CA GLU A 375 -41.18 -6.21 -23.98
C GLU A 375 -40.87 -7.37 -23.07
N LEU A 376 -41.90 -8.14 -22.71
CA LEU A 376 -41.65 -9.37 -21.99
C LEU A 376 -41.70 -10.61 -22.85
N SER A 377 -42.20 -10.53 -24.08
CA SER A 377 -42.39 -11.72 -24.86
C SER A 377 -41.25 -11.89 -25.83
N TYR A 378 -40.47 -12.96 -25.64
CA TYR A 378 -39.39 -13.31 -26.57
C TYR A 378 -39.63 -14.72 -27.12
N PRO A 379 -40.51 -14.80 -28.14
CA PRO A 379 -41.00 -16.06 -28.69
C PRO A 379 -39.88 -16.88 -29.33
N GLU A 380 -38.88 -16.22 -29.92
CA GLU A 380 -37.83 -16.92 -30.60
C GLU A 380 -36.61 -17.23 -29.73
N SER A 381 -36.69 -17.06 -28.40
CA SER A 381 -35.53 -17.22 -27.57
C SER A 381 -35.15 -18.68 -27.57
N VAL A 382 -33.83 -18.78 -27.60
CA VAL A 382 -33.14 -20.04 -27.54
C VAL A 382 -33.06 -20.58 -26.09
N TYR A 383 -33.54 -19.81 -25.12
CA TYR A 383 -33.52 -20.20 -23.73
C TYR A 383 -34.96 -20.39 -23.28
N ASP A 384 -35.23 -21.50 -22.59
CA ASP A 384 -36.59 -21.90 -22.32
C ASP A 384 -37.18 -21.09 -21.22
N ASN A 385 -36.51 -20.98 -20.09
CA ASN A 385 -36.98 -20.11 -19.02
C ASN A 385 -37.25 -18.69 -19.54
N LEU A 386 -36.38 -18.09 -20.38
CA LEU A 386 -36.64 -16.73 -20.84
C LEU A 386 -37.83 -16.73 -21.79
N LYS A 387 -37.88 -17.68 -22.72
CA LYS A 387 -38.95 -17.82 -23.70
C LYS A 387 -40.31 -17.99 -23.00
N ASN A 388 -40.28 -18.60 -21.83
CA ASN A 388 -41.52 -18.80 -21.15
C ASN A 388 -41.75 -17.75 -20.11
N GLY A 389 -41.08 -16.61 -20.26
CA GLY A 389 -41.25 -15.42 -19.41
C GLY A 389 -40.89 -15.60 -17.95
N MET A 390 -39.92 -16.49 -17.76
CA MET A 390 -39.39 -16.93 -16.48
C MET A 390 -40.39 -17.15 -15.36
N PRO A 391 -41.03 -18.34 -15.33
CA PRO A 391 -41.75 -18.90 -14.18
C PRO A 391 -40.87 -19.12 -12.97
N SER A 392 -41.27 -19.94 -12.02
CA SER A 392 -40.27 -20.45 -11.09
C SER A 392 -40.17 -21.86 -11.71
N GLY B 1 27.51 -11.06 -30.43
CA GLY B 1 27.14 -10.81 -29.06
C GLY B 1 26.21 -11.96 -28.69
N GLY B 2 25.89 -12.21 -27.42
CA GLY B 2 25.03 -13.32 -27.05
C GLY B 2 23.55 -12.91 -27.10
N PHE B 3 22.71 -13.73 -26.50
CA PHE B 3 21.28 -13.54 -26.57
C PHE B 3 20.83 -12.53 -25.54
N ARG B 4 19.68 -11.91 -25.84
CA ARG B 4 19.03 -10.95 -24.98
C ARG B 4 17.95 -11.70 -24.22
N SER B 5 17.66 -11.22 -23.03
CA SER B 5 16.72 -11.83 -22.13
C SER B 5 15.96 -10.61 -21.59
N VAL B 6 14.83 -10.32 -22.25
CA VAL B 6 14.06 -9.12 -21.99
C VAL B 6 12.79 -9.43 -21.22
N VAL B 7 12.49 -8.77 -20.11
CA VAL B 7 11.21 -8.94 -19.47
C VAL B 7 10.59 -7.56 -19.29
N TYR B 8 9.26 -7.53 -19.23
CA TYR B 8 8.53 -6.32 -18.95
C TYR B 8 8.11 -6.35 -17.49
N PHE B 9 8.27 -5.22 -16.81
CA PHE B 9 7.81 -5.01 -15.45
C PHE B 9 6.75 -3.95 -15.69
N VAL B 10 5.60 -4.29 -15.17
CA VAL B 10 4.39 -3.54 -15.44
C VAL B 10 4.00 -2.82 -14.16
N ASN B 11 4.03 -1.50 -14.30
CA ASN B 11 3.58 -0.46 -13.37
C ASN B 11 2.64 -0.89 -12.23
N TRP B 12 1.55 -1.48 -12.72
CA TRP B 12 0.44 -1.95 -11.91
C TRP B 12 0.61 -3.28 -11.18
N ALA B 13 1.70 -4.01 -11.35
CA ALA B 13 1.91 -5.27 -10.65
C ALA B 13 2.14 -5.07 -9.14
N ILE B 14 2.54 -3.85 -8.75
CA ILE B 14 2.76 -3.54 -7.34
C ILE B 14 1.44 -3.49 -6.57
N TYR B 15 0.29 -3.53 -7.27
CA TYR B 15 -0.98 -3.52 -6.59
C TYR B 15 -1.43 -4.96 -6.36
N GLY B 16 -2.50 -5.42 -7.01
CA GLY B 16 -3.08 -6.74 -6.76
C GLY B 16 -2.15 -7.94 -6.93
N ARG B 17 -1.18 -7.86 -7.85
CA ARG B 17 -0.27 -8.95 -8.10
C ARG B 17 0.78 -9.07 -7.00
N GLY B 18 1.06 -7.97 -6.27
CA GLY B 18 2.06 -7.96 -5.23
C GLY B 18 3.50 -8.10 -5.76
N HIS B 19 3.75 -7.77 -7.02
CA HIS B 19 5.08 -7.97 -7.56
C HIS B 19 5.77 -6.62 -7.55
N ASN B 20 6.92 -6.54 -6.89
CA ASN B 20 7.72 -5.32 -6.90
C ASN B 20 9.04 -5.58 -7.64
N PRO B 21 9.78 -4.54 -8.09
CA PRO B 21 11.07 -4.69 -8.81
C PRO B 21 12.15 -5.48 -8.06
N GLN B 22 12.10 -5.38 -6.74
CA GLN B 22 12.98 -6.05 -5.82
C GLN B 22 12.94 -7.55 -6.06
N ASP B 23 11.78 -8.11 -6.43
CA ASP B 23 11.65 -9.54 -6.56
C ASP B 23 11.69 -9.98 -8.01
N LEU B 24 12.67 -9.45 -8.73
CA LEU B 24 12.96 -9.82 -10.11
C LEU B 24 14.28 -10.62 -9.96
N LYS B 25 14.39 -11.82 -10.55
CA LYS B 25 15.62 -12.59 -10.51
C LYS B 25 16.45 -11.89 -11.61
N ALA B 26 17.02 -10.73 -11.26
CA ALA B 26 17.77 -9.89 -12.17
C ALA B 26 18.97 -10.53 -12.87
N ASP B 27 19.54 -11.58 -12.28
CA ASP B 27 20.67 -12.23 -12.91
C ASP B 27 20.28 -13.11 -14.10
N GLN B 28 18.97 -13.30 -14.23
CA GLN B 28 18.36 -14.04 -15.30
C GLN B 28 18.12 -13.14 -16.50
N PHE B 29 18.20 -11.81 -16.42
CA PHE B 29 17.84 -10.94 -17.53
C PHE B 29 18.96 -10.00 -17.94
N THR B 30 18.76 -9.38 -19.10
CA THR B 30 19.67 -8.35 -19.55
C THR B 30 18.90 -7.03 -19.69
N HIS B 31 17.57 -7.07 -19.81
CA HIS B 31 16.79 -5.88 -20.07
C HIS B 31 15.47 -5.95 -19.34
N ILE B 32 15.22 -5.01 -18.42
CA ILE B 32 13.91 -4.91 -17.81
C ILE B 32 13.29 -3.71 -18.54
N LEU B 33 12.07 -3.85 -19.04
CA LEU B 33 11.41 -2.77 -19.73
C LEU B 33 10.22 -2.46 -18.85
N TYR B 34 10.10 -1.21 -18.42
CA TYR B 34 9.04 -0.77 -17.52
C TYR B 34 7.89 -0.17 -18.33
N ALA B 35 6.73 -0.81 -18.19
CA ALA B 35 5.55 -0.47 -18.94
C ALA B 35 4.45 -0.06 -17.94
N PHE B 36 3.65 0.96 -18.25
CA PHE B 36 3.74 1.72 -19.50
C PHE B 36 3.76 3.20 -19.19
N ALA B 37 4.20 3.95 -20.19
CA ALA B 37 4.22 5.39 -20.12
C ALA B 37 3.17 5.81 -21.12
N ASN B 38 2.50 6.90 -20.81
CA ASN B 38 1.48 7.39 -21.70
C ASN B 38 1.98 8.63 -22.47
N ILE B 39 1.22 9.09 -23.48
CA ILE B 39 1.58 10.18 -24.37
C ILE B 39 0.38 11.13 -24.33
N ARG B 40 0.62 12.43 -24.47
CA ARG B 40 -0.41 13.49 -24.49
C ARG B 40 -0.52 13.93 -25.96
N PRO B 41 -1.59 14.60 -26.45
CA PRO B 41 -1.74 15.04 -27.84
C PRO B 41 -0.56 15.80 -28.38
N SER B 42 0.09 16.51 -27.47
CA SER B 42 1.25 17.34 -27.74
C SER B 42 2.44 16.57 -28.27
N GLY B 43 2.48 15.30 -27.88
CA GLY B 43 3.60 14.43 -28.11
C GLY B 43 4.19 14.14 -26.75
N GLU B 44 3.73 14.78 -25.68
CA GLU B 44 4.39 14.64 -24.40
C GLU B 44 4.21 13.27 -23.75
N VAL B 45 5.34 12.67 -23.47
CA VAL B 45 5.39 11.37 -22.86
C VAL B 45 5.39 11.69 -21.38
N TYR B 46 4.62 10.93 -20.62
CA TYR B 46 4.47 11.13 -19.19
C TYR B 46 4.20 9.80 -18.50
N LEU B 47 4.50 9.81 -17.21
CA LEU B 47 4.37 8.62 -16.39
C LEU B 47 2.95 8.21 -15.99
N SER B 48 2.53 6.99 -16.30
CA SER B 48 1.21 6.48 -15.96
C SER B 48 0.78 6.41 -14.52
N ASP B 49 1.70 6.37 -13.58
CA ASP B 49 1.26 6.12 -12.23
C ASP B 49 2.35 6.64 -11.34
N THR B 50 2.42 7.93 -11.09
CA THR B 50 3.52 8.47 -10.29
C THR B 50 3.62 7.87 -8.89
N TRP B 51 2.53 7.30 -8.35
CA TRP B 51 2.61 6.55 -7.10
C TRP B 51 3.55 5.34 -7.27
N ALA B 52 3.17 4.38 -8.16
CA ALA B 52 4.00 3.24 -8.46
C ALA B 52 5.39 3.67 -8.92
N ASP B 53 5.41 4.53 -9.94
CA ASP B 53 6.63 5.01 -10.57
C ASP B 53 7.66 5.72 -9.73
N THR B 54 7.20 6.76 -9.06
CA THR B 54 8.16 7.66 -8.50
C THR B 54 8.00 8.00 -7.03
N ASP B 55 6.88 7.72 -6.41
CA ASP B 55 6.65 8.33 -5.11
C ASP B 55 6.60 7.44 -3.90
N LYS B 56 6.08 6.22 -4.14
CA LYS B 56 5.93 5.18 -3.14
C LYS B 56 7.27 4.97 -2.47
N HIS B 57 7.25 4.84 -1.15
CA HIS B 57 8.49 4.63 -0.46
C HIS B 57 8.54 3.17 -0.16
N TYR B 58 9.57 2.51 -0.64
CA TYR B 58 9.78 1.12 -0.29
C TYR B 58 10.59 1.06 1.02
N PRO B 59 10.70 -0.10 1.69
CA PRO B 59 11.75 -0.39 2.67
C PRO B 59 13.07 0.15 2.13
N GLY B 60 13.69 1.05 2.87
CA GLY B 60 14.97 1.58 2.41
C GLY B 60 14.83 3.04 2.10
N ASP B 61 13.59 3.58 2.00
CA ASP B 61 13.43 4.95 1.59
C ASP B 61 13.19 5.80 2.79
N LYS B 62 14.14 6.69 3.06
CA LYS B 62 13.93 7.71 4.09
C LYS B 62 12.75 8.57 3.62
N TRP B 63 11.79 8.81 4.52
CA TRP B 63 10.65 9.57 4.10
C TRP B 63 11.02 11.02 3.86
N ASP B 64 11.70 11.49 4.91
CA ASP B 64 12.26 12.82 5.06
C ASP B 64 13.38 13.14 4.09
N GLU B 65 14.69 13.04 4.42
CA GLU B 65 15.82 13.24 3.52
C GLU B 65 16.04 14.47 2.60
N PRO B 66 17.23 15.11 2.63
CA PRO B 66 17.56 16.26 1.79
C PRO B 66 17.48 15.96 0.32
N GLY B 67 17.24 16.97 -0.51
CA GLY B 67 17.30 16.82 -1.94
C GLY B 67 15.93 16.71 -2.59
N ASN B 68 15.82 16.90 -3.91
CA ASN B 68 14.63 16.54 -4.65
C ASN B 68 14.84 15.09 -5.14
N ASN B 69 14.11 14.13 -4.57
CA ASN B 69 14.44 12.72 -4.77
C ASN B 69 13.45 11.76 -5.46
N VAL B 70 13.86 10.70 -6.16
CA VAL B 70 12.93 9.72 -6.77
C VAL B 70 12.90 8.47 -5.91
N TYR B 71 11.69 7.93 -5.82
CA TYR B 71 11.51 6.68 -5.13
C TYR B 71 10.74 5.78 -6.10
N GLY B 72 9.70 5.06 -5.64
CA GLY B 72 8.88 4.21 -6.46
C GLY B 72 9.65 3.07 -7.11
N CYS B 73 9.08 2.54 -8.19
CA CYS B 73 9.72 1.46 -8.88
C CYS B 73 10.92 1.99 -9.65
N ILE B 74 10.97 3.29 -9.97
CA ILE B 74 12.15 3.85 -10.63
C ILE B 74 13.38 3.74 -9.71
N LYS B 75 13.31 4.13 -8.43
CA LYS B 75 14.49 3.95 -7.59
C LYS B 75 14.84 2.46 -7.48
N GLN B 76 13.82 1.60 -7.36
CA GLN B 76 14.02 0.16 -7.25
C GLN B 76 14.68 -0.45 -8.47
N MET B 77 14.32 0.01 -9.67
CA MET B 77 14.95 -0.49 -10.86
C MET B 77 16.39 0.00 -10.91
N TYR B 78 16.66 1.23 -10.44
CA TYR B 78 18.02 1.76 -10.46
C TYR B 78 18.90 0.95 -9.49
N LEU B 79 18.32 0.58 -8.35
CA LEU B 79 19.02 -0.23 -7.38
C LEU B 79 19.27 -1.62 -7.99
N LEU B 80 18.32 -2.13 -8.80
CA LEU B 80 18.49 -3.41 -9.46
C LEU B 80 19.65 -3.30 -10.42
N LYS B 81 19.74 -2.19 -11.13
CA LYS B 81 20.85 -1.89 -12.03
C LYS B 81 22.23 -1.71 -11.39
N LYS B 82 22.30 -1.04 -10.24
CA LYS B 82 23.54 -0.85 -9.52
C LYS B 82 24.03 -2.22 -9.14
N ASN B 83 23.15 -3.07 -8.66
CA ASN B 83 23.60 -4.40 -8.32
C ASN B 83 23.85 -5.27 -9.55
N ASN B 84 23.08 -5.22 -10.62
CA ASN B 84 23.32 -6.12 -11.72
C ASN B 84 23.70 -5.24 -12.86
N ARG B 85 25.02 -5.10 -13.04
CA ARG B 85 25.52 -4.19 -14.08
C ARG B 85 25.34 -4.63 -15.52
N ASN B 86 24.94 -5.88 -15.77
CA ASN B 86 24.55 -6.28 -17.11
C ASN B 86 23.04 -6.13 -17.29
N LEU B 87 22.33 -5.54 -16.33
CA LEU B 87 20.91 -5.35 -16.44
C LEU B 87 20.62 -3.92 -16.89
N LYS B 88 20.11 -3.76 -18.09
CA LYS B 88 19.66 -2.47 -18.57
C LYS B 88 18.17 -2.31 -18.30
N THR B 89 17.67 -1.10 -18.31
CA THR B 89 16.28 -0.81 -18.05
C THR B 89 15.83 0.11 -19.18
N LEU B 90 14.62 -0.05 -19.71
CA LEU B 90 14.10 0.87 -20.68
C LEU B 90 12.72 1.31 -20.24
N LEU B 91 12.32 2.57 -20.48
CA LEU B 91 10.95 3.05 -20.21
C LEU B 91 10.18 2.59 -21.46
N SER B 92 9.00 2.01 -21.28
CA SER B 92 8.21 1.52 -22.38
C SER B 92 6.95 2.39 -22.42
N ILE B 93 6.69 2.91 -23.60
CA ILE B 93 5.66 3.91 -23.87
C ILE B 93 4.65 3.32 -24.86
N GLY B 94 3.38 3.34 -24.45
CA GLY B 94 2.30 2.90 -25.29
C GLY B 94 1.54 1.79 -24.62
N GLY B 95 1.35 0.68 -25.33
CA GLY B 95 0.57 -0.41 -24.78
C GLY B 95 -0.73 -0.42 -25.53
N TRP B 96 -1.46 -1.58 -25.46
CA TRP B 96 -2.70 -1.73 -26.22
C TRP B 96 -3.68 -0.58 -25.87
N THR B 97 -3.82 -0.41 -24.56
CA THR B 97 -4.58 0.64 -23.93
C THR B 97 -4.21 2.09 -24.26
N TYR B 98 -2.94 2.47 -24.50
CA TYR B 98 -2.63 3.87 -24.80
C TYR B 98 -2.32 4.11 -26.27
N SER B 99 -2.23 3.07 -27.09
CA SER B 99 -1.96 3.24 -28.52
C SER B 99 -2.99 3.99 -29.38
N PRO B 100 -4.29 4.16 -29.06
CA PRO B 100 -5.15 5.20 -29.61
C PRO B 100 -4.49 6.58 -29.64
N ASN B 101 -3.70 6.90 -28.61
CA ASN B 101 -3.03 8.16 -28.67
C ASN B 101 -1.53 8.15 -29.01
N PHE B 102 -1.22 7.55 -30.16
CA PHE B 102 0.07 7.72 -30.77
C PHE B 102 -0.07 8.51 -32.08
N LYS B 103 -1.05 8.21 -32.94
CA LYS B 103 -1.21 8.85 -34.26
C LYS B 103 -1.22 10.37 -34.40
N THR B 104 -1.87 11.08 -33.51
CA THR B 104 -1.92 12.53 -33.58
C THR B 104 -0.57 13.20 -33.35
N PRO B 105 0.25 13.03 -32.29
CA PRO B 105 1.59 13.57 -32.20
C PRO B 105 2.52 13.08 -33.28
N ALA B 106 2.43 11.80 -33.64
CA ALA B 106 3.28 11.23 -34.66
C ALA B 106 3.10 11.82 -36.06
N SER B 107 1.94 12.42 -36.34
CA SER B 107 1.77 13.04 -37.64
C SER B 107 2.50 14.35 -37.78
N THR B 108 2.90 15.03 -36.70
CA THR B 108 3.55 16.29 -36.95
C THR B 108 4.96 16.26 -36.39
N GLU B 109 5.74 17.15 -36.98
CA GLU B 109 7.10 17.33 -36.58
C GLU B 109 7.14 17.80 -35.12
N GLU B 110 6.21 18.67 -34.75
CA GLU B 110 6.20 19.23 -33.40
C GLU B 110 5.96 18.10 -32.42
N GLY B 111 4.99 17.27 -32.76
CA GLY B 111 4.56 16.14 -31.97
C GLY B 111 5.67 15.15 -31.78
N ARG B 112 6.37 14.79 -32.85
CA ARG B 112 7.47 13.84 -32.73
C ARG B 112 8.66 14.42 -31.99
N LYS B 113 9.02 15.67 -32.28
CA LYS B 113 10.04 16.40 -31.55
C LYS B 113 9.72 16.41 -30.05
N LYS B 114 8.46 16.71 -29.73
CA LYS B 114 8.00 16.76 -28.36
C LYS B 114 8.07 15.38 -27.74
N PHE B 115 7.73 14.32 -28.48
CA PHE B 115 7.80 12.94 -28.00
C PHE B 115 9.26 12.62 -27.64
N ALA B 116 10.15 12.86 -28.62
CA ALA B 116 11.58 12.60 -28.50
C ALA B 116 12.17 13.31 -27.28
N ASP B 117 11.87 14.61 -27.13
CA ASP B 117 12.39 15.35 -26.03
C ASP B 117 11.88 14.92 -24.66
N THR B 118 10.59 14.66 -24.53
CA THR B 118 10.04 14.28 -23.24
C THR B 118 10.52 12.89 -22.84
N SER B 119 10.57 11.99 -23.81
CA SER B 119 11.11 10.66 -23.61
C SER B 119 12.58 10.73 -23.16
N LEU B 120 13.42 11.56 -23.79
CA LEU B 120 14.80 11.65 -23.36
C LEU B 120 14.88 12.21 -21.95
N LYS B 121 14.09 13.25 -21.68
CA LYS B 121 14.03 13.91 -20.38
C LYS B 121 13.78 12.88 -19.29
N LEU B 122 12.74 12.08 -19.52
CA LEU B 122 12.33 11.00 -18.65
C LEU B 122 13.42 9.97 -18.51
N MET B 123 14.00 9.50 -19.58
CA MET B 123 15.09 8.52 -19.52
C MET B 123 16.27 9.00 -18.65
N LYS B 124 16.82 10.17 -19.01
CA LYS B 124 17.93 10.75 -18.31
C LYS B 124 17.55 11.24 -16.91
N ASP B 125 16.31 11.53 -16.55
CA ASP B 125 15.99 11.83 -15.18
C ASP B 125 15.81 10.62 -14.28
N LEU B 126 15.17 9.60 -14.82
CA LEU B 126 14.80 8.45 -14.03
C LEU B 126 15.79 7.30 -14.06
N GLY B 127 16.89 7.39 -14.83
CA GLY B 127 17.93 6.40 -14.82
C GLY B 127 17.70 5.22 -15.74
N PHE B 128 17.19 5.50 -16.92
CA PHE B 128 16.89 4.46 -17.88
C PHE B 128 17.97 4.30 -18.91
N ASP B 129 18.18 3.09 -19.39
CA ASP B 129 19.15 2.85 -20.42
C ASP B 129 18.61 3.11 -21.82
N GLY B 130 17.31 3.32 -21.97
CA GLY B 130 16.74 3.67 -23.24
C GLY B 130 15.22 3.71 -23.17
N ILE B 131 14.59 3.83 -24.34
CA ILE B 131 13.15 3.82 -24.40
C ILE B 131 12.71 2.84 -25.50
N ASP B 132 11.51 2.32 -25.21
CA ASP B 132 10.79 1.32 -25.98
C ASP B 132 9.38 1.82 -26.30
N ILE B 133 9.03 1.93 -27.56
CA ILE B 133 7.70 2.30 -27.98
C ILE B 133 6.92 1.01 -28.26
N ASP B 134 5.63 1.05 -27.91
CA ASP B 134 4.69 -0.02 -28.17
C ASP B 134 3.40 0.57 -28.76
N TRP B 135 3.45 0.87 -30.06
CA TRP B 135 2.31 1.40 -30.81
C TRP B 135 1.63 0.25 -31.54
N GLU B 136 0.48 -0.06 -31.03
CA GLU B 136 -0.34 -1.14 -31.55
C GLU B 136 -1.66 -0.62 -32.15
N TYR B 137 -1.72 -0.37 -33.44
CA TYR B 137 -0.61 -0.57 -34.37
C TYR B 137 -0.65 0.57 -35.39
N PRO B 138 0.37 1.15 -36.06
CA PRO B 138 0.17 2.12 -37.14
C PRO B 138 -0.86 1.55 -38.10
N GLU B 139 -2.09 2.09 -38.11
CA GLU B 139 -3.15 1.51 -38.90
C GLU B 139 -3.18 1.84 -40.38
N ASP B 140 -2.37 2.78 -40.87
CA ASP B 140 -2.38 3.10 -42.28
C ASP B 140 -0.98 3.41 -42.72
N GLU B 141 -0.84 3.70 -44.03
CA GLU B 141 0.45 4.00 -44.66
C GLU B 141 1.18 5.20 -44.08
N LYS B 142 0.38 6.23 -43.82
CA LYS B 142 0.85 7.46 -43.23
C LYS B 142 1.41 7.24 -41.82
N GLN B 143 0.66 6.49 -41.03
CA GLN B 143 1.03 6.23 -39.64
C GLN B 143 2.32 5.43 -39.61
N ALA B 144 2.52 4.58 -40.61
CA ALA B 144 3.71 3.78 -40.75
C ALA B 144 4.93 4.67 -41.04
N ASN B 145 4.83 5.59 -42.00
CA ASN B 145 5.90 6.52 -42.27
C ASN B 145 6.18 7.36 -41.03
N ASP B 146 5.11 7.70 -40.35
CA ASP B 146 5.17 8.51 -39.13
C ASP B 146 5.93 7.75 -38.10
N PHE B 147 5.77 6.42 -38.07
CA PHE B 147 6.45 5.60 -37.09
C PHE B 147 7.94 5.59 -37.41
N VAL B 148 8.34 5.56 -38.68
CA VAL B 148 9.76 5.62 -39.02
C VAL B 148 10.31 6.96 -38.54
N LEU B 149 9.64 8.06 -38.87
CA LEU B 149 10.10 9.37 -38.49
C LEU B 149 10.14 9.56 -36.98
N LEU B 150 9.20 9.00 -36.25
CA LEU B 150 9.17 9.10 -34.82
C LEU B 150 10.38 8.42 -34.22
N LEU B 151 10.67 7.24 -34.79
CA LEU B 151 11.80 6.41 -34.39
C LEU B 151 13.07 7.23 -34.58
N LYS B 152 13.19 7.82 -35.76
CA LYS B 152 14.26 8.71 -36.10
C LYS B 152 14.42 9.87 -35.12
N ALA B 153 13.32 10.47 -34.70
CA ALA B 153 13.29 11.53 -33.72
C ALA B 153 13.96 11.02 -32.42
N CYS B 154 13.51 9.88 -31.96
CA CYS B 154 14.01 9.32 -30.72
C CYS B 154 15.47 8.90 -30.83
N ARG B 155 15.91 8.36 -31.97
CA ARG B 155 17.28 7.91 -32.17
C ARG B 155 18.16 9.14 -32.14
N GLU B 156 17.77 10.18 -32.87
CA GLU B 156 18.48 11.44 -32.84
C GLU B 156 18.52 12.08 -31.46
N ALA B 157 17.42 12.03 -30.73
CA ALA B 157 17.38 12.53 -29.37
C ALA B 157 18.39 11.87 -28.43
N LEU B 158 18.36 10.56 -28.33
CA LEU B 158 19.21 9.81 -27.45
C LEU B 158 20.68 9.95 -27.80
N ASP B 159 20.98 9.93 -29.09
CA ASP B 159 22.33 10.13 -29.58
C ASP B 159 22.90 11.50 -29.22
N ALA B 160 22.10 12.57 -29.34
CA ALA B 160 22.52 13.90 -28.96
C ALA B 160 22.96 13.94 -27.50
N TYR B 161 22.25 13.22 -26.64
CA TYR B 161 22.56 13.16 -25.23
C TYR B 161 23.87 12.42 -24.96
N SER B 162 24.10 11.34 -25.70
CA SER B 162 25.34 10.61 -25.61
C SER B 162 26.48 11.46 -26.13
N ALA B 163 26.24 12.27 -27.17
CA ALA B 163 27.27 13.16 -27.69
C ALA B 163 27.68 14.13 -26.57
N LYS B 164 26.71 14.63 -25.83
CA LYS B 164 26.93 15.46 -24.68
C LYS B 164 27.61 14.71 -23.55
N HIS B 165 27.87 13.41 -23.61
CA HIS B 165 28.49 12.71 -22.51
C HIS B 165 29.32 11.57 -23.03
N PRO B 166 30.44 11.86 -23.75
CA PRO B 166 31.15 10.85 -24.52
C PRO B 166 31.79 9.77 -23.65
N ASN B 167 32.14 10.09 -22.41
CA ASN B 167 32.68 9.09 -21.51
C ASN B 167 31.59 8.24 -20.88
N GLY B 168 30.34 8.42 -21.27
CA GLY B 168 29.25 7.67 -20.70
C GLY B 168 28.82 6.65 -21.72
N LYS B 169 27.57 6.19 -21.67
CA LYS B 169 27.17 5.15 -22.61
C LYS B 169 26.27 5.61 -23.76
N LYS B 170 26.17 4.74 -24.76
CA LYS B 170 25.21 4.92 -25.84
C LYS B 170 23.87 4.41 -25.26
N PHE B 171 22.73 4.89 -25.77
CA PHE B 171 21.41 4.50 -25.25
C PHE B 171 20.51 3.68 -26.18
N LEU B 172 19.62 2.86 -25.61
CA LEU B 172 18.79 1.95 -26.41
C LEU B 172 17.44 2.48 -26.88
N LEU B 173 16.96 1.94 -28.00
CA LEU B 173 15.70 2.33 -28.61
C LEU B 173 15.15 1.04 -29.21
N THR B 174 14.03 0.56 -28.67
CA THR B 174 13.41 -0.66 -29.16
C THR B 174 11.93 -0.41 -29.41
N ILE B 175 11.24 -1.41 -29.96
CA ILE B 175 9.78 -1.43 -30.12
C ILE B 175 9.31 -2.85 -29.86
N ALA B 176 8.06 -2.89 -29.39
CA ALA B 176 7.31 -4.14 -29.24
C ALA B 176 6.61 -4.28 -30.61
N SER B 177 6.73 -5.38 -31.33
CA SER B 177 6.18 -5.38 -32.67
C SER B 177 5.11 -6.45 -32.97
N PRO B 178 4.32 -6.34 -34.04
CA PRO B 178 3.35 -7.34 -34.47
C PRO B 178 3.77 -8.65 -35.12
N ALA B 179 3.34 -9.77 -34.56
CA ALA B 179 3.55 -11.06 -35.23
C ALA B 179 2.41 -11.36 -36.22
N GLY B 180 1.29 -10.63 -36.19
CA GLY B 180 0.24 -10.86 -37.16
C GLY B 180 0.56 -10.21 -38.50
N PRO B 181 0.50 -10.91 -39.63
CA PRO B 181 0.78 -10.36 -40.96
C PRO B 181 0.00 -9.11 -41.31
N GLN B 182 -1.32 -9.06 -40.98
CA GLN B 182 -2.15 -7.89 -41.29
C GLN B 182 -1.70 -6.61 -40.62
N ASN B 183 -0.85 -6.72 -39.58
CA ASN B 183 -0.24 -5.54 -39.01
C ASN B 183 1.17 -5.32 -39.51
N TYR B 184 2.10 -6.28 -39.41
CA TYR B 184 3.46 -5.97 -39.83
C TYR B 184 3.61 -5.67 -41.31
N ASN B 185 2.67 -6.10 -42.16
CA ASN B 185 2.78 -5.80 -43.58
C ASN B 185 2.50 -4.35 -43.94
N LYS B 186 2.03 -3.60 -42.95
CA LYS B 186 1.83 -2.18 -43.14
C LYS B 186 3.11 -1.47 -42.77
N LEU B 187 3.91 -2.10 -41.91
CA LEU B 187 5.08 -1.45 -41.38
C LEU B 187 6.26 -1.40 -42.33
N LYS B 188 6.97 -0.27 -42.31
CA LYS B 188 8.21 -0.13 -43.04
C LYS B 188 9.35 -0.61 -42.17
N LEU B 189 9.32 -1.92 -41.98
CA LEU B 189 10.23 -2.65 -41.14
C LEU B 189 11.73 -2.38 -41.33
N ALA B 190 12.25 -2.42 -42.57
CA ALA B 190 13.66 -2.24 -42.82
C ALA B 190 14.16 -0.80 -42.63
N GLU B 191 13.29 0.19 -42.85
CA GLU B 191 13.68 1.57 -42.65
C GLU B 191 13.66 1.77 -41.14
N MET B 192 12.66 1.21 -40.47
CA MET B 192 12.53 1.29 -39.02
C MET B 192 13.73 0.69 -38.33
N ASP B 193 14.20 -0.46 -38.83
CA ASP B 193 15.32 -1.20 -38.28
C ASP B 193 16.56 -0.36 -38.13
N LYS B 194 16.81 0.54 -39.06
CA LYS B 194 17.95 1.43 -39.00
C LYS B 194 18.13 2.12 -37.63
N TYR B 195 17.03 2.40 -36.94
CA TYR B 195 17.05 3.15 -35.69
C TYR B 195 17.11 2.29 -34.45
N LEU B 196 16.80 1.02 -34.61
CA LEU B 196 16.55 0.22 -33.45
C LEU B 196 17.68 -0.62 -32.96
N ASP B 197 17.75 -0.76 -31.67
CA ASP B 197 18.69 -1.67 -31.07
C ASP B 197 18.26 -3.11 -31.30
N PHE B 198 16.97 -3.40 -31.10
CA PHE B 198 16.38 -4.70 -31.38
C PHE B 198 14.87 -4.55 -31.39
N TRP B 199 14.20 -5.65 -31.74
CA TRP B 199 12.77 -5.74 -31.91
C TRP B 199 12.28 -6.78 -30.92
N ASN B 200 11.21 -6.49 -30.19
CA ASN B 200 10.59 -7.46 -29.28
C ASN B 200 9.27 -7.85 -29.94
N LEU B 201 9.38 -8.95 -30.68
CA LEU B 201 8.29 -9.49 -31.43
C LEU B 201 7.28 -10.11 -30.48
N MET B 202 6.04 -9.59 -30.46
CA MET B 202 4.97 -10.11 -29.60
C MET B 202 4.39 -11.32 -30.32
N ALA B 203 5.07 -12.43 -30.18
CA ALA B 203 4.70 -13.67 -30.81
C ALA B 203 3.72 -14.46 -29.91
N TYR B 204 2.56 -13.84 -29.68
CA TYR B 204 1.54 -14.33 -28.79
C TYR B 204 0.27 -13.55 -29.06
N ASP B 205 -0.80 -13.90 -28.33
CA ASP B 205 -2.16 -13.39 -28.54
C ASP B 205 -2.70 -13.69 -29.94
N PHE B 206 -2.31 -14.88 -30.39
CA PHE B 206 -2.70 -15.43 -31.67
C PHE B 206 -4.11 -15.99 -31.60
N SER B 207 -4.51 -16.44 -30.43
CA SER B 207 -5.87 -16.86 -30.25
C SER B 207 -6.42 -16.29 -28.94
N GLY B 208 -7.71 -16.05 -28.82
CA GLY B 208 -8.34 -15.57 -27.60
C GLY B 208 -9.79 -15.27 -27.87
N SER B 209 -10.46 -14.55 -26.93
CA SER B 209 -11.91 -14.29 -26.93
C SER B 209 -12.61 -13.89 -28.22
N TRP B 210 -11.81 -13.20 -29.00
CA TRP B 210 -12.19 -12.72 -30.30
C TRP B 210 -12.40 -13.80 -31.35
N ASP B 211 -11.99 -15.03 -31.15
CA ASP B 211 -12.05 -16.03 -32.21
C ASP B 211 -13.26 -16.94 -32.11
N LYS B 212 -13.49 -17.81 -33.11
CA LYS B 212 -14.59 -18.75 -32.95
C LYS B 212 -14.20 -20.18 -32.60
N VAL B 213 -12.94 -20.52 -32.83
CA VAL B 213 -12.42 -21.84 -32.51
C VAL B 213 -11.24 -21.63 -31.56
N SER B 214 -11.03 -22.53 -30.61
CA SER B 214 -9.93 -22.42 -29.67
C SER B 214 -8.66 -22.69 -30.47
N GLY B 215 -7.65 -21.86 -30.29
CA GLY B 215 -6.43 -22.02 -31.05
C GLY B 215 -5.26 -21.95 -30.09
N HIS B 216 -4.13 -22.09 -30.73
CA HIS B 216 -2.88 -21.97 -30.03
C HIS B 216 -2.59 -20.47 -29.99
N MET B 217 -2.23 -19.89 -28.84
CA MET B 217 -2.09 -18.47 -28.79
C MET B 217 -0.69 -17.91 -28.99
N SER B 218 0.35 -18.71 -29.04
CA SER B 218 1.71 -18.28 -29.23
C SER B 218 2.54 -19.40 -29.87
N ASN B 219 1.94 -20.22 -30.75
CA ASN B 219 2.68 -21.35 -31.32
C ASN B 219 3.76 -20.89 -32.30
N VAL B 220 4.83 -21.70 -32.35
CA VAL B 220 5.95 -21.44 -33.23
C VAL B 220 5.60 -21.82 -34.65
N PHE B 221 5.08 -23.02 -34.91
CA PHE B 221 4.84 -23.47 -36.29
C PHE B 221 3.38 -23.76 -36.61
N PRO B 222 2.93 -23.57 -37.84
CA PRO B 222 1.60 -23.95 -38.29
C PRO B 222 1.33 -25.44 -38.20
N SER B 223 0.14 -25.79 -37.70
CA SER B 223 -0.31 -27.17 -37.68
C SER B 223 -0.80 -27.51 -39.09
N THR B 224 -0.15 -28.44 -39.79
CA THR B 224 -0.63 -28.83 -41.10
C THR B 224 -1.82 -29.77 -40.89
N THR B 225 -1.76 -30.54 -39.80
CA THR B 225 -2.80 -31.50 -39.57
C THR B 225 -4.07 -30.76 -39.23
N LYS B 226 -3.97 -29.72 -38.41
CA LYS B 226 -5.16 -29.09 -37.86
C LYS B 226 -5.04 -27.57 -38.04
N PRO B 227 -5.08 -27.06 -39.27
CA PRO B 227 -4.97 -25.63 -39.56
C PRO B 227 -5.78 -24.70 -38.66
N GLU B 228 -7.02 -25.10 -38.37
CA GLU B 228 -7.86 -24.31 -37.51
C GLU B 228 -7.31 -24.09 -36.09
N SER B 229 -6.42 -24.97 -35.62
CA SER B 229 -5.82 -24.77 -34.31
C SER B 229 -4.65 -23.74 -34.33
N THR B 230 -4.13 -23.36 -35.49
CA THR B 230 -3.02 -22.42 -35.52
C THR B 230 -3.26 -21.30 -36.54
N PRO B 231 -4.16 -20.33 -36.28
CA PRO B 231 -4.33 -19.14 -37.11
C PRO B 231 -3.07 -18.31 -37.36
N PHE B 232 -2.10 -18.29 -36.44
CA PHE B 232 -0.85 -17.57 -36.65
C PHE B 232 0.28 -18.51 -36.26
N SER B 233 1.53 -18.01 -36.28
CA SER B 233 2.70 -18.77 -35.88
C SER B 233 3.85 -17.80 -35.82
N SER B 234 4.74 -17.96 -34.82
CA SER B 234 5.95 -17.14 -34.66
C SER B 234 6.75 -17.13 -35.96
N ASP B 235 6.99 -18.32 -36.47
CA ASP B 235 7.79 -18.59 -37.64
C ASP B 235 7.43 -17.79 -38.89
N LYS B 236 6.12 -17.65 -39.15
CA LYS B 236 5.68 -16.82 -40.24
C LYS B 236 6.19 -15.40 -40.03
N ALA B 237 6.00 -14.83 -38.83
CA ALA B 237 6.45 -13.48 -38.54
C ALA B 237 7.95 -13.27 -38.68
N VAL B 238 8.76 -14.12 -38.02
CA VAL B 238 10.21 -14.02 -38.01
C VAL B 238 10.74 -14.12 -39.44
N LYS B 239 10.47 -15.16 -40.21
CA LYS B 239 11.01 -15.19 -41.57
C LYS B 239 10.45 -14.09 -42.47
N ASP B 240 9.29 -13.52 -42.15
CA ASP B 240 8.74 -12.41 -42.91
C ASP B 240 9.47 -11.11 -42.61
N TYR B 241 9.91 -10.94 -41.36
CA TYR B 241 10.72 -9.78 -40.97
C TYR B 241 12.07 -9.88 -41.68
N ILE B 242 12.61 -11.11 -41.68
CA ILE B 242 13.91 -11.40 -42.28
C ILE B 242 13.78 -11.20 -43.79
N LYS B 243 12.78 -11.69 -44.52
CA LYS B 243 12.66 -11.33 -45.92
C LYS B 243 12.52 -9.81 -46.09
N ALA B 244 11.89 -9.14 -45.11
CA ALA B 244 11.73 -7.69 -45.15
C ALA B 244 13.05 -6.94 -44.93
N GLY B 245 14.00 -7.62 -44.31
CA GLY B 245 15.31 -7.05 -44.12
C GLY B 245 15.69 -6.78 -42.67
N VAL B 246 14.99 -7.33 -41.68
CA VAL B 246 15.45 -7.13 -40.33
C VAL B 246 16.46 -8.26 -40.15
N PRO B 247 17.68 -7.97 -39.64
CA PRO B 247 18.61 -8.95 -39.10
C PRO B 247 17.95 -9.81 -38.03
N ALA B 248 17.99 -11.13 -38.19
CA ALA B 248 17.42 -12.06 -37.22
C ALA B 248 17.93 -11.90 -35.80
N ASN B 249 19.23 -11.66 -35.68
CA ASN B 249 19.85 -11.44 -34.39
C ASN B 249 19.27 -10.21 -33.71
N LYS B 250 18.52 -9.33 -34.39
CA LYS B 250 17.87 -8.20 -33.77
C LYS B 250 16.42 -8.48 -33.43
N ILE B 251 15.89 -9.66 -33.76
CA ILE B 251 14.52 -10.06 -33.45
C ILE B 251 14.54 -10.86 -32.17
N VAL B 252 13.97 -10.35 -31.10
CA VAL B 252 13.88 -11.05 -29.83
C VAL B 252 12.47 -11.65 -29.78
N LEU B 253 12.36 -12.97 -29.65
CA LEU B 253 11.11 -13.71 -29.67
C LEU B 253 10.34 -13.61 -28.35
N GLY B 254 9.19 -12.90 -28.42
CA GLY B 254 8.30 -12.70 -27.28
C GLY B 254 7.60 -13.99 -26.88
N MET B 255 7.56 -14.28 -25.60
CA MET B 255 6.92 -15.45 -25.06
C MET B 255 6.04 -14.97 -23.91
N PRO B 256 4.82 -15.49 -23.80
CA PRO B 256 3.89 -15.13 -22.76
C PRO B 256 4.18 -15.78 -21.42
N LEU B 257 3.94 -15.13 -20.31
CA LEU B 257 4.03 -15.84 -19.04
C LEU B 257 2.66 -15.97 -18.42
N TYR B 258 1.62 -15.93 -19.29
CA TYR B 258 0.19 -16.06 -18.97
C TYR B 258 -0.39 -17.02 -20.02
N GLY B 259 -1.64 -17.44 -19.89
CA GLY B 259 -2.26 -18.29 -20.87
C GLY B 259 -3.68 -17.84 -21.19
N ARG B 260 -4.11 -18.01 -22.44
CA ARG B 260 -5.49 -17.68 -22.82
C ARG B 260 -6.44 -18.90 -22.88
N ALA B 261 -7.54 -18.74 -22.15
CA ALA B 261 -8.58 -19.72 -21.94
C ALA B 261 -9.77 -19.67 -22.89
N PHE B 262 -10.46 -20.81 -22.99
CA PHE B 262 -11.63 -20.98 -23.87
C PHE B 262 -12.64 -21.82 -23.09
N ALA B 263 -13.93 -21.45 -23.05
CA ALA B 263 -14.94 -22.20 -22.30
C ALA B 263 -15.88 -22.93 -23.25
N SER B 264 -16.51 -24.04 -22.83
CA SER B 264 -17.41 -24.86 -23.65
C SER B 264 -16.74 -25.29 -24.93
N THR B 265 -15.68 -26.06 -24.75
CA THR B 265 -14.86 -26.50 -25.87
C THR B 265 -14.72 -28.00 -25.73
N ASP B 266 -14.50 -28.68 -26.85
CA ASP B 266 -14.16 -30.11 -26.80
C ASP B 266 -12.66 -30.08 -26.72
N GLY B 267 -12.01 -29.21 -27.48
CA GLY B 267 -10.57 -29.09 -27.39
C GLY B 267 -10.05 -28.12 -28.43
N ILE B 268 -8.74 -28.24 -28.63
CA ILE B 268 -8.08 -27.33 -29.53
C ILE B 268 -8.73 -27.51 -30.89
N GLY B 269 -8.95 -26.38 -31.51
CA GLY B 269 -9.53 -26.34 -32.83
C GLY B 269 -11.05 -26.45 -32.86
N THR B 270 -11.73 -26.63 -31.73
CA THR B 270 -13.17 -26.73 -31.77
C THR B 270 -13.76 -25.40 -31.32
N SER B 271 -15.05 -25.15 -31.47
CA SER B 271 -15.70 -23.92 -30.98
C SER B 271 -15.83 -23.86 -29.46
N PHE B 272 -15.86 -22.65 -28.96
CA PHE B 272 -15.95 -22.40 -27.54
C PHE B 272 -16.96 -21.26 -27.42
N ASN B 273 -17.49 -21.03 -26.23
CA ASN B 273 -18.42 -19.96 -26.01
C ASN B 273 -17.98 -19.49 -24.64
N GLY B 274 -17.50 -18.25 -24.57
CA GLY B 274 -17.00 -17.75 -23.29
C GLY B 274 -15.54 -18.17 -23.14
N VAL B 275 -14.91 -17.51 -22.17
CA VAL B 275 -13.51 -17.74 -21.92
C VAL B 275 -13.33 -18.00 -20.43
N GLY B 276 -14.36 -17.90 -19.61
CA GLY B 276 -14.22 -18.11 -18.19
C GLY B 276 -13.58 -16.94 -17.44
N GLY B 277 -13.03 -17.31 -16.30
CA GLY B 277 -12.34 -16.35 -15.47
C GLY B 277 -10.90 -16.13 -15.93
N GLY B 278 -10.07 -15.83 -14.96
CA GLY B 278 -8.70 -15.56 -15.23
C GLY B 278 -8.05 -15.26 -13.91
N SER B 279 -6.75 -15.03 -13.90
CA SER B 279 -6.09 -14.70 -12.64
C SER B 279 -6.35 -13.26 -12.23
N TRP B 280 -6.49 -12.39 -13.23
CA TRP B 280 -6.66 -10.97 -13.03
C TRP B 280 -7.74 -10.44 -13.96
N GLU B 281 -7.91 -10.97 -15.16
CA GLU B 281 -8.96 -10.50 -16.04
C GLU B 281 -9.61 -11.77 -16.62
N ASN B 282 -10.71 -11.73 -17.37
CA ASN B 282 -11.35 -12.94 -17.84
C ASN B 282 -10.60 -13.39 -19.06
N GLY B 283 -10.55 -14.74 -19.20
CA GLY B 283 -9.88 -15.48 -20.25
C GLY B 283 -8.35 -15.49 -20.22
N VAL B 284 -7.70 -14.95 -19.18
CA VAL B 284 -6.26 -14.83 -19.11
C VAL B 284 -5.82 -15.36 -17.74
N TRP B 285 -4.93 -16.35 -17.71
CA TRP B 285 -4.45 -16.95 -16.47
C TRP B 285 -2.94 -16.83 -16.33
N ASP B 286 -2.41 -16.53 -15.14
CA ASP B 286 -0.98 -16.45 -14.96
C ASP B 286 -0.47 -17.86 -15.07
N TYR B 287 0.67 -18.01 -15.77
CA TYR B 287 1.31 -19.30 -15.88
C TYR B 287 1.54 -19.96 -14.51
N LYS B 288 1.90 -19.25 -13.44
CA LYS B 288 2.14 -19.87 -12.14
C LYS B 288 0.90 -20.43 -11.47
N ASP B 289 -0.26 -20.20 -12.08
CA ASP B 289 -1.50 -20.80 -11.65
C ASP B 289 -1.82 -22.06 -12.45
N MET B 290 -1.00 -22.31 -13.44
CA MET B 290 -1.18 -23.42 -14.30
C MET B 290 -0.32 -24.51 -13.65
N PRO B 291 -0.70 -25.79 -13.73
CA PRO B 291 -1.93 -26.26 -14.33
C PRO B 291 -3.03 -26.39 -13.28
N GLN B 292 -4.23 -25.99 -13.74
CA GLN B 292 -5.42 -26.09 -12.91
C GLN B 292 -5.87 -27.53 -12.71
N GLN B 293 -6.32 -27.77 -11.47
CA GLN B 293 -6.82 -29.06 -11.04
C GLN B 293 -7.87 -29.63 -12.01
N GLY B 294 -7.64 -30.90 -12.37
CA GLY B 294 -8.55 -31.59 -13.22
C GLY B 294 -8.34 -31.30 -14.70
N ALA B 295 -7.26 -30.62 -15.12
CA ALA B 295 -6.98 -30.49 -16.54
C ALA B 295 -5.74 -31.28 -16.90
N GLN B 296 -5.73 -31.89 -18.08
CA GLN B 296 -4.56 -32.63 -18.54
C GLN B 296 -3.90 -31.72 -19.54
N VAL B 297 -2.57 -31.72 -19.40
CA VAL B 297 -1.76 -30.84 -20.22
C VAL B 297 -1.26 -31.57 -21.45
N THR B 298 -1.50 -31.01 -22.62
CA THR B 298 -1.03 -31.59 -23.86
C THR B 298 0.13 -30.71 -24.33
N GLU B 299 1.27 -31.34 -24.77
CA GLU B 299 2.43 -30.59 -25.27
C GLU B 299 2.66 -31.03 -26.68
N LEU B 300 2.55 -30.16 -27.64
CA LEU B 300 2.78 -30.52 -29.02
C LEU B 300 4.10 -29.87 -29.42
N GLU B 301 5.18 -30.62 -29.15
CA GLU B 301 6.54 -30.20 -29.45
C GLU B 301 6.82 -29.82 -30.89
N ASP B 302 6.32 -30.53 -31.89
CA ASP B 302 6.64 -30.19 -33.25
C ASP B 302 6.22 -28.78 -33.68
N ILE B 303 5.16 -28.22 -33.10
CA ILE B 303 4.79 -26.87 -33.47
C ILE B 303 5.07 -25.86 -32.34
N ALA B 304 5.65 -26.45 -31.28
CA ALA B 304 5.94 -25.88 -29.98
C ALA B 304 4.77 -25.06 -29.46
N ALA B 305 3.83 -25.87 -28.98
CA ALA B 305 2.57 -25.36 -28.45
C ALA B 305 2.05 -26.24 -27.35
N SER B 306 1.44 -25.76 -26.29
CA SER B 306 0.83 -26.63 -25.30
C SER B 306 -0.45 -25.98 -24.77
N TYR B 307 -1.25 -26.77 -24.05
CA TYR B 307 -2.49 -26.28 -23.43
C TYR B 307 -2.94 -27.21 -22.30
N SER B 308 -3.75 -26.69 -21.38
CA SER B 308 -4.42 -27.57 -20.45
C SER B 308 -5.84 -27.62 -20.98
N TYR B 309 -6.52 -28.75 -20.69
CA TYR B 309 -7.91 -28.92 -21.04
C TYR B 309 -8.54 -29.79 -19.94
N ASP B 310 -9.69 -29.32 -19.45
CA ASP B 310 -10.47 -30.03 -18.47
C ASP B 310 -11.67 -30.57 -19.23
N LYS B 311 -11.67 -31.89 -19.40
CA LYS B 311 -12.68 -32.69 -20.09
C LYS B 311 -14.06 -32.50 -19.46
N ASN B 312 -14.14 -32.43 -18.12
CA ASN B 312 -15.43 -32.21 -17.47
C ASN B 312 -15.86 -30.77 -17.70
N LYS B 313 -15.16 -29.75 -17.19
CA LYS B 313 -15.63 -28.38 -17.36
C LYS B 313 -15.47 -27.89 -18.78
N ARG B 314 -15.02 -28.69 -19.73
CA ARG B 314 -14.86 -28.30 -21.13
C ARG B 314 -14.11 -26.98 -21.40
N TYR B 315 -13.02 -26.80 -20.63
CA TYR B 315 -12.23 -25.56 -20.61
C TYR B 315 -10.78 -25.78 -21.05
N LEU B 316 -10.35 -24.99 -22.03
CA LEU B 316 -9.03 -25.05 -22.66
C LEU B 316 -8.19 -23.82 -22.28
N ILE B 317 -6.94 -23.93 -21.81
CA ILE B 317 -6.10 -22.77 -21.56
C ILE B 317 -4.81 -22.96 -22.35
N SER B 318 -4.60 -22.15 -23.36
CA SER B 318 -3.38 -22.18 -24.15
C SER B 318 -2.29 -21.47 -23.36
N TYR B 319 -1.19 -22.17 -23.02
CA TYR B 319 -0.04 -21.59 -22.35
C TYR B 319 1.15 -22.50 -22.56
N ASP B 320 2.39 -22.02 -22.36
CA ASP B 320 3.61 -22.78 -22.55
C ASP B 320 3.97 -23.51 -21.28
N THR B 321 4.46 -24.72 -21.51
CA THR B 321 5.06 -25.48 -20.43
C THR B 321 6.60 -25.38 -20.59
N VAL B 322 7.41 -25.91 -19.64
CA VAL B 322 8.87 -25.85 -19.73
C VAL B 322 9.39 -26.57 -20.98
N LYS B 323 8.73 -27.67 -21.34
CA LYS B 323 9.12 -28.41 -22.52
C LYS B 323 8.93 -27.50 -23.71
N ILE B 324 7.85 -26.73 -23.74
CA ILE B 324 7.59 -25.87 -24.86
C ILE B 324 8.52 -24.68 -24.88
N ALA B 325 8.81 -24.12 -23.71
CA ALA B 325 9.72 -22.97 -23.57
C ALA B 325 11.11 -23.35 -24.11
N GLY B 326 11.47 -24.62 -23.82
CA GLY B 326 12.68 -25.23 -24.29
C GLY B 326 12.72 -25.33 -25.82
N LYS B 327 11.60 -25.72 -26.41
CA LYS B 327 11.53 -25.78 -27.87
C LYS B 327 11.62 -24.37 -28.44
N LYS B 328 11.14 -23.36 -27.70
CA LYS B 328 11.19 -21.99 -28.16
C LYS B 328 12.64 -21.54 -28.10
N ALA B 329 13.35 -21.82 -26.99
CA ALA B 329 14.77 -21.49 -26.84
C ALA B 329 15.54 -22.06 -28.04
N GLU B 330 15.23 -23.33 -28.30
CA GLU B 330 15.76 -24.07 -29.44
C GLU B 330 15.61 -23.32 -30.77
N TYR B 331 14.44 -22.74 -31.00
CA TYR B 331 14.19 -22.04 -32.23
C TYR B 331 15.04 -20.77 -32.24
N ILE B 332 15.14 -20.08 -31.09
CA ILE B 332 15.93 -18.85 -30.99
C ILE B 332 17.40 -19.13 -31.37
N THR B 333 18.03 -20.13 -30.73
CA THR B 333 19.41 -20.51 -31.00
C THR B 333 19.55 -20.98 -32.44
N LYS B 334 18.83 -22.03 -32.81
CA LYS B 334 18.84 -22.58 -34.16
C LYS B 334 18.77 -21.52 -35.26
N ASN B 335 17.93 -20.52 -35.08
CA ASN B 335 17.75 -19.51 -36.11
C ASN B 335 18.58 -18.28 -35.91
N GLY B 336 19.40 -18.24 -34.87
CA GLY B 336 20.29 -17.13 -34.59
C GLY B 336 19.58 -15.80 -34.43
N MET B 337 18.55 -15.88 -33.61
CA MET B 337 17.70 -14.74 -33.26
C MET B 337 18.29 -13.97 -32.07
N GLY B 338 17.79 -12.78 -31.78
CA GLY B 338 18.32 -11.96 -30.70
C GLY B 338 18.07 -12.40 -29.27
N GLY B 339 17.26 -13.43 -29.00
CA GLY B 339 17.00 -13.82 -27.62
C GLY B 339 15.52 -13.91 -27.36
N GLY B 340 15.18 -13.93 -26.09
CA GLY B 340 13.82 -14.12 -25.68
C GLY B 340 13.31 -12.93 -24.91
N MET B 341 12.01 -12.67 -25.07
CA MET B 341 11.33 -11.57 -24.39
C MET B 341 10.13 -12.14 -23.67
N TRP B 342 9.80 -11.67 -22.46
CA TRP B 342 8.63 -12.15 -21.76
C TRP B 342 7.70 -11.06 -21.23
N TRP B 343 6.39 -11.23 -21.47
CA TRP B 343 5.30 -10.41 -20.94
C TRP B 343 4.47 -11.37 -20.08
N GLU B 344 4.45 -11.16 -18.75
CA GLU B 344 5.19 -10.10 -18.10
C GLU B 344 5.72 -10.65 -16.77
N SER B 345 6.78 -10.10 -16.18
CA SER B 345 7.45 -10.66 -15.01
C SER B 345 6.72 -11.25 -13.80
N SER B 346 5.44 -11.00 -13.47
CA SER B 346 4.89 -11.56 -12.25
C SER B 346 4.23 -12.93 -12.37
N SER B 347 3.91 -13.30 -13.60
CA SER B 347 3.12 -14.49 -13.81
C SER B 347 3.92 -15.76 -13.97
N ASP B 348 5.26 -15.62 -13.87
CA ASP B 348 6.15 -16.75 -14.05
C ASP B 348 6.38 -17.47 -12.74
N LYS B 349 6.65 -18.76 -12.86
CA LYS B 349 7.03 -19.57 -11.72
C LYS B 349 8.52 -19.43 -11.43
N THR B 350 8.98 -20.05 -10.37
CA THR B 350 10.38 -20.00 -10.03
C THR B 350 11.01 -21.38 -10.14
N GLY B 351 12.30 -21.45 -9.85
CA GLY B 351 13.02 -22.70 -9.75
C GLY B 351 13.04 -23.45 -11.05
N ASN B 352 12.94 -24.76 -10.91
CA ASN B 352 12.96 -25.62 -12.07
C ASN B 352 11.76 -25.42 -12.98
N GLU B 353 10.71 -24.77 -12.46
CA GLU B 353 9.53 -24.49 -13.26
C GLU B 353 9.52 -23.09 -13.86
N SER B 354 10.60 -22.30 -13.74
CA SER B 354 10.62 -21.00 -14.38
C SER B 354 10.70 -21.17 -15.89
N LEU B 355 9.70 -20.70 -16.64
CA LEU B 355 9.80 -20.69 -18.09
C LEU B 355 11.02 -19.92 -18.60
N VAL B 356 11.29 -18.79 -17.93
CA VAL B 356 12.39 -17.93 -18.31
C VAL B 356 13.70 -18.69 -18.02
N GLY B 357 13.78 -19.29 -16.83
CA GLY B 357 14.91 -20.12 -16.44
C GLY B 357 15.24 -21.12 -17.52
N THR B 358 14.18 -21.82 -17.91
CA THR B 358 14.24 -22.80 -18.97
C THR B 358 14.81 -22.24 -20.28
N VAL B 359 14.38 -21.04 -20.70
CA VAL B 359 14.87 -20.49 -21.95
C VAL B 359 16.31 -20.05 -21.81
N VAL B 360 16.74 -19.52 -20.67
CA VAL B 360 18.10 -18.99 -20.55
C VAL B 360 19.08 -20.16 -20.61
N ASN B 361 18.79 -21.23 -19.89
CA ASN B 361 19.49 -22.49 -19.97
C ASN B 361 19.53 -23.10 -21.39
N GLY B 362 18.47 -23.15 -22.18
CA GLY B 362 18.52 -23.61 -23.54
C GLY B 362 19.26 -22.63 -24.42
N LEU B 363 19.48 -21.41 -23.93
CA LEU B 363 20.29 -20.43 -24.64
C LEU B 363 21.77 -20.67 -24.36
N GLY B 364 22.06 -21.54 -23.40
CA GLY B 364 23.40 -21.87 -23.02
C GLY B 364 23.75 -21.32 -21.66
N GLY B 365 22.73 -20.88 -20.95
CA GLY B 365 22.85 -20.29 -19.63
C GLY B 365 23.21 -18.82 -19.76
N THR B 366 23.41 -18.17 -18.62
CA THR B 366 23.65 -16.73 -18.59
C THR B 366 24.91 -16.33 -19.31
N GLY B 367 25.89 -17.25 -19.34
CA GLY B 367 27.14 -17.03 -20.03
C GLY B 367 26.95 -16.73 -21.51
N LYS B 368 25.82 -17.13 -22.07
CA LYS B 368 25.56 -16.85 -23.45
C LYS B 368 24.70 -15.61 -23.61
N LEU B 369 24.36 -14.91 -22.53
CA LEU B 369 23.59 -13.70 -22.67
C LEU B 369 24.51 -12.51 -23.03
N GLU B 370 23.94 -11.55 -23.77
CA GLU B 370 24.61 -10.38 -24.29
C GLU B 370 25.17 -9.58 -23.11
N GLN B 371 26.47 -9.31 -23.14
CA GLN B 371 27.16 -8.59 -22.09
C GLN B 371 27.22 -7.17 -22.57
N ARG B 372 26.38 -6.30 -22.05
CA ARG B 372 26.41 -4.89 -22.37
C ARG B 372 26.23 -4.20 -21.02
N GLU B 373 27.22 -3.46 -20.57
CA GLU B 373 27.09 -2.88 -19.25
C GLU B 373 26.20 -1.65 -19.35
N ASN B 374 25.37 -1.55 -18.32
CA ASN B 374 24.36 -0.50 -18.20
C ASN B 374 24.95 0.84 -17.79
N GLU B 375 24.08 1.84 -17.66
CA GLU B 375 24.50 3.17 -17.38
C GLU B 375 24.10 3.49 -15.99
N LEU B 376 25.07 3.79 -15.13
CA LEU B 376 24.73 4.28 -13.81
C LEU B 376 24.86 5.79 -13.66
N SER B 377 25.49 6.49 -14.61
CA SER B 377 25.71 7.89 -14.43
C SER B 377 24.68 8.71 -15.15
N TYR B 378 23.85 9.43 -14.37
CA TYR B 378 22.87 10.35 -14.94
C TYR B 378 23.12 11.78 -14.44
N PRO B 379 24.11 12.45 -15.08
CA PRO B 379 24.63 13.75 -14.66
C PRO B 379 23.55 14.84 -14.71
N GLU B 380 22.63 14.76 -15.66
CA GLU B 380 21.62 15.79 -15.81
C GLU B 380 20.33 15.52 -15.04
N SER B 381 20.29 14.51 -14.16
CA SER B 381 19.05 14.17 -13.49
C SER B 381 18.64 15.29 -12.59
N VAL B 382 17.33 15.45 -12.66
CA VAL B 382 16.62 16.43 -11.87
C VAL B 382 16.40 15.93 -10.44
N TYR B 383 16.81 14.69 -10.16
CA TYR B 383 16.64 14.08 -8.84
C TYR B 383 18.04 13.89 -8.26
N ASP B 384 18.20 14.28 -7.00
CA ASP B 384 19.51 14.34 -6.43
C ASP B 384 20.00 12.97 -6.05
N ASN B 385 19.21 12.18 -5.33
CA ASN B 385 19.61 10.81 -5.04
C ASN B 385 19.95 10.06 -6.31
N LEU B 386 19.19 10.19 -7.43
CA LEU B 386 19.52 9.42 -8.61
C LEU B 386 20.77 9.97 -9.24
N LYS B 387 20.91 11.30 -9.33
CA LYS B 387 22.08 11.98 -9.89
C LYS B 387 23.35 11.59 -9.14
N ASN B 388 23.20 11.29 -7.85
CA ASN B 388 24.36 10.96 -7.09
C ASN B 388 24.51 9.49 -6.97
N GLY B 389 23.87 8.74 -7.88
CA GLY B 389 23.98 7.28 -7.99
C GLY B 389 23.48 6.50 -6.79
N MET B 390 22.49 7.10 -6.15
CA MET B 390 21.84 6.64 -4.95
C MET B 390 22.72 6.03 -3.85
N PRO B 391 23.34 6.89 -3.03
CA PRO B 391 23.94 6.55 -1.73
C PRO B 391 22.92 5.99 -0.74
N SER B 392 23.22 6.02 0.55
CA SER B 392 22.14 5.82 1.50
C SER B 392 22.07 7.31 1.90
N GLY C 1 43.96 -12.64 25.20
CA GLY C 1 43.23 -12.73 23.93
C GLY C 1 43.15 -11.28 23.45
N GLY C 2 42.81 -10.99 22.20
CA GLY C 2 42.74 -9.63 21.72
C GLY C 2 41.37 -9.03 21.97
N PHE C 3 41.08 -7.93 21.31
CA PHE C 3 39.86 -7.19 21.55
C PHE C 3 38.70 -7.78 20.76
N ARG C 4 37.51 -7.53 21.27
CA ARG C 4 36.26 -7.92 20.67
C ARG C 4 35.74 -6.74 19.90
N SER C 5 34.98 -7.02 18.86
CA SER C 5 34.46 -6.04 17.94
C SER C 5 33.03 -6.56 17.71
N VAL C 6 32.12 -6.03 18.50
CA VAL C 6 30.75 -6.49 18.55
C VAL C 6 29.79 -5.53 17.86
N VAL C 7 28.96 -5.95 16.92
CA VAL C 7 27.95 -5.07 16.39
C VAL C 7 26.61 -5.78 16.53
N TYR C 8 25.54 -4.97 16.61
CA TYR C 8 24.20 -5.48 16.61
C TYR C 8 23.62 -5.32 15.23
N PHE C 9 22.96 -6.36 14.73
CA PHE C 9 22.21 -6.36 13.47
C PHE C 9 20.79 -6.49 14.01
N VAL C 10 19.99 -5.54 13.56
CA VAL C 10 18.66 -5.36 14.07
C VAL C 10 17.68 -5.78 12.99
N ASN C 11 16.94 -6.83 13.36
CA ASN C 11 15.78 -7.44 12.69
C ASN C 11 15.08 -6.61 11.59
N TRP C 12 14.69 -5.42 12.08
CA TRP C 12 13.97 -4.44 11.30
C TRP C 12 14.76 -3.58 10.31
N ALA C 13 16.09 -3.70 10.22
CA ALA C 13 16.87 -2.89 9.29
C ALA C 13 16.64 -3.30 7.84
N ILE C 14 16.15 -4.53 7.65
CA ILE C 14 15.88 -5.01 6.31
C ILE C 14 14.66 -4.29 5.68
N TYR C 15 13.95 -3.51 6.47
CA TYR C 15 12.84 -2.77 5.93
C TYR C 15 13.32 -1.38 5.52
N GLY C 16 12.86 -0.32 6.18
CA GLY C 16 13.16 1.05 5.77
C GLY C 16 14.63 1.42 5.63
N ARG C 17 15.50 0.85 6.43
CA ARG C 17 16.92 1.13 6.34
C ARG C 17 17.61 0.47 5.15
N GLY C 18 17.03 -0.61 4.63
CA GLY C 18 17.61 -1.32 3.50
C GLY C 18 18.89 -2.07 3.86
N HIS C 19 19.12 -2.37 5.13
CA HIS C 19 20.38 -3.01 5.50
C HIS C 19 20.11 -4.50 5.63
N ASN C 20 20.85 -5.31 4.90
CA ASN C 20 20.72 -6.74 5.07
C ASN C 20 22.02 -7.32 5.62
N PRO C 21 22.07 -8.55 6.17
CA PRO C 21 23.30 -9.17 6.73
C PRO C 21 24.46 -9.29 5.74
N GLN C 22 24.11 -9.42 4.48
CA GLN C 22 25.03 -9.54 3.39
C GLN C 22 25.96 -8.34 3.32
N ASP C 23 25.47 -7.16 3.70
CA ASP C 23 26.26 -5.96 3.60
C ASP C 23 26.81 -5.52 4.93
N LEU C 24 27.40 -6.46 5.64
CA LEU C 24 28.10 -6.26 6.90
C LEU C 24 29.57 -6.48 6.50
N LYS C 25 30.48 -5.58 6.85
CA LYS C 25 31.90 -5.73 6.55
C LYS C 25 32.33 -6.69 7.65
N ALA C 26 32.00 -7.98 7.48
CA ALA C 26 32.26 -9.04 8.44
C ALA C 26 33.71 -9.23 8.91
N ASP C 27 34.68 -8.83 8.08
CA ASP C 27 36.07 -8.95 8.47
C ASP C 27 36.50 -7.93 9.52
N GLN C 28 35.63 -6.95 9.74
CA GLN C 28 35.79 -5.90 10.71
C GLN C 28 35.30 -6.34 12.09
N PHE C 29 34.55 -7.44 12.21
CA PHE C 29 33.95 -7.82 13.49
C PHE C 29 34.32 -9.22 13.97
N THR C 30 34.00 -9.49 15.22
CA THR C 30 34.20 -10.81 15.76
C THR C 30 32.82 -11.34 16.21
N HIS C 31 31.84 -10.46 16.45
CA HIS C 31 30.56 -10.87 17.00
C HIS C 31 29.42 -10.05 16.40
N ILE C 32 28.51 -10.72 15.69
CA ILE C 32 27.32 -10.04 15.24
C ILE C 32 26.27 -10.51 16.24
N LEU C 33 25.50 -9.60 16.80
CA LEU C 33 24.46 -9.98 17.73
C LEU C 33 23.18 -9.54 17.04
N TYR C 34 22.23 -10.47 16.88
CA TYR C 34 20.99 -10.24 16.17
C TYR C 34 19.89 -9.91 17.16
N ALA C 35 19.36 -8.73 17.03
CA ALA C 35 18.36 -8.18 17.93
C ALA C 35 17.06 -7.89 17.15
N PHE C 36 15.89 -8.15 17.73
CA PHE C 36 15.75 -8.71 19.07
C PHE C 36 14.81 -9.90 19.03
N ALA C 37 14.86 -10.66 20.10
CA ALA C 37 14.03 -11.81 20.28
C ALA C 37 13.17 -11.40 21.43
N ASN C 38 11.91 -11.85 21.40
CA ASN C 38 10.99 -11.54 22.46
C ASN C 38 10.78 -12.73 23.38
N ILE C 39 10.10 -12.54 24.52
CA ILE C 39 9.88 -13.55 25.55
C ILE C 39 8.37 -13.55 25.78
N ARG C 40 7.79 -14.69 26.13
CA ARG C 40 6.38 -14.88 26.46
C ARG C 40 6.29 -15.02 27.97
N PRO C 41 5.14 -14.81 28.67
CA PRO C 41 5.02 -14.97 30.14
C PRO C 41 5.58 -16.26 30.72
N SER C 42 5.48 -17.29 29.89
CA SER C 42 5.95 -18.63 30.18
C SER C 42 7.44 -18.73 30.44
N GLY C 43 8.16 -17.79 29.85
CA GLY C 43 9.60 -17.79 29.80
C GLY C 43 9.99 -18.05 28.36
N GLU C 44 9.04 -18.37 27.48
CA GLU C 44 9.41 -18.75 26.12
C GLU C 44 9.97 -17.62 25.28
N VAL C 45 11.15 -17.88 24.78
CA VAL C 45 11.84 -16.95 23.95
C VAL C 45 11.36 -17.32 22.56
N TYR C 46 11.05 -16.31 21.74
CA TYR C 46 10.58 -16.50 20.40
C TYR C 46 11.06 -15.36 19.51
N LEU C 47 11.05 -15.65 18.21
CA LEU C 47 11.51 -14.72 17.20
C LEU C 47 10.58 -13.55 16.88
N SER C 48 11.05 -12.32 16.98
CA SER C 48 10.26 -11.15 16.69
C SER C 48 9.68 -10.95 15.30
N ASP C 49 10.26 -11.57 14.29
CA ASP C 49 9.82 -11.22 12.97
C ASP C 49 10.21 -12.35 12.10
N THR C 50 9.45 -13.44 12.06
CA THR C 50 9.82 -14.61 11.28
C THR C 50 9.99 -14.32 9.80
N TRP C 51 9.38 -13.23 9.27
CA TRP C 51 9.65 -12.79 7.90
C TRP C 51 11.13 -12.42 7.74
N ALA C 52 11.57 -11.38 8.48
CA ALA C 52 12.97 -10.98 8.51
C ALA C 52 13.89 -12.14 8.91
N ASP C 53 13.58 -12.73 10.06
CA ASP C 53 14.36 -13.81 10.64
C ASP C 53 14.56 -15.06 9.85
N THR C 54 13.46 -15.66 9.45
CA THR C 54 13.55 -17.01 8.93
C THR C 54 12.97 -17.29 7.58
N ASP C 55 12.12 -16.42 7.04
CA ASP C 55 11.33 -16.86 5.90
C ASP C 55 11.62 -16.22 4.55
N LYS C 56 11.97 -14.93 4.63
CA LYS C 56 12.31 -14.12 3.47
C LYS C 56 13.36 -14.85 2.64
N HIS C 57 13.15 -14.87 1.32
CA HIS C 57 14.12 -15.54 0.50
C HIS C 57 14.99 -14.42 -0.07
N TYR C 58 16.29 -14.54 0.17
CA TYR C 58 17.21 -13.61 -0.45
C TYR C 58 17.62 -14.14 -1.80
N PRO C 59 18.30 -13.39 -2.68
CA PRO C 59 19.08 -13.91 -3.80
C PRO C 59 19.87 -15.10 -3.31
N GLY C 60 19.67 -16.25 -3.97
CA GLY C 60 20.39 -17.45 -3.61
C GLY C 60 19.49 -18.47 -2.95
N ASP C 61 18.26 -18.10 -2.62
CA ASP C 61 17.41 -19.02 -1.94
C ASP C 61 16.47 -19.64 -2.92
N LYS C 62 16.62 -20.95 -3.14
CA LYS C 62 15.66 -21.69 -3.93
C LYS C 62 14.31 -21.58 -3.18
N TRP C 63 13.26 -21.23 -3.94
CA TRP C 63 11.98 -21.09 -3.26
C TRP C 63 11.43 -22.43 -2.81
N ASP C 64 11.48 -23.30 -3.83
CA ASP C 64 11.12 -24.70 -3.80
C ASP C 64 11.96 -25.58 -2.89
N GLU C 65 12.97 -26.33 -3.36
CA GLU C 65 13.91 -27.12 -2.54
C GLU C 65 13.51 -28.13 -1.44
N PRO C 66 14.03 -29.38 -1.47
CA PRO C 66 13.77 -30.40 -0.47
C PRO C 66 14.17 -29.99 0.94
N GLY C 67 13.52 -30.54 1.94
CA GLY C 67 13.91 -30.34 3.32
C GLY C 67 13.05 -29.35 4.06
N ASN C 68 13.10 -29.36 5.39
CA ASN C 68 12.53 -28.26 6.16
C ASN C 68 13.65 -27.22 6.35
N ASN C 69 13.57 -26.06 5.72
CA ASN C 69 14.72 -25.16 5.61
C ASN C 69 14.66 -23.76 6.21
N VAL C 70 15.72 -23.12 6.66
CA VAL C 70 15.70 -21.74 7.16
C VAL C 70 16.26 -20.82 6.12
N TYR C 71 15.66 -19.63 6.04
CA TYR C 71 16.13 -18.60 5.14
C TYR C 71 16.24 -17.35 6.02
N GLY C 72 15.79 -16.20 5.52
CA GLY C 72 15.81 -14.93 6.24
C GLY C 72 17.23 -14.47 6.60
N CYS C 73 17.30 -13.64 7.61
CA CYS C 73 18.58 -13.12 8.04
C CYS C 73 19.31 -14.21 8.79
N ILE C 74 18.63 -15.24 9.31
CA ILE C 74 19.35 -16.34 9.96
C ILE C 74 20.19 -17.10 8.93
N LYS C 75 19.67 -17.48 7.75
CA LYS C 75 20.53 -18.13 6.77
C LYS C 75 21.68 -17.19 6.38
N GLN C 76 21.38 -15.90 6.20
CA GLN C 76 22.39 -14.93 5.81
C GLN C 76 23.49 -14.75 6.83
N MET C 77 23.16 -14.78 8.13
CA MET C 77 24.18 -14.69 9.13
C MET C 77 25.00 -15.97 9.15
N TYR C 78 24.40 -17.14 8.89
CA TYR C 78 25.12 -18.41 8.86
C TYR C 78 26.10 -18.40 7.67
N LEU C 79 25.66 -17.85 6.55
CA LEU C 79 26.52 -17.72 5.40
C LEU C 79 27.67 -16.74 5.69
N LEU C 80 27.38 -15.68 6.49
CA LEU C 80 28.42 -14.74 6.91
C LEU C 80 29.44 -15.47 7.75
N LYS C 81 28.97 -16.34 8.63
CA LYS C 81 29.81 -17.20 9.47
C LYS C 81 30.65 -18.25 8.75
N LYS C 82 30.08 -18.90 7.72
CA LYS C 82 30.81 -19.88 6.94
C LYS C 82 31.95 -19.15 6.28
N ASN C 83 31.69 -17.97 5.73
CA ASN C 83 32.78 -17.25 5.12
C ASN C 83 33.70 -16.62 6.14
N ASN C 84 33.27 -16.09 7.28
CA ASN C 84 34.21 -15.45 8.15
C ASN C 84 34.19 -16.30 9.39
N ARG C 85 35.17 -17.20 9.49
CA ARG C 85 35.21 -18.12 10.61
C ARG C 85 35.59 -17.56 11.96
N ASN C 86 36.07 -16.31 12.01
CA ASN C 86 36.28 -15.66 13.32
C ASN C 86 35.04 -14.84 13.65
N LEU C 87 33.95 -14.94 12.88
CA LEU C 87 32.76 -14.17 13.15
C LEU C 87 31.76 -15.05 13.88
N LYS C 88 31.49 -14.73 15.13
CA LYS C 88 30.47 -15.42 15.87
C LYS C 88 29.15 -14.65 15.76
N THR C 89 28.04 -15.31 16.05
CA THR C 89 26.74 -14.69 15.99
C THR C 89 26.06 -15.02 17.32
N LEU C 90 25.31 -14.10 17.91
CA LEU C 90 24.53 -14.42 19.08
C LEU C 90 23.11 -13.92 18.85
N LEU C 91 22.08 -14.65 19.34
CA LEU C 91 20.69 -14.18 19.30
C LEU C 91 20.60 -13.23 20.52
N SER C 92 19.99 -12.07 20.36
CA SER C 92 19.89 -11.11 21.43
C SER C 92 18.39 -10.99 21.74
N ILE C 93 18.08 -11.15 23.02
CA ILE C 93 16.76 -11.24 23.56
C ILE C 93 16.51 -10.06 24.50
N GLY C 94 15.44 -9.33 24.22
CA GLY C 94 15.01 -8.24 25.07
C GLY C 94 14.97 -6.96 24.28
N GLY C 95 15.61 -5.94 24.78
CA GLY C 95 15.55 -4.65 24.15
C GLY C 95 14.69 -3.74 25.00
N TRP C 96 14.79 -2.43 24.79
CA TRP C 96 14.07 -1.46 25.61
C TRP C 96 12.55 -1.76 25.59
N THR C 97 12.09 -1.94 24.35
CA THR C 97 10.74 -2.32 23.98
C THR C 97 10.23 -3.66 24.55
N TYR C 98 11.03 -4.72 24.71
CA TYR C 98 10.50 -5.98 25.23
C TYR C 98 10.88 -6.25 26.69
N SER C 99 11.72 -5.41 27.32
CA SER C 99 12.08 -5.60 28.71
C SER C 99 11.00 -5.46 29.77
N PRO C 100 9.82 -4.82 29.61
CA PRO C 100 8.63 -5.04 30.42
C PRO C 100 8.31 -6.52 30.65
N ASN C 101 8.53 -7.36 29.64
CA ASN C 101 8.31 -8.75 29.85
C ASN C 101 9.54 -9.64 30.02
N PHE C 102 10.36 -9.28 31.02
CA PHE C 102 11.39 -10.16 31.53
C PHE C 102 11.05 -10.58 32.95
N LYS C 103 10.61 -9.66 33.84
CA LYS C 103 10.35 -9.94 35.26
C LYS C 103 9.48 -11.10 35.69
N THR C 104 8.36 -11.33 35.01
CA THR C 104 7.47 -12.43 35.34
C THR C 104 8.08 -13.80 35.12
N PRO C 105 8.63 -14.23 33.98
CA PRO C 105 9.32 -15.52 33.85
C PRO C 105 10.53 -15.65 34.74
N ALA C 106 11.29 -14.56 34.85
CA ALA C 106 12.50 -14.55 35.65
C ALA C 106 12.25 -14.82 37.16
N SER C 107 11.06 -14.52 37.66
CA SER C 107 10.80 -14.78 39.05
C SER C 107 10.61 -16.24 39.34
N THR C 108 10.33 -17.13 38.39
CA THR C 108 10.09 -18.48 38.80
C THR C 108 11.09 -19.37 38.10
N GLU C 109 11.27 -20.52 38.74
CA GLU C 109 12.16 -21.54 38.27
C GLU C 109 11.64 -22.05 36.94
N GLU C 110 10.32 -22.17 36.81
CA GLU C 110 9.72 -22.71 35.60
C GLU C 110 10.04 -21.77 34.46
N GLY C 111 9.83 -20.48 34.75
CA GLY C 111 10.04 -19.41 33.80
C GLY C 111 11.46 -19.34 33.31
N ARG C 112 12.41 -19.39 34.22
CA ARG C 112 13.83 -19.36 33.85
C ARG C 112 14.26 -20.61 33.12
N LYS C 113 13.85 -21.79 33.58
CA LYS C 113 14.05 -23.06 32.90
C LYS C 113 13.52 -23.01 31.48
N LYS C 114 12.31 -22.48 31.33
CA LYS C 114 11.67 -22.34 30.04
C LYS C 114 12.41 -21.34 29.17
N PHE C 115 12.91 -20.24 29.74
CA PHE C 115 13.73 -19.27 29.03
C PHE C 115 15.01 -19.94 28.49
N ALA C 116 15.73 -20.60 29.41
CA ALA C 116 16.95 -21.31 29.09
C ALA C 116 16.77 -22.33 27.97
N ASP C 117 15.74 -23.16 28.09
CA ASP C 117 15.50 -24.16 27.09
C ASP C 117 15.09 -23.61 25.73
N THR C 118 14.20 -22.62 25.68
CA THR C 118 13.78 -22.10 24.39
C THR C 118 14.92 -21.33 23.69
N SER C 119 15.69 -20.59 24.48
CA SER C 119 16.87 -19.90 24.00
C SER C 119 17.88 -20.92 23.43
N LEU C 120 18.15 -22.03 24.11
CA LEU C 120 19.10 -22.99 23.58
C LEU C 120 18.55 -23.61 22.31
N LYS C 121 17.24 -23.94 22.31
CA LYS C 121 16.56 -24.52 21.16
C LYS C 121 16.77 -23.66 19.92
N LEU C 122 16.48 -22.37 20.11
CA LEU C 122 16.66 -21.36 19.09
C LEU C 122 18.11 -21.24 18.65
N MET C 123 19.06 -21.15 19.58
CA MET C 123 20.46 -21.07 19.23
C MET C 123 20.93 -22.26 18.35
N LYS C 124 20.72 -23.46 18.87
CA LYS C 124 21.11 -24.66 18.18
C LYS C 124 20.26 -24.95 16.92
N ASP C 125 19.06 -24.40 16.75
CA ASP C 125 18.37 -24.56 15.49
C ASP C 125 18.79 -23.58 14.40
N LEU C 126 19.02 -22.34 14.82
CA LEU C 126 19.27 -21.27 13.88
C LEU C 126 20.73 -21.00 13.59
N GLY C 127 21.66 -21.72 14.26
CA GLY C 127 23.09 -21.60 13.97
C GLY C 127 23.78 -20.44 14.69
N PHE C 128 23.43 -20.23 15.94
CA PHE C 128 24.01 -19.16 16.72
C PHE C 128 25.13 -19.64 17.60
N ASP C 129 26.10 -18.78 17.82
CA ASP C 129 27.20 -19.11 18.71
C ASP C 129 26.89 -18.87 20.18
N GLY C 130 25.77 -18.22 20.49
CA GLY C 130 25.35 -18.03 21.85
C GLY C 130 24.16 -17.10 21.93
N ILE C 131 23.81 -16.71 23.15
CA ILE C 131 22.71 -15.80 23.34
C ILE C 131 23.15 -14.67 24.28
N ASP C 132 22.49 -13.54 24.01
CA ASP C 132 22.67 -12.25 24.66
C ASP C 132 21.34 -11.74 25.20
N ILE C 133 21.25 -11.49 26.50
CA ILE C 133 20.06 -10.92 27.11
C ILE C 133 20.27 -9.41 27.22
N ASP C 134 19.18 -8.67 27.00
CA ASP C 134 19.15 -7.23 27.15
C ASP C 134 17.90 -6.83 27.95
N TRP C 135 18.00 -6.97 29.26
CA TRP C 135 16.95 -6.63 30.20
C TRP C 135 17.24 -5.25 30.79
N GLU C 136 16.43 -4.31 30.33
CA GLU C 136 16.54 -2.93 30.72
C GLU C 136 15.33 -2.48 31.52
N TYR C 137 15.38 -2.53 32.84
CA TYR C 137 16.53 -2.98 33.61
C TYR C 137 15.98 -3.75 34.81
N PRO C 138 16.56 -4.77 35.50
CA PRO C 138 16.03 -5.32 36.75
C PRO C 138 15.74 -4.17 37.69
N GLU C 139 14.48 -3.83 37.94
CA GLU C 139 14.16 -2.63 38.68
C GLU C 139 14.22 -2.74 40.18
N ASP C 140 14.37 -3.92 40.74
CA ASP C 140 14.42 -4.04 42.20
C ASP C 140 15.42 -5.14 42.56
N GLU C 141 15.59 -5.34 43.86
CA GLU C 141 16.52 -6.32 44.41
C GLU C 141 16.25 -7.78 43.99
N LYS C 142 14.95 -8.11 44.00
CA LYS C 142 14.47 -9.42 43.60
C LYS C 142 14.78 -9.68 42.13
N GLN C 143 14.49 -8.69 41.28
CA GLN C 143 14.68 -8.85 39.86
C GLN C 143 16.15 -9.04 39.56
N ALA C 144 17.01 -8.41 40.36
CA ALA C 144 18.45 -8.54 40.23
C ALA C 144 18.94 -9.96 40.56
N ASN C 145 18.47 -10.52 41.67
CA ASN C 145 18.79 -11.89 42.01
C ASN C 145 18.27 -12.83 40.92
N ASP C 146 17.07 -12.48 40.43
CA ASP C 146 16.42 -13.22 39.37
C ASP C 146 17.27 -13.22 38.12
N PHE C 147 17.92 -12.09 37.87
CA PHE C 147 18.79 -11.96 36.71
C PHE C 147 20.02 -12.84 36.88
N VAL C 148 20.61 -12.96 38.09
CA VAL C 148 21.73 -13.86 38.31
C VAL C 148 21.25 -15.28 38.02
N LEU C 149 20.12 -15.69 38.61
CA LEU C 149 19.61 -17.03 38.43
C LEU C 149 19.23 -17.36 37.00
N LEU C 150 18.72 -16.38 36.25
CA LEU C 150 18.38 -16.56 34.86
C LEU C 150 19.62 -16.84 34.04
N LEU C 151 20.66 -16.06 34.37
CA LEU C 151 21.95 -16.14 33.73
C LEU C 151 22.50 -17.53 33.93
N LYS C 152 22.45 -17.97 35.19
CA LYS C 152 22.81 -19.32 35.58
C LYS C 152 22.05 -20.41 34.80
N ALA C 153 20.74 -20.23 34.62
CA ALA C 153 19.91 -21.12 33.84
C ALA C 153 20.49 -21.24 32.44
N CYS C 154 20.75 -20.08 31.81
CA CYS C 154 21.24 -20.08 30.44
C CYS C 154 22.64 -20.64 30.33
N ARG C 155 23.51 -20.41 31.33
CA ARG C 155 24.89 -20.90 31.29
C ARG C 155 24.85 -22.41 31.40
N GLU C 156 24.05 -22.92 32.35
CA GLU C 156 23.84 -24.35 32.49
C GLU C 156 23.23 -24.99 31.24
N ALA C 157 22.27 -24.31 30.60
CA ALA C 157 21.66 -24.77 29.37
C ALA C 157 22.67 -24.99 28.24
N LEU C 158 23.40 -23.94 27.90
CA LEU C 158 24.37 -23.97 26.83
C LEU C 158 25.50 -24.99 27.06
N ASP C 159 25.97 -25.05 28.32
CA ASP C 159 27.00 -25.99 28.69
C ASP C 159 26.56 -27.43 28.52
N ALA C 160 25.31 -27.75 28.89
CA ALA C 160 24.76 -29.10 28.74
C ALA C 160 24.79 -29.53 27.28
N TYR C 161 24.50 -28.59 26.37
CA TYR C 161 24.54 -28.86 24.95
C TYR C 161 25.96 -29.10 24.42
N SER C 162 26.93 -28.34 24.92
CA SER C 162 28.32 -28.56 24.59
C SER C 162 28.80 -29.90 25.15
N ALA C 163 28.32 -30.31 26.33
CA ALA C 163 28.68 -31.58 26.90
C ALA C 163 28.21 -32.69 25.96
N LYS C 164 26.98 -32.53 25.43
CA LYS C 164 26.43 -33.41 24.40
C LYS C 164 27.22 -33.34 23.11
N HIS C 165 28.24 -32.51 22.91
CA HIS C 165 28.93 -32.43 21.64
C HIS C 165 30.36 -32.00 21.89
N PRO C 166 31.16 -32.84 22.55
CA PRO C 166 32.49 -32.47 23.04
C PRO C 166 33.47 -32.10 21.92
N ASN C 167 33.33 -32.67 20.73
CA ASN C 167 34.17 -32.29 19.61
C ASN C 167 33.72 -31.01 18.95
N GLY C 168 32.70 -30.34 19.50
CA GLY C 168 32.19 -29.14 18.91
C GLY C 168 32.67 -27.98 19.74
N LYS C 169 31.99 -26.84 19.74
CA LYS C 169 32.47 -25.71 20.50
C LYS C 169 31.69 -25.39 21.78
N LYS C 170 32.32 -24.59 22.62
CA LYS C 170 31.67 -24.04 23.80
C LYS C 170 30.83 -22.85 23.28
N PHE C 171 29.76 -22.49 23.97
CA PHE C 171 28.89 -21.40 23.52
C PHE C 171 28.85 -20.11 24.36
N LEU C 172 28.55 -18.97 23.73
CA LEU C 172 28.58 -17.69 24.44
C LEU C 172 27.32 -17.24 25.13
N LEU C 173 27.47 -16.42 26.17
CA LEU C 173 26.38 -15.88 26.95
C LEU C 173 26.82 -14.48 27.36
N THR C 174 26.13 -13.46 26.86
CA THR C 174 26.48 -12.09 27.17
C THR C 174 25.25 -11.32 27.61
N ILE C 175 25.41 -10.06 28.02
CA ILE C 175 24.32 -9.15 28.31
C ILE C 175 24.76 -7.77 27.84
N ALA C 176 23.73 -6.99 27.51
CA ALA C 176 23.85 -5.57 27.19
C ALA C 176 23.66 -4.91 28.57
N SER C 177 24.53 -4.05 29.08
CA SER C 177 24.35 -3.60 30.44
C SER C 177 24.22 -2.07 30.63
N PRO C 178 23.73 -1.58 31.76
CA PRO C 178 23.67 -0.18 32.11
C PRO C 178 24.93 0.64 32.47
N ALA C 179 25.16 1.74 31.76
CA ALA C 179 26.21 2.66 32.16
C ALA C 179 25.69 3.68 33.17
N GLY C 180 24.39 3.82 33.40
CA GLY C 180 23.90 4.74 34.39
C GLY C 180 23.98 4.13 35.80
N PRO C 181 24.56 4.82 36.78
CA PRO C 181 24.69 4.34 38.15
C PRO C 181 23.42 3.88 38.80
N GLN C 182 22.31 4.62 38.62
CA GLN C 182 21.02 4.25 39.20
C GLN C 182 20.46 2.90 38.74
N ASN C 183 20.99 2.40 37.63
CA ASN C 183 20.66 1.05 37.23
C ASN C 183 21.72 0.03 37.61
N TYR C 184 23.01 0.21 37.25
CA TYR C 184 23.95 -0.85 37.58
C TYR C 184 24.16 -1.04 39.07
N ASN C 185 23.84 -0.05 39.91
CA ASN C 185 24.00 -0.26 41.35
C ASN C 185 23.00 -1.18 42.01
N LYS C 186 21.97 -1.56 41.23
CA LYS C 186 20.99 -2.51 41.68
C LYS C 186 21.52 -3.90 41.31
N LEU C 187 22.34 -3.99 40.28
CA LEU C 187 22.76 -5.26 39.78
C LEU C 187 23.83 -5.96 40.61
N LYS C 188 23.70 -7.27 40.71
CA LYS C 188 24.72 -8.10 41.34
C LYS C 188 25.74 -8.50 40.29
N LEU C 189 26.47 -7.47 39.88
CA LEU C 189 27.47 -7.54 38.83
C LEU C 189 28.49 -8.67 38.92
N ALA C 190 29.13 -8.86 40.08
CA ALA C 190 30.18 -9.85 40.23
C ALA C 190 29.67 -11.30 40.23
N GLU C 191 28.44 -11.50 40.73
CA GLU C 191 27.86 -12.85 40.74
C GLU C 191 27.43 -13.13 39.31
N MET C 192 26.85 -12.13 38.66
CA MET C 192 26.46 -12.23 37.26
C MET C 192 27.63 -12.58 36.35
N ASP C 193 28.78 -11.90 36.58
CA ASP C 193 30.00 -12.09 35.81
C ASP C 193 30.44 -13.53 35.71
N LYS C 194 30.24 -14.29 36.75
CA LYS C 194 30.59 -15.70 36.74
C LYS C 194 30.08 -16.45 35.51
N TYR C 195 28.91 -16.06 34.99
CA TYR C 195 28.24 -16.76 33.91
C TYR C 195 28.58 -16.24 32.52
N LEU C 196 29.13 -15.03 32.47
CA LEU C 196 29.19 -14.36 31.22
C LEU C 196 30.50 -14.45 30.50
N ASP C 197 30.39 -14.51 29.18
CA ASP C 197 31.56 -14.43 28.34
C ASP C 197 32.13 -13.00 28.35
N PHE C 198 31.26 -11.99 28.23
CA PHE C 198 31.64 -10.60 28.31
C PHE C 198 30.37 -9.77 28.50
N TRP C 199 30.58 -8.47 28.69
CA TRP C 199 29.55 -7.49 29.00
C TRP C 199 29.62 -6.45 27.90
N ASN C 200 28.47 -6.06 27.36
CA ASN C 200 28.40 -5.01 26.33
C ASN C 200 27.74 -3.84 27.03
N LEU C 201 28.63 -2.99 27.52
CA LEU C 201 28.25 -1.83 28.27
C LEU C 201 27.65 -0.78 27.32
N MET C 202 26.38 -0.44 27.53
CA MET C 202 25.70 0.57 26.69
C MET C 202 26.09 1.94 27.22
N ALA C 203 27.29 2.37 26.80
CA ALA C 203 27.86 3.62 27.24
C ALA C 203 27.40 4.75 26.32
N TYR C 204 26.09 4.97 26.32
CA TYR C 204 25.43 5.93 25.45
C TYR C 204 24.03 6.15 25.99
N ASP C 205 23.26 7.00 25.31
CA ASP C 205 21.93 7.47 25.74
C ASP C 205 21.95 8.15 27.10
N PHE C 206 23.05 8.88 27.28
CA PHE C 206 23.34 9.65 28.48
C PHE C 206 22.54 10.96 28.44
N SER C 207 22.27 11.46 27.25
CA SER C 207 21.45 12.62 27.12
C SER C 207 20.47 12.40 25.98
N GLY C 208 19.29 13.00 26.05
CA GLY C 208 18.28 12.93 24.98
C GLY C 208 17.02 13.64 25.45
N SER C 209 15.90 13.43 24.73
CA SER C 209 14.60 14.12 24.93
C SER C 209 14.06 14.34 26.32
N TRP C 210 14.42 13.37 27.12
CA TRP C 210 14.07 13.34 28.51
C TRP C 210 14.74 14.41 29.37
N ASP C 211 15.77 15.11 28.90
CA ASP C 211 16.53 16.00 29.76
C ASP C 211 16.13 17.45 29.61
N LYS C 212 16.64 18.35 30.46
CA LYS C 212 16.32 19.74 30.25
C LYS C 212 17.42 20.59 29.60
N VAL C 213 18.65 20.10 29.64
CA VAL C 213 19.79 20.79 29.05
C VAL C 213 20.40 19.80 28.06
N SER C 214 20.92 20.28 26.93
CA SER C 214 21.55 19.43 25.94
C SER C 214 22.84 18.92 26.55
N GLY C 215 23.12 17.64 26.41
CA GLY C 215 24.30 17.08 27.01
C GLY C 215 24.97 16.21 25.98
N HIS C 216 26.04 15.65 26.47
CA HIS C 216 26.81 14.72 25.70
C HIS C 216 26.12 13.37 25.92
N MET C 217 25.84 12.61 24.87
CA MET C 217 25.09 11.39 25.06
C MET C 217 25.88 10.12 25.22
N SER C 218 27.19 10.10 25.02
CA SER C 218 28.01 8.92 25.15
C SER C 218 29.45 9.34 25.49
N ASN C 219 29.64 10.44 26.24
CA ASN C 219 31.01 10.90 26.55
C ASN C 219 31.75 9.94 27.49
N VAL C 220 33.08 9.91 27.28
CA VAL C 220 33.94 9.06 28.09
C VAL C 220 34.17 9.70 29.45
N PHE C 221 34.53 11.00 29.52
CA PHE C 221 34.87 11.61 30.81
C PHE C 221 33.98 12.78 31.22
N PRO C 222 33.75 13.01 32.51
CA PRO C 222 33.03 14.16 33.01
C PRO C 222 33.68 15.49 32.65
N SER C 223 32.91 16.45 32.22
CA SER C 223 33.37 17.79 32.01
C SER C 223 33.46 18.46 33.38
N THR C 224 34.66 18.84 33.84
CA THR C 224 34.75 19.58 35.09
C THR C 224 34.37 21.02 34.82
N THR C 225 34.66 21.50 33.61
CA THR C 225 34.39 22.90 33.30
C THR C 225 32.88 23.07 33.21
N LYS C 226 32.22 22.10 32.59
CA LYS C 226 30.82 22.30 32.28
C LYS C 226 30.01 21.10 32.74
N PRO C 227 29.86 20.83 34.05
CA PRO C 227 29.17 19.66 34.58
C PRO C 227 27.82 19.36 33.93
N GLU C 228 27.04 20.42 33.68
CA GLU C 228 25.73 20.26 33.07
C GLU C 228 25.78 19.64 31.67
N SER C 229 26.91 19.71 30.96
CA SER C 229 27.02 19.08 29.67
C SER C 229 27.33 17.57 29.76
N THR C 230 27.74 17.04 30.91
CA THR C 230 28.01 15.63 31.01
C THR C 230 27.35 14.97 32.22
N PRO C 231 26.01 14.74 32.23
CA PRO C 231 25.31 14.00 33.29
C PRO C 231 25.83 12.61 33.57
N PHE C 232 26.40 11.91 32.58
CA PHE C 232 26.98 10.59 32.79
C PHE C 232 28.36 10.58 32.15
N SER C 233 29.03 9.44 32.14
CA SER C 233 30.33 9.25 31.48
C SER C 233 30.62 7.75 31.50
N SER C 234 31.19 7.24 30.40
CA SER C 234 31.61 5.85 30.27
C SER C 234 32.47 5.46 31.47
N ASP C 235 33.48 6.30 31.73
CA ASP C 235 34.48 6.11 32.77
C ASP C 235 33.95 5.82 34.15
N LYS C 236 32.91 6.51 34.56
CA LYS C 236 32.28 6.24 35.82
C LYS C 236 31.78 4.79 35.81
N ALA C 237 31.05 4.38 34.76
CA ALA C 237 30.55 3.02 34.67
C ALA C 237 31.62 1.91 34.70
N VAL C 238 32.63 2.03 33.85
CA VAL C 238 33.69 1.04 33.72
C VAL C 238 34.43 0.89 35.04
N LYS C 239 34.98 1.96 35.65
CA LYS C 239 35.69 1.76 36.91
C LYS C 239 34.76 1.34 38.05
N ASP C 240 33.44 1.59 37.95
CA ASP C 240 32.49 1.13 38.95
C ASP C 240 32.22 -0.36 38.82
N TYR C 241 32.22 -0.89 37.59
CA TYR C 241 32.08 -2.31 37.34
C TYR C 241 33.31 -3.01 37.88
N ILE C 242 34.49 -2.40 37.61
CA ILE C 242 35.78 -2.93 38.02
C ILE C 242 35.85 -2.88 39.55
N LYS C 243 35.50 -1.82 40.26
CA LYS C 243 35.45 -1.91 41.72
C LYS C 243 34.46 -2.99 42.15
N ALA C 244 33.38 -3.21 41.38
CA ALA C 244 32.39 -4.24 41.70
C ALA C 244 32.91 -5.65 41.50
N GLY C 245 33.95 -5.75 40.68
CA GLY C 245 34.61 -7.03 40.47
C GLY C 245 34.45 -7.60 39.07
N VAL C 246 34.06 -6.82 38.07
CA VAL C 246 34.05 -7.38 36.73
C VAL C 246 35.48 -7.14 36.24
N PRO C 247 36.15 -8.18 35.70
CA PRO C 247 37.35 -8.04 34.90
C PRO C 247 37.17 -7.04 33.76
N ALA C 248 38.02 -6.01 33.68
CA ALA C 248 37.95 -5.02 32.61
C ALA C 248 38.00 -5.59 31.20
N ASN C 249 38.82 -6.61 31.02
CA ASN C 249 38.94 -7.27 29.73
C ASN C 249 37.63 -7.93 29.34
N LYS C 250 36.65 -8.09 30.23
CA LYS C 250 35.35 -8.61 29.89
C LYS C 250 34.33 -7.51 29.62
N ILE C 251 34.68 -6.24 29.80
CA ILE C 251 33.80 -5.10 29.56
C ILE C 251 34.07 -4.58 28.16
N VAL C 252 33.12 -4.71 27.26
CA VAL C 252 33.21 -4.23 25.89
C VAL C 252 32.47 -2.89 25.86
N LEU C 253 33.17 -1.81 25.50
CA LEU C 253 32.65 -0.44 25.51
C LEU C 253 31.73 -0.17 24.32
N GLY C 254 30.44 0.00 24.62
CA GLY C 254 29.43 0.31 23.62
C GLY C 254 29.57 1.72 23.07
N MET C 255 29.46 1.86 21.77
CA MET C 255 29.57 3.14 21.10
C MET C 255 28.40 3.22 20.14
N PRO C 256 27.76 4.38 20.04
CA PRO C 256 26.61 4.58 19.18
C PRO C 256 26.97 4.77 17.74
N LEU C 257 26.20 4.32 16.77
CA LEU C 257 26.46 4.71 15.39
C LEU C 257 25.35 5.65 14.91
N TYR C 258 24.65 6.29 15.85
CA TYR C 258 23.58 7.26 15.66
C TYR C 258 23.89 8.47 16.57
N GLY C 259 23.13 9.55 16.51
CA GLY C 259 23.37 10.69 17.36
C GLY C 259 22.07 11.27 17.88
N ARG C 260 22.05 11.79 19.12
CA ARG C 260 20.86 12.41 19.66
C ARG C 260 20.87 13.94 19.59
N ALA C 261 19.78 14.44 19.03
CA ALA C 261 19.53 15.84 18.73
C ALA C 261 18.76 16.63 19.77
N PHE C 262 18.92 17.95 19.74
CA PHE C 262 18.26 18.88 20.67
C PHE C 262 17.83 20.10 19.86
N ALA C 263 16.59 20.58 19.99
CA ALA C 263 16.15 21.75 19.24
C ALA C 263 16.04 23.01 20.10
N SER C 264 16.14 24.22 19.55
CA SER C 264 16.07 25.48 20.30
C SER C 264 17.11 25.52 21.41
N THR C 265 18.35 25.41 21.02
CA THR C 265 19.45 25.36 21.95
C THR C 265 20.44 26.44 21.52
N ASP C 266 21.24 26.92 22.48
CA ASP C 266 22.35 27.81 22.14
C ASP C 266 23.49 26.85 21.93
N GLY C 267 23.62 25.83 22.76
CA GLY C 267 24.65 24.85 22.55
C GLY C 267 24.66 23.84 23.68
N ILE C 268 25.78 23.11 23.72
CA ILE C 268 25.92 22.09 24.73
C ILE C 268 25.77 22.76 26.10
N GLY C 269 25.03 22.06 26.94
CA GLY C 269 24.82 22.50 28.29
C GLY C 269 23.71 23.54 28.44
N THR C 270 23.08 24.01 27.35
CA THR C 270 22.01 24.98 27.49
C THR C 270 20.67 24.27 27.37
N SER C 271 19.54 24.90 27.69
CA SER C 271 18.22 24.33 27.49
C SER C 271 17.78 24.21 26.03
N PHE C 272 16.92 23.26 25.75
CA PHE C 272 16.45 23.00 24.42
C PHE C 272 14.97 22.72 24.60
N ASN C 273 14.20 22.76 23.53
CA ASN C 273 12.80 22.49 23.58
C ASN C 273 12.61 21.75 22.30
N GLY C 274 12.22 20.49 22.40
CA GLY C 274 12.07 19.70 21.19
C GLY C 274 13.41 19.08 20.82
N VAL C 275 13.34 18.08 19.96
CA VAL C 275 14.52 17.36 19.53
C VAL C 275 14.53 17.32 18.01
N GLY C 276 13.52 17.85 17.34
CA GLY C 276 13.48 17.80 15.88
C GLY C 276 13.11 16.44 15.30
N GLY C 277 13.54 16.27 14.06
CA GLY C 277 13.36 15.03 13.36
C GLY C 277 14.43 14.00 13.73
N GLY C 278 14.72 13.17 12.75
CA GLY C 278 15.68 12.11 12.91
C GLY C 278 15.77 11.38 11.61
N SER C 279 16.64 10.39 11.52
CA SER C 279 16.71 9.63 10.30
C SER C 279 15.57 8.61 10.18
N TRP C 280 15.12 8.10 11.34
CA TRP C 280 14.08 7.09 11.41
C TRP C 280 13.13 7.43 12.51
N GLU C 281 13.52 8.07 13.59
CA GLU C 281 12.59 8.41 14.66
C GLU C 281 12.93 9.86 15.05
N ASN C 282 12.20 10.57 15.90
CA ASN C 282 12.53 11.94 16.20
C ASN C 282 13.62 11.93 17.26
N GLY C 283 14.49 12.95 17.12
CA GLY C 283 15.66 13.21 17.94
C GLY C 283 16.84 12.28 17.76
N VAL C 284 16.82 11.37 16.79
CA VAL C 284 17.86 10.35 16.63
C VAL C 284 18.26 10.39 15.15
N TRP C 285 19.54 10.59 14.83
CA TRP C 285 20.06 10.67 13.48
C TRP C 285 21.12 9.60 13.23
N ASP C 286 21.13 8.95 12.07
CA ASP C 286 22.16 7.98 11.76
C ASP C 286 23.44 8.76 11.58
N TYR C 287 24.54 8.23 12.11
CA TYR C 287 25.83 8.86 11.94
C TYR C 287 26.14 9.11 10.45
N LYS C 288 25.78 8.24 9.51
CA LYS C 288 26.10 8.48 8.10
C LYS C 288 25.36 9.61 7.45
N ASP C 289 24.46 10.21 8.21
CA ASP C 289 23.76 11.42 7.80
C ASP C 289 24.40 12.67 8.39
N MET C 290 25.39 12.41 9.23
CA MET C 290 26.10 13.46 9.88
C MET C 290 27.28 13.73 8.98
N PRO C 291 27.79 14.97 8.86
CA PRO C 291 27.21 16.15 9.48
C PRO C 291 26.25 16.86 8.52
N GLN C 292 25.18 17.35 9.14
CA GLN C 292 24.15 18.08 8.44
C GLN C 292 24.63 19.47 8.02
N GLN C 293 24.20 19.82 6.80
CA GLN C 293 24.49 21.10 6.20
C GLN C 293 24.21 22.28 7.13
N GLY C 294 25.22 23.15 7.23
CA GLY C 294 25.08 24.35 8.03
C GLY C 294 25.36 24.11 9.51
N ALA C 295 25.86 22.94 9.94
CA ALA C 295 26.24 22.78 11.34
C ALA C 295 27.76 22.65 11.44
N GLN C 296 28.34 23.23 12.48
CA GLN C 296 29.77 23.10 12.69
C GLN C 296 29.94 22.07 13.77
N VAL C 297 30.92 21.23 13.50
CA VAL C 297 31.20 20.11 14.38
C VAL C 297 32.27 20.45 15.41
N THR C 298 31.96 20.25 16.67
CA THR C 298 32.90 20.52 17.74
C THR C 298 33.36 19.16 18.24
N GLU C 299 34.67 18.98 18.45
CA GLU C 299 35.24 17.71 18.97
C GLU C 299 35.97 18.02 20.25
N LEU C 300 35.53 17.51 21.36
CA LEU C 300 36.16 17.75 22.63
C LEU C 300 36.87 16.47 23.01
N GLU C 301 38.10 16.37 22.51
CA GLU C 301 38.97 15.21 22.76
C GLU C 301 39.22 14.85 24.20
N ASP C 302 39.45 15.80 25.10
CA ASP C 302 39.75 15.46 26.47
C ASP C 302 38.67 14.67 27.19
N ILE C 303 37.41 14.86 26.83
CA ILE C 303 36.35 14.05 27.46
C ILE C 303 35.75 12.99 26.50
N ALA C 304 36.36 13.01 25.31
CA ALA C 304 36.02 12.25 24.10
C ALA C 304 34.51 12.30 23.85
N ALA C 305 34.15 13.48 23.32
CA ALA C 305 32.79 13.81 23.02
C ALA C 305 32.73 14.73 21.83
N SER C 306 31.76 14.66 20.93
CA SER C 306 31.62 15.65 19.86
C SER C 306 30.13 15.88 19.59
N TYR C 307 29.86 16.92 18.82
CA TYR C 307 28.50 17.28 18.41
C TYR C 307 28.49 18.20 17.19
N SER C 308 27.39 18.24 16.45
CA SER C 308 27.22 19.25 15.45
C SER C 308 26.22 20.22 16.10
N TYR C 309 26.32 21.48 15.69
CA TYR C 309 25.41 22.50 16.12
C TYR C 309 25.23 23.47 14.95
N ASP C 310 23.96 23.77 14.64
CA ASP C 310 23.61 24.75 13.62
C ASP C 310 23.14 25.99 14.40
N LYS C 311 23.99 27.04 14.32
CA LYS C 311 23.81 28.32 14.95
C LYS C 311 22.50 28.99 14.51
N ASN C 312 22.13 28.88 13.22
CA ASN C 312 20.89 29.47 12.74
C ASN C 312 19.71 28.63 13.23
N LYS C 313 19.54 27.36 12.85
CA LYS C 313 18.41 26.59 13.33
C LYS C 313 18.51 26.23 14.81
N ARG C 314 19.52 26.62 15.55
CA ARG C 314 19.65 26.36 16.99
C ARG C 314 19.49 24.89 17.39
N TYR C 315 20.11 24.01 16.60
CA TYR C 315 19.95 22.56 16.73
C TYR C 315 21.31 21.87 16.98
N LEU C 316 21.33 21.06 18.04
CA LEU C 316 22.50 20.33 18.50
C LEU C 316 22.35 18.82 18.28
N ILE C 317 23.32 18.08 17.70
CA ILE C 317 23.22 16.64 17.57
C ILE C 317 24.49 16.06 18.18
N SER C 318 24.34 15.37 19.30
CA SER C 318 25.45 14.70 19.95
C SER C 318 25.73 13.40 19.20
N TYR C 319 26.93 13.24 18.64
CA TYR C 319 27.36 12.01 17.98
C TYR C 319 28.88 11.98 17.92
N ASP C 320 29.50 10.82 17.69
CA ASP C 320 30.95 10.67 17.62
C ASP C 320 31.44 10.91 16.21
N THR C 321 32.57 11.56 16.15
CA THR C 321 33.31 11.71 14.90
C THR C 321 34.47 10.69 14.93
N VAL C 322 35.24 10.51 13.84
CA VAL C 322 36.35 9.57 13.80
C VAL C 322 37.42 9.89 14.85
N LYS C 323 37.65 11.19 15.06
CA LYS C 323 38.62 11.62 16.04
C LYS C 323 38.15 11.12 17.39
N ILE C 324 36.86 11.20 17.66
CA ILE C 324 36.34 10.80 18.96
C ILE C 324 36.33 9.30 19.09
N ALA C 325 36.01 8.59 18.00
CA ALA C 325 36.00 7.12 18.01
C ALA C 325 37.42 6.59 18.33
N GLY C 326 38.40 7.32 17.77
CA GLY C 326 39.81 7.07 18.00
C GLY C 326 40.19 7.27 19.47
N LYS C 327 39.68 8.32 20.11
CA LYS C 327 39.90 8.54 21.52
C LYS C 327 39.21 7.43 22.34
N LYS C 328 38.11 6.88 21.85
CA LYS C 328 37.41 5.81 22.53
C LYS C 328 38.24 4.58 22.41
N ALA C 329 38.76 4.23 21.21
CA ALA C 329 39.64 3.09 20.99
C ALA C 329 40.79 3.16 21.98
N GLU C 330 41.38 4.37 22.05
CA GLU C 330 42.44 4.72 22.98
C GLU C 330 42.13 4.33 24.42
N TYR C 331 40.93 4.64 24.87
CA TYR C 331 40.53 4.33 26.23
C TYR C 331 40.42 2.81 26.37
N ILE C 332 39.88 2.10 25.37
CA ILE C 332 39.72 0.66 25.42
C ILE C 332 41.11 0.00 25.59
N THR C 333 42.08 0.32 24.71
CA THR C 333 43.45 -0.22 24.80
C THR C 333 44.10 0.18 26.12
N LYS C 334 44.22 1.49 26.37
CA LYS C 334 44.82 2.03 27.58
C LYS C 334 44.33 1.34 28.85
N ASN C 335 43.03 1.08 28.93
CA ASN C 335 42.48 0.48 30.14
C ASN C 335 42.35 -1.03 30.10
N GLY C 336 42.80 -1.65 29.00
CA GLY C 336 42.77 -3.09 28.83
C GLY C 336 41.37 -3.69 29.00
N MET C 337 40.46 -3.07 28.25
CA MET C 337 39.06 -3.45 28.22
C MET C 337 38.83 -4.52 27.14
N GLY C 338 37.67 -5.16 27.13
CA GLY C 338 37.36 -6.21 26.16
C GLY C 338 37.18 -5.81 24.70
N GLY C 339 37.11 -4.55 24.32
CA GLY C 339 36.91 -4.20 22.94
C GLY C 339 35.76 -3.22 22.81
N GLY C 340 35.27 -3.11 21.58
CA GLY C 340 34.24 -2.15 21.28
C GLY C 340 33.00 -2.81 20.79
N MET C 341 31.87 -2.20 21.10
CA MET C 341 30.56 -2.70 20.72
C MET C 341 29.83 -1.55 20.03
N TRP C 342 29.07 -1.81 18.96
CA TRP C 342 28.30 -0.77 18.29
C TRP C 342 26.82 -1.10 18.07
N TRP C 343 25.96 -0.12 18.40
CA TRP C 343 24.52 -0.13 18.13
C TRP C 343 24.30 1.06 17.17
N GLU C 344 23.93 0.80 15.92
CA GLU C 344 23.72 -0.54 15.40
C GLU C 344 24.21 -0.56 13.96
N SER C 345 24.58 -1.70 13.37
CA SER C 345 25.21 -1.77 12.07
C SER C 345 24.79 -0.94 10.84
N SER C 346 23.61 -0.36 10.70
CA SER C 346 23.28 0.31 9.45
C SER C 346 23.62 1.77 9.38
N SER C 347 23.82 2.37 10.53
CA SER C 347 23.94 3.80 10.58
C SER C 347 25.36 4.32 10.44
N ASP C 348 26.31 3.37 10.26
CA ASP C 348 27.70 3.72 10.14
C ASP C 348 28.06 4.02 8.70
N LYS C 349 29.08 4.86 8.58
CA LYS C 349 29.67 5.16 7.28
C LYS C 349 30.69 4.10 6.90
N THR C 350 31.23 4.20 5.69
CA THR C 350 32.21 3.26 5.23
C THR C 350 33.55 3.96 5.01
N GLY C 351 34.51 3.15 4.59
CA GLY C 351 35.83 3.65 4.21
C GLY C 351 36.55 4.36 5.35
N ASN C 352 37.24 5.43 4.98
CA ASN C 352 37.97 6.20 5.96
C ASN C 352 37.08 6.85 6.99
N GLU C 353 35.77 6.97 6.70
CA GLU C 353 34.86 7.55 7.66
C GLU C 353 34.12 6.52 8.49
N SER C 354 34.47 5.22 8.43
CA SER C 354 33.82 4.25 9.29
C SER C 354 34.25 4.45 10.72
N LEU C 355 33.32 4.75 11.62
CA LEU C 355 33.66 4.83 13.04
C LEU C 355 34.22 3.52 13.57
N VAL C 356 33.66 2.42 13.07
CA VAL C 356 34.06 1.08 13.50
C VAL C 356 35.47 0.84 12.95
N GLY C 357 35.68 1.15 11.67
CA GLY C 357 36.99 1.05 11.05
C GLY C 357 38.06 1.74 11.90
N THR C 358 37.74 2.98 12.25
CA THR C 358 38.55 3.80 13.11
C THR C 358 38.89 3.11 14.43
N VAL C 359 37.93 2.47 15.10
CA VAL C 359 38.20 1.84 16.38
C VAL C 359 39.02 0.58 16.19
N VAL C 360 38.80 -0.20 15.12
CA VAL C 360 39.55 -1.45 14.96
C VAL C 360 41.03 -1.15 14.73
N ASN C 361 41.31 -0.18 13.87
CA ASN C 361 42.64 0.36 13.65
C ASN C 361 43.28 0.93 14.92
N GLY C 362 42.63 1.69 15.78
CA GLY C 362 43.22 2.13 17.02
C GLY C 362 43.35 0.98 17.99
N LEU C 363 42.70 -0.14 17.71
CA LEU C 363 42.88 -1.34 18.51
C LEU C 363 44.13 -2.13 18.05
N GLY C 364 44.70 -1.69 16.94
CA GLY C 364 45.87 -2.30 16.37
C GLY C 364 45.56 -3.07 15.11
N GLY C 365 44.35 -2.80 14.58
CA GLY C 365 43.84 -3.46 13.40
C GLY C 365 43.25 -4.84 13.76
N THR C 366 42.82 -5.57 12.73
CA THR C 366 42.14 -6.83 12.95
C THR C 366 43.02 -7.86 13.58
N GLY C 367 44.32 -7.76 13.36
CA GLY C 367 45.30 -8.67 13.95
C GLY C 367 45.26 -8.66 15.48
N LYS C 368 44.72 -7.60 16.08
CA LYS C 368 44.61 -7.54 17.50
C LYS C 368 43.22 -7.95 17.96
N LEU C 369 42.34 -8.39 17.05
CA LEU C 369 41.03 -8.84 17.48
C LEU C 369 41.10 -10.26 17.97
N GLU C 370 40.23 -10.61 18.92
CA GLU C 370 40.12 -11.90 19.56
C GLU C 370 39.86 -12.97 18.51
N GLN C 371 40.73 -13.97 18.47
CA GLN C 371 40.62 -15.05 17.50
C GLN C 371 39.90 -16.18 18.23
N ARG C 372 38.62 -16.36 17.95
CA ARG C 372 37.87 -17.45 18.52
C ARG C 372 37.06 -18.00 17.35
N GLU C 373 37.31 -19.21 16.93
CA GLU C 373 36.62 -19.70 15.77
C GLU C 373 35.20 -20.08 16.18
N ASN C 374 34.29 -19.74 15.25
CA ASN C 374 32.85 -19.94 15.44
C ASN C 374 32.43 -21.39 15.22
N GLU C 375 31.14 -21.63 15.38
CA GLU C 375 30.61 -22.95 15.29
C GLU C 375 29.82 -23.08 14.01
N LEU C 376 30.24 -23.97 13.14
CA LEU C 376 29.45 -24.25 11.96
C LEU C 376 28.61 -25.52 12.07
N SER C 377 28.84 -26.38 13.06
CA SER C 377 28.15 -27.62 13.11
C SER C 377 26.99 -27.56 14.07
N TYR C 378 25.77 -27.67 13.51
CA TYR C 378 24.56 -27.71 14.34
C TYR C 378 23.80 -29.03 14.08
N PRO C 379 24.27 -30.11 14.74
CA PRO C 379 23.82 -31.48 14.49
C PRO C 379 22.34 -31.67 14.86
N GLU C 380 21.84 -30.95 15.86
CA GLU C 380 20.48 -31.10 16.30
C GLU C 380 19.50 -30.14 15.63
N SER C 381 19.90 -29.42 14.57
CA SER C 381 19.03 -28.43 13.98
C SER C 381 17.86 -29.12 13.35
N VAL C 382 16.76 -28.42 13.58
CA VAL C 382 15.48 -28.80 13.03
C VAL C 382 15.34 -28.38 11.55
N TYR C 383 16.35 -27.71 11.00
CA TYR C 383 16.33 -27.24 9.63
C TYR C 383 17.43 -27.99 8.89
N ASP C 384 17.10 -28.48 7.70
CA ASP C 384 17.97 -29.42 7.04
C ASP C 384 19.11 -28.72 6.37
N ASN C 385 18.84 -27.68 5.59
CA ASN C 385 19.90 -26.88 5.03
C ASN C 385 20.86 -26.39 6.12
N LEU C 386 20.40 -25.90 7.30
CA LEU C 386 21.34 -25.43 8.29
C LEU C 386 22.11 -26.60 8.88
N LYS C 387 21.43 -27.70 9.21
CA LYS C 387 22.02 -28.93 9.76
C LYS C 387 23.11 -29.49 8.82
N ASN C 388 22.92 -29.27 7.54
CA ASN C 388 23.88 -29.78 6.62
C ASN C 388 24.87 -28.72 6.21
N GLY C 389 24.99 -27.68 7.03
CA GLY C 389 25.96 -26.59 6.87
C GLY C 389 25.83 -25.78 5.60
N MET C 390 24.57 -25.68 5.18
CA MET C 390 24.11 -25.01 3.98
C MET C 390 24.95 -25.18 2.71
N PRO C 391 24.74 -26.29 1.99
CA PRO C 391 25.20 -26.52 0.62
C PRO C 391 24.57 -25.56 -0.37
N SER C 392 24.57 -25.85 -1.64
CA SER C 392 23.65 -25.11 -2.50
C SER C 392 22.61 -26.25 -2.63
N GLY D 1 -27.34 11.49 30.37
CA GLY D 1 -26.66 12.11 29.27
C GLY D 1 -26.55 11.03 28.21
N GLY D 2 -26.21 11.31 26.96
CA GLY D 2 -26.12 10.29 25.93
C GLY D 2 -24.74 9.66 25.91
N PHE D 3 -24.43 8.94 24.85
CA PHE D 3 -23.20 8.20 24.75
C PHE D 3 -22.07 9.08 24.30
N ARG D 4 -20.86 8.67 24.64
CA ARG D 4 -19.62 9.30 24.28
C ARG D 4 -19.08 8.58 23.07
N SER D 5 -18.35 9.31 22.25
CA SER D 5 -17.81 8.82 21.01
C SER D 5 -16.39 9.40 21.04
N VAL D 6 -15.46 8.61 21.51
CA VAL D 6 -14.10 9.05 21.76
C VAL D 6 -13.16 8.48 20.72
N VAL D 7 -12.32 9.29 20.06
CA VAL D 7 -11.28 8.71 19.21
C VAL D 7 -9.96 9.33 19.65
N TYR D 8 -8.89 8.59 19.37
CA TYR D 8 -7.54 9.06 19.60
C TYR D 8 -6.98 9.52 18.27
N PHE D 9 -6.31 10.69 18.30
CA PHE D 9 -5.57 11.24 17.17
C PHE D 9 -4.16 11.16 17.71
N VAL D 10 -3.34 10.52 16.89
CA VAL D 10 -2.01 10.15 17.27
C VAL D 10 -1.04 11.01 16.49
N ASN D 11 -0.32 11.79 17.27
CA ASN D 11 0.83 12.66 16.92
C ASN D 11 1.52 12.40 15.58
N TRP D 12 1.93 11.13 15.50
CA TRP D 12 2.67 10.59 14.38
C TRP D 12 1.90 10.23 13.11
N ALA D 13 0.57 10.35 13.08
CA ALA D 13 -0.21 10.02 11.90
C ALA D 13 0.00 11.03 10.77
N ILE D 14 0.47 12.23 11.13
CA ILE D 14 0.74 13.25 10.12
C ILE D 14 1.95 12.90 9.25
N TYR D 15 2.70 11.85 9.61
CA TYR D 15 3.83 11.44 8.81
C TYR D 15 3.38 10.37 7.83
N GLY D 16 3.81 9.12 7.97
CA GLY D 16 3.54 8.08 6.99
C GLY D 16 2.07 7.79 6.69
N ARG D 17 1.21 7.94 7.67
CA ARG D 17 -0.20 7.68 7.49
C ARG D 17 -0.89 8.78 6.70
N GLY D 18 -0.33 9.99 6.69
CA GLY D 18 -0.94 11.11 6.00
C GLY D 18 -2.23 11.60 6.64
N HIS D 19 -2.49 11.32 7.91
CA HIS D 19 -3.75 11.72 8.51
C HIS D 19 -3.49 12.99 9.29
N ASN D 20 -4.24 14.04 8.99
CA ASN D 20 -4.14 15.26 9.76
C ASN D 20 -5.45 15.51 10.49
N PRO D 21 -5.52 16.40 11.52
CA PRO D 21 -6.75 16.67 12.31
C PRO D 21 -7.91 17.20 11.46
N GLN D 22 -7.57 17.87 10.38
CA GLN D 22 -8.50 18.45 9.44
C GLN D 22 -9.40 17.36 8.88
N ASP D 23 -8.88 16.15 8.70
CA ASP D 23 -9.65 15.10 8.08
C ASP D 23 -10.19 14.13 9.10
N LEU D 24 -10.80 14.65 10.13
CA LEU D 24 -11.49 13.89 11.18
C LEU D 24 -12.97 14.25 10.90
N LYS D 25 -13.87 13.26 10.83
CA LYS D 25 -15.29 13.52 10.62
C LYS D 25 -15.74 13.91 12.03
N ALA D 26 -15.43 15.14 12.41
CA ALA D 26 -15.69 15.68 13.75
C ALA D 26 -17.14 15.61 14.26
N ASP D 27 -18.10 15.60 13.34
CA ASP D 27 -19.50 15.51 13.73
C ASP D 27 -19.92 14.13 14.23
N GLN D 28 -19.03 13.18 14.00
CA GLN D 28 -19.16 11.81 14.42
C GLN D 28 -18.66 11.63 15.85
N PHE D 29 -17.95 12.57 16.48
CA PHE D 29 -17.36 12.36 17.78
C PHE D 29 -17.73 13.39 18.80
N THR D 30 -17.42 13.09 20.05
CA THR D 30 -17.61 14.05 21.11
C THR D 30 -16.26 14.36 21.74
N HIS D 31 -15.25 13.50 21.60
CA HIS D 31 -13.98 13.67 22.26
C HIS D 31 -12.85 13.21 21.37
N ILE D 32 -11.94 14.14 21.02
CA ILE D 32 -10.75 13.71 20.32
C ILE D 32 -9.69 13.72 21.42
N LEU D 33 -8.90 12.67 21.54
CA LEU D 33 -7.87 12.62 22.55
C LEU D 33 -6.58 12.54 21.75
N TYR D 34 -5.66 13.49 22.00
CA TYR D 34 -4.40 13.60 21.27
C TYR D 34 -3.32 12.89 22.04
N ALA D 35 -2.75 11.88 21.41
CA ALA D 35 -1.73 11.02 21.98
C ALA D 35 -0.45 11.15 21.15
N PHE D 36 0.72 11.16 21.78
CA PHE D 36 0.87 11.04 23.23
C PHE D 36 1.79 12.14 23.72
N ALA D 37 1.71 12.39 25.02
CA ALA D 37 2.54 13.35 25.69
C ALA D 37 3.42 12.50 26.56
N ASN D 38 4.66 12.92 26.72
CA ASN D 38 5.60 12.19 27.53
C ASN D 38 5.79 12.88 28.89
N ILE D 39 6.48 12.21 29.83
CA ILE D 39 6.68 12.67 31.20
C ILE D 39 8.19 12.60 31.41
N ARG D 40 8.75 13.50 32.23
CA ARG D 40 10.17 13.54 32.59
C ARG D 40 10.26 13.01 34.03
N PRO D 41 11.41 12.53 34.58
CA PRO D 41 11.54 12.05 35.97
C PRO D 41 10.96 12.96 37.03
N SER D 42 11.05 14.25 36.72
CA SER D 42 10.57 15.31 37.57
C SER D 42 9.07 15.26 37.86
N GLY D 43 8.36 14.67 36.90
CA GLY D 43 6.92 14.68 36.85
C GLY D 43 6.52 15.53 35.67
N GLU D 44 7.47 16.19 35.02
CA GLU D 44 7.09 17.13 33.98
C GLU D 44 6.54 16.48 32.72
N VAL D 45 5.35 16.92 32.38
CA VAL D 45 4.67 16.41 31.22
C VAL D 45 5.14 17.37 30.11
N TYR D 46 5.42 16.81 28.95
CA TYR D 46 5.90 17.58 27.83
C TYR D 46 5.45 16.93 26.52
N LEU D 47 5.45 17.75 25.49
CA LEU D 47 5.00 17.34 24.18
C LEU D 47 5.96 16.44 23.38
N SER D 48 5.51 15.28 22.94
CA SER D 48 6.32 14.36 22.17
C SER D 48 6.90 14.80 20.83
N ASP D 49 6.32 15.78 20.17
CA ASP D 49 6.76 16.03 18.83
C ASP D 49 6.35 17.44 18.53
N THR D 50 7.10 18.44 18.97
CA THR D 50 6.70 19.82 18.79
C THR D 50 6.51 20.21 17.33
N TRP D 51 7.13 19.47 16.39
CA TRP D 51 6.85 19.66 14.97
C TRP D 51 5.37 19.37 14.67
N ALA D 52 4.96 18.10 14.87
CA ALA D 52 3.57 17.70 14.71
C ALA D 52 2.63 18.57 15.57
N ASP D 53 2.94 18.61 16.87
CA ASP D 53 2.16 19.31 17.87
C ASP D 53 1.92 20.78 17.71
N THR D 54 3.00 21.52 17.58
CA THR D 54 2.89 22.95 17.72
C THR D 54 3.47 23.81 16.61
N ASP D 55 4.32 23.28 15.74
CA ASP D 55 5.10 24.16 14.90
C ASP D 55 4.83 24.16 13.43
N LYS D 56 4.49 22.97 12.94
CA LYS D 56 4.16 22.75 11.55
C LYS D 56 3.10 23.75 11.10
N HIS D 57 3.31 24.32 9.93
CA HIS D 57 2.32 25.26 9.46
C HIS D 57 1.46 24.51 8.47
N TYR D 58 0.17 24.45 8.73
CA TYR D 58 -0.75 23.89 7.77
C TYR D 58 -1.17 24.97 6.77
N PRO D 59 -1.82 24.65 5.65
CA PRO D 59 -2.62 25.59 4.87
C PRO D 59 -3.43 26.43 5.85
N GLY D 60 -3.23 27.75 5.75
CA GLY D 60 -3.99 28.66 6.59
C GLY D 60 -3.11 29.32 7.60
N ASP D 61 -1.88 28.85 7.74
CA ASP D 61 -1.02 29.40 8.78
C ASP D 61 -0.08 30.40 8.19
N LYS D 62 -0.27 31.67 8.57
CA LYS D 62 0.66 32.71 8.16
C LYS D 62 2.00 32.31 8.77
N TRP D 63 3.06 32.34 7.95
CA TRP D 63 4.35 31.94 8.50
C TRP D 63 4.86 32.95 9.48
N ASP D 64 4.81 34.18 8.94
CA ASP D 64 5.16 35.44 9.58
C ASP D 64 4.30 35.82 10.78
N GLU D 65 3.28 36.72 10.68
CA GLU D 65 2.33 37.04 11.75
C GLU D 65 2.71 37.48 13.20
N PRO D 66 2.16 38.59 13.69
CA PRO D 66 2.42 39.08 15.04
C PRO D 66 2.04 38.11 16.12
N GLY D 67 2.67 38.18 17.28
CA GLY D 67 2.29 37.40 18.44
C GLY D 67 3.17 36.18 18.67
N ASN D 68 3.13 35.59 19.87
CA ASN D 68 3.73 34.30 20.08
C ASN D 68 2.63 33.29 19.81
N ASN D 69 2.73 32.50 18.74
CA ASN D 69 1.59 31.70 18.26
C ASN D 69 1.69 30.18 18.17
N VAL D 70 0.61 29.41 18.30
CA VAL D 70 0.65 27.95 18.15
C VAL D 70 0.10 27.57 16.80
N TYR D 71 0.74 26.53 16.24
CA TYR D 71 0.29 25.98 14.98
C TYR D 71 0.19 24.47 15.22
N GLY D 72 0.67 23.64 14.28
CA GLY D 72 0.66 22.20 14.38
C GLY D 72 -0.74 21.60 14.50
N CYS D 73 -0.81 20.41 15.03
CA CYS D 73 -2.06 19.75 15.19
C CYS D 73 -2.82 20.42 16.33
N ILE D 74 -2.15 21.12 17.26
CA ILE D 74 -2.88 21.80 18.32
C ILE D 74 -3.76 22.92 17.72
N LYS D 75 -3.23 23.78 16.82
CA LYS D 75 -4.11 24.78 16.22
C LYS D 75 -5.24 24.10 15.46
N GLN D 76 -4.91 23.01 14.74
CA GLN D 76 -5.91 22.28 13.96
C GLN D 76 -7.04 21.67 14.81
N MET D 77 -6.69 21.16 15.99
CA MET D 77 -7.70 20.60 16.85
C MET D 77 -8.53 21.74 17.40
N TYR D 78 -7.94 22.92 17.65
CA TYR D 78 -8.70 24.03 18.20
C TYR D 78 -9.68 24.53 17.14
N LEU D 79 -9.24 24.53 15.87
CA LEU D 79 -10.10 24.92 14.78
C LEU D 79 -11.23 23.88 14.64
N LEU D 80 -10.93 22.58 14.89
CA LEU D 80 -11.95 21.54 14.85
C LEU D 80 -12.99 21.83 15.91
N LYS D 81 -12.51 22.25 17.10
CA LYS D 81 -13.36 22.62 18.22
C LYS D 81 -14.23 23.87 18.02
N LYS D 82 -13.67 24.91 17.39
CA LYS D 82 -14.41 26.12 17.11
C LYS D 82 -15.53 25.76 16.19
N ASN D 83 -15.26 24.92 15.18
CA ASN D 83 -16.36 24.51 14.31
C ASN D 83 -17.27 23.47 14.95
N ASN D 84 -16.82 22.52 15.75
CA ASN D 84 -17.75 21.55 16.28
C ASN D 84 -17.73 21.78 17.75
N ARG D 85 -18.72 22.55 18.21
CA ARG D 85 -18.80 22.88 19.63
C ARG D 85 -19.15 21.78 20.60
N ASN D 86 -19.64 20.63 20.11
CA ASN D 86 -19.79 19.47 20.98
C ASN D 86 -18.53 18.58 20.93
N LEU D 87 -17.46 19.04 20.29
CA LEU D 87 -16.26 18.26 20.22
C LEU D 87 -15.25 18.76 21.26
N LYS D 88 -14.98 17.94 22.26
CA LYS D 88 -13.96 18.25 23.23
C LYS D 88 -12.65 17.60 22.81
N THR D 89 -11.54 18.08 23.35
CA THR D 89 -10.22 17.57 23.01
C THR D 89 -9.55 17.31 24.36
N LEU D 90 -8.77 16.24 24.49
CA LEU D 90 -8.00 16.02 25.69
C LEU D 90 -6.58 15.71 25.28
N LEU D 91 -5.57 16.15 26.04
CA LEU D 91 -4.16 15.78 25.82
C LEU D 91 -4.04 14.41 26.49
N SER D 92 -3.42 13.44 25.84
CA SER D 92 -3.29 12.12 26.38
C SER D 92 -1.79 11.90 26.62
N ILE D 93 -1.49 11.48 27.83
CA ILE D 93 -0.15 11.36 28.37
C ILE D 93 0.13 9.90 28.70
N GLY D 94 1.20 9.36 28.14
CA GLY D 94 1.64 8.03 28.45
C GLY D 94 1.72 7.22 27.19
N GLY D 95 1.09 6.05 27.21
CA GLY D 95 1.14 5.17 26.06
C GLY D 95 2.02 4.01 26.44
N TRP D 96 1.94 2.91 25.66
CA TRP D 96 2.69 1.69 26.00
C TRP D 96 4.20 2.02 26.10
N THR D 97 4.66 2.70 25.07
CA THR D 97 5.98 3.24 24.90
C THR D 97 6.47 4.21 26.00
N TYR D 98 5.67 5.08 26.61
CA TYR D 98 6.19 6.00 27.63
C TYR D 98 5.81 5.59 29.05
N SER D 99 5.00 4.54 29.24
CA SER D 99 4.63 4.11 30.57
C SER D 99 5.72 3.54 31.49
N PRO D 100 6.91 3.07 31.06
CA PRO D 100 8.09 2.92 31.91
C PRO D 100 8.39 4.17 32.75
N ASN D 101 8.14 5.35 32.18
CA ASN D 101 8.33 6.52 32.98
C ASN D 101 7.10 7.24 33.53
N PHE D 102 6.30 6.46 34.26
CA PHE D 102 5.26 7.02 35.10
C PHE D 102 5.61 6.77 36.58
N LYS D 103 6.04 5.57 36.98
CA LYS D 103 6.31 5.21 38.37
C LYS D 103 7.19 6.10 39.27
N THR D 104 8.28 6.62 38.74
CA THR D 104 9.16 7.47 39.52
C THR D 104 8.55 8.81 39.91
N PRO D 105 7.97 9.71 39.08
CA PRO D 105 7.25 10.88 39.52
C PRO D 105 6.04 10.59 40.36
N ALA D 106 5.30 9.53 39.99
CA ALA D 106 4.11 9.15 40.72
C ALA D 106 4.34 8.74 42.18
N SER D 107 5.57 8.29 42.51
CA SER D 107 5.82 7.92 43.88
C SER D 107 6.00 9.13 44.79
N THR D 108 6.27 10.33 44.31
CA THR D 108 6.47 11.39 45.26
C THR D 108 5.45 12.47 45.03
N GLU D 109 5.24 13.22 46.10
CA GLU D 109 4.33 14.32 46.11
C GLU D 109 4.84 15.36 45.11
N GLU D 110 6.17 15.56 45.07
CA GLU D 110 6.76 16.58 44.22
C GLU D 110 6.46 16.22 42.77
N GLY D 111 6.68 14.94 42.47
CA GLY D 111 6.49 14.40 41.16
C GLY D 111 5.06 14.52 40.69
N ARG D 112 4.11 14.16 41.54
CA ARG D 112 2.70 14.26 41.19
C ARG D 112 2.24 15.70 41.05
N LYS D 113 2.63 16.56 41.99
CA LYS D 113 2.38 18.00 41.92
C LYS D 113 2.90 18.57 40.62
N LYS D 114 4.14 18.18 40.26
CA LYS D 114 4.79 18.64 39.04
C LYS D 114 4.05 18.10 37.84
N PHE D 115 3.55 16.85 37.88
CA PHE D 115 2.77 16.26 36.80
C PHE D 115 1.48 17.10 36.60
N ALA D 116 0.74 17.29 37.69
CA ALA D 116 -0.50 18.03 37.72
C ALA D 116 -0.33 19.43 37.15
N ASP D 117 0.71 20.14 37.61
CA ASP D 117 0.94 21.50 37.16
C ASP D 117 1.34 21.60 35.70
N THR D 118 2.22 20.74 35.22
CA THR D 118 2.65 20.82 33.85
C THR D 118 1.52 20.42 32.89
N SER D 119 0.76 19.41 33.29
CA SER D 119 -0.40 19.00 32.55
C SER D 119 -1.42 20.14 32.45
N LEU D 120 -1.70 20.82 33.56
CA LEU D 120 -2.66 21.90 33.49
C LEU D 120 -2.14 23.02 32.60
N LYS D 121 -0.85 23.34 32.75
CA LYS D 121 -0.18 24.38 31.97
C LYS D 121 -0.40 24.13 30.49
N LEU D 122 -0.09 22.90 30.08
CA LEU D 122 -0.24 22.42 28.73
C LEU D 122 -1.67 22.48 28.29
N MET D 123 -2.62 21.98 29.07
CA MET D 123 -4.04 22.03 28.73
C MET D 123 -4.54 23.47 28.45
N LYS D 124 -4.34 24.34 29.44
CA LYS D 124 -4.76 25.72 29.33
C LYS D 124 -3.91 26.52 28.32
N ASP D 125 -2.69 26.14 27.94
CA ASP D 125 -2.02 26.85 26.87
C ASP D 125 -2.41 26.42 25.47
N LEU D 126 -2.62 25.11 25.31
CA LEU D 126 -2.87 24.56 23.99
C LEU D 126 -4.34 24.41 23.62
N GLY D 127 -5.27 24.74 24.53
CA GLY D 127 -6.68 24.74 24.21
C GLY D 127 -7.36 23.39 24.35
N PHE D 128 -7.01 22.65 25.38
CA PHE D 128 -7.56 21.33 25.62
C PHE D 128 -8.70 21.38 26.63
N ASP D 129 -9.65 20.48 26.44
CA ASP D 129 -10.74 20.38 27.38
C ASP D 129 -10.40 19.54 28.60
N GLY D 130 -9.29 18.82 28.58
CA GLY D 130 -8.86 18.08 29.74
C GLY D 130 -7.66 17.23 29.42
N ILE D 131 -7.31 16.35 30.35
CA ILE D 131 -6.19 15.47 30.13
C ILE D 131 -6.62 14.03 30.49
N ASP D 132 -5.94 13.13 29.76
CA ASP D 132 -6.08 11.68 29.79
C ASP D 132 -4.74 11.03 30.06
N ILE D 133 -4.63 10.25 31.10
CA ILE D 133 -3.43 9.48 31.41
C ILE D 133 -3.62 8.08 30.84
N ASP D 134 -2.53 7.52 30.33
CA ASP D 134 -2.47 6.15 29.85
C ASP D 134 -1.22 5.46 30.41
N TRP D 135 -1.32 5.03 31.68
CA TRP D 135 -0.24 4.33 32.37
C TRP D 135 -0.52 2.82 32.30
N GLU D 136 0.30 2.19 31.47
CA GLU D 136 0.22 0.77 31.22
C GLU D 136 1.45 0.04 31.75
N TYR D 137 1.41 -0.49 32.98
CA TYR D 137 0.25 -0.44 33.86
C TYR D 137 0.78 -0.24 35.28
N PRO D 138 0.19 0.38 36.33
CA PRO D 138 0.72 0.33 37.70
C PRO D 138 1.03 -1.12 38.05
N GLU D 139 2.30 -1.52 38.11
CA GLU D 139 2.65 -2.91 38.27
C GLU D 139 2.60 -3.46 39.68
N ASP D 140 2.44 -2.64 40.70
CA ASP D 140 2.37 -3.16 42.06
C ASP D 140 1.36 -2.34 42.85
N GLU D 141 1.19 -2.73 44.12
CA GLU D 141 0.24 -2.11 45.04
C GLU D 141 0.49 -0.61 45.29
N LYS D 142 1.78 -0.30 45.44
CA LYS D 142 2.24 1.07 45.66
C LYS D 142 1.93 1.96 44.45
N GLN D 143 2.23 1.43 43.25
CA GLN D 143 2.03 2.18 42.03
C GLN D 143 0.55 2.45 41.84
N ALA D 144 -0.30 1.51 42.27
CA ALA D 144 -1.73 1.67 42.22
C ALA D 144 -2.23 2.78 43.14
N ASN D 145 -1.77 2.82 44.38
CA ASN D 145 -2.12 3.92 45.28
C ASN D 145 -1.60 5.25 44.71
N ASP D 146 -0.43 5.16 44.11
CA ASP D 146 0.20 6.30 43.49
C ASP D 146 -0.66 6.81 42.37
N PHE D 147 -1.29 5.89 41.64
CA PHE D 147 -2.15 6.26 40.55
C PHE D 147 -3.39 6.98 41.08
N VAL D 148 -3.96 6.56 42.21
CA VAL D 148 -5.10 7.25 42.77
C VAL D 148 -4.65 8.66 43.14
N LEU D 149 -3.53 8.79 43.86
CA LEU D 149 -3.04 10.09 44.28
C LEU D 149 -2.69 11.00 43.13
N LEU D 150 -2.15 10.45 42.04
CA LEU D 150 -1.81 11.23 40.87
C LEU D 150 -3.07 11.81 40.24
N LEU D 151 -4.10 10.95 40.20
CA LEU D 151 -5.40 11.29 39.64
C LEU D 151 -5.95 12.44 40.43
N LYS D 152 -5.90 12.30 41.75
CA LYS D 152 -6.29 13.33 42.69
C LYS D 152 -5.55 14.65 42.47
N ALA D 153 -4.24 14.58 42.22
CA ALA D 153 -3.42 15.73 41.90
C ALA D 153 -4.02 16.46 40.69
N CYS D 154 -4.25 15.70 39.63
CA CYS D 154 -4.76 16.26 38.39
C CYS D 154 -6.16 16.80 38.56
N ARG D 155 -7.02 16.14 39.32
CA ARG D 155 -8.41 16.58 39.51
C ARG D 155 -8.39 17.90 40.26
N GLU D 156 -7.60 17.96 41.32
CA GLU D 156 -7.42 19.19 42.08
C GLU D 156 -6.81 20.33 41.24
N ALA D 157 -5.85 20.00 40.37
CA ALA D 157 -5.26 20.96 39.48
C ALA D 157 -6.27 21.62 38.55
N LEU D 158 -6.99 20.82 37.77
CA LEU D 158 -7.97 21.28 36.83
C LEU D 158 -9.11 22.07 37.46
N ASP D 159 -9.58 21.59 38.60
CA ASP D 159 -10.61 22.27 39.35
C ASP D 159 -10.21 23.64 39.84
N ALA D 160 -8.95 23.80 40.31
CA ALA D 160 -8.42 25.08 40.75
C ALA D 160 -8.46 26.10 39.62
N TYR D 161 -8.16 25.65 38.42
CA TYR D 161 -8.21 26.52 37.24
C TYR D 161 -9.65 26.94 36.87
N SER D 162 -10.60 26.02 37.00
CA SER D 162 -11.99 26.33 36.79
C SER D 162 -12.48 27.29 37.86
N ALA D 163 -12.00 27.14 39.10
CA ALA D 163 -12.39 28.05 40.17
C ALA D 163 -11.93 29.46 39.80
N LYS D 164 -10.72 29.56 39.25
CA LYS D 164 -10.19 30.81 38.72
C LYS D 164 -10.97 31.30 37.51
N HIS D 165 -11.94 30.61 36.95
CA HIS D 165 -12.66 31.09 35.78
C HIS D 165 -14.10 30.59 35.80
N PRO D 166 -14.93 31.06 36.76
CA PRO D 166 -16.22 30.46 37.05
C PRO D 166 -17.20 30.60 35.88
N ASN D 167 -17.05 31.63 35.05
CA ASN D 167 -17.91 31.76 33.89
C ASN D 167 -17.44 30.90 32.74
N GLY D 168 -16.42 30.08 32.93
CA GLY D 168 -15.91 29.26 31.87
C GLY D 168 -16.36 27.83 32.15
N LYS D 169 -15.64 26.82 31.65
CA LYS D 169 -16.10 25.46 31.84
C LYS D 169 -15.33 24.65 32.87
N LYS D 170 -15.95 23.54 33.27
CA LYS D 170 -15.29 22.55 34.10
C LYS D 170 -14.42 21.71 33.12
N PHE D 171 -13.33 21.09 33.58
CA PHE D 171 -12.45 20.34 32.70
C PHE D 171 -12.38 18.82 32.90
N LEU D 172 -12.06 18.06 31.85
CA LEU D 172 -12.08 16.60 31.93
C LEU D 172 -10.80 15.91 32.34
N LEU D 173 -10.93 14.72 32.94
CA LEU D 173 -9.83 13.90 33.40
C LEU D 173 -10.25 12.47 33.16
N THR D 174 -9.56 11.78 32.26
CA THR D 174 -9.88 10.40 31.97
C THR D 174 -8.63 9.54 32.03
N ILE D 175 -8.78 8.23 31.86
CA ILE D 175 -7.66 7.28 31.73
C ILE D 175 -8.08 6.22 30.71
N ALA D 176 -7.04 5.70 30.06
CA ALA D 176 -7.15 4.55 29.17
C ALA D 176 -6.95 3.37 30.13
N SER D 177 -7.81 2.37 30.21
CA SER D 177 -7.63 1.37 31.23
C SER D 177 -7.46 -0.08 30.75
N PRO D 178 -6.94 -1.01 31.56
CA PRO D 178 -6.85 -2.44 31.26
C PRO D 178 -8.09 -3.36 31.23
N ALA D 179 -8.32 -4.03 30.12
CA ALA D 179 -9.36 -5.04 30.08
C ALA D 179 -8.83 -6.40 30.56
N GLY D 180 -7.51 -6.61 30.69
CA GLY D 180 -6.99 -7.86 31.20
C GLY D 180 -7.10 -7.91 32.71
N PRO D 181 -7.67 -8.95 33.31
CA PRO D 181 -7.80 -9.12 34.76
C PRO D 181 -6.51 -8.97 35.55
N GLN D 182 -5.39 -9.54 35.07
CA GLN D 182 -4.11 -9.46 35.75
C GLN D 182 -3.58 -8.04 35.90
N ASN D 183 -4.13 -7.09 35.14
CA ASN D 183 -3.81 -5.70 35.37
C ASN D 183 -4.87 -4.97 36.14
N TYR D 184 -6.15 -4.98 35.74
CA TYR D 184 -7.12 -4.18 36.50
C TYR D 184 -7.32 -4.66 37.92
N ASN D 185 -6.99 -5.91 38.26
CA ASN D 185 -7.16 -6.37 39.64
C ASN D 185 -6.17 -5.80 40.62
N LYS D 186 -5.15 -5.12 40.07
CA LYS D 186 -4.18 -4.44 40.91
C LYS D 186 -4.71 -3.03 41.19
N LEU D 187 -5.55 -2.51 40.30
CA LEU D 187 -6.00 -1.15 40.39
C LEU D 187 -7.07 -0.91 41.43
N LYS D 188 -6.98 0.23 42.08
CA LYS D 188 -8.01 0.67 43.01
C LYS D 188 -9.02 1.50 42.24
N LEU D 189 -9.73 0.73 41.41
CA LEU D 189 -10.74 1.23 40.48
C LEU D 189 -11.79 2.18 41.07
N ALA D 190 -12.44 1.84 42.20
CA ALA D 190 -13.50 2.67 42.75
C ALA D 190 -13.00 3.97 43.40
N GLU D 191 -11.77 3.98 43.93
CA GLU D 191 -11.22 5.19 44.53
C GLU D 191 -10.82 6.04 43.35
N MET D 192 -10.23 5.44 42.33
CA MET D 192 -9.82 6.14 41.12
C MET D 192 -11.00 6.82 40.45
N ASP D 193 -12.13 6.09 40.36
CA ASP D 193 -13.35 6.58 39.73
C ASP D 193 -13.82 7.94 40.26
N LYS D 194 -13.63 8.19 41.56
CA LYS D 194 -14.00 9.44 42.16
C LYS D 194 -13.49 10.66 41.39
N TYR D 195 -12.34 10.55 40.72
CA TYR D 195 -11.68 11.66 40.06
C TYR D 195 -12.00 11.77 38.60
N LEU D 196 -12.54 10.71 38.04
CA LEU D 196 -12.61 10.65 36.59
C LEU D 196 -13.92 11.03 35.97
N ASP D 197 -13.81 11.65 34.83
CA ASP D 197 -14.98 11.92 34.02
C ASP D 197 -15.54 10.62 33.41
N PHE D 198 -14.66 9.77 32.88
CA PHE D 198 -15.00 8.48 32.35
C PHE D 198 -13.73 7.67 32.16
N TRP D 199 -13.93 6.40 31.76
CA TRP D 199 -12.88 5.42 31.61
C TRP D 199 -12.93 4.97 30.17
N ASN D 200 -11.78 4.88 29.50
CA ASN D 200 -11.70 4.37 28.13
C ASN D 200 -11.01 3.01 28.26
N LEU D 201 -11.87 2.02 28.34
CA LEU D 201 -11.47 0.64 28.52
C LEU D 201 -10.87 0.12 27.21
N MET D 202 -9.60 -0.27 27.23
CA MET D 202 -8.91 -0.79 26.06
C MET D 202 -9.26 -2.26 25.94
N ALA D 203 -10.45 -2.49 25.40
CA ALA D 203 -11.00 -3.82 25.23
C ALA D 203 -10.54 -4.43 23.91
N TYR D 204 -9.23 -4.59 23.81
CA TYR D 204 -8.55 -5.06 22.63
C TYR D 204 -7.12 -5.46 23.00
N ASP D 205 -6.36 -5.94 22.02
CA ASP D 205 -5.03 -6.52 22.21
C ASP D 205 -5.04 -7.73 23.14
N PHE D 206 -6.13 -8.48 22.98
CA PHE D 206 -6.38 -9.71 23.73
C PHE D 206 -5.58 -10.85 23.13
N SER D 207 -5.31 -10.78 21.85
CA SER D 207 -4.46 -11.76 21.23
C SER D 207 -3.48 -11.07 20.30
N GLY D 208 -2.28 -11.63 20.10
CA GLY D 208 -1.28 -11.08 19.19
C GLY D 208 -0.01 -11.89 19.30
N SER D 209 1.10 -11.37 18.76
CA SER D 209 2.41 -12.05 18.62
C SER D 209 2.96 -12.85 19.78
N TRP D 210 2.61 -12.31 20.94
CA TRP D 210 2.94 -12.90 22.20
C TRP D 210 2.28 -14.24 22.52
N ASP D 211 1.26 -14.68 21.80
CA ASP D 211 0.53 -15.88 22.19
C ASP D 211 0.97 -17.12 21.42
N LYS D 212 0.46 -18.30 21.77
CA LYS D 212 0.80 -19.46 20.98
C LYS D 212 -0.29 -19.97 20.03
N VAL D 213 -1.53 -19.56 20.26
CA VAL D 213 -2.67 -19.93 19.44
C VAL D 213 -3.30 -18.61 18.97
N SER D 214 -3.83 -18.59 17.75
CA SER D 214 -4.47 -17.40 17.21
C SER D 214 -5.76 -17.22 17.98
N GLY D 215 -6.05 -16.00 18.40
CA GLY D 215 -7.23 -15.77 19.19
C GLY D 215 -7.92 -14.56 18.63
N HIS D 216 -9.00 -14.28 19.32
CA HIS D 216 -9.79 -13.11 19.02
C HIS D 216 -9.13 -11.99 19.81
N MET D 217 -8.89 -10.84 19.19
CA MET D 217 -8.13 -9.81 19.89
C MET D 217 -8.94 -8.75 20.58
N SER D 218 -10.24 -8.66 20.40
CA SER D 218 -11.09 -7.69 21.03
C SER D 218 -12.52 -8.24 21.16
N ASN D 219 -12.69 -9.54 21.38
CA ASN D 219 -14.04 -10.10 21.44
C ASN D 219 -14.80 -9.67 22.70
N VAL D 220 -16.13 -9.56 22.52
CA VAL D 220 -17.00 -9.20 23.60
C VAL D 220 -17.21 -10.36 24.55
N PHE D 221 -17.56 -11.55 24.06
CA PHE D 221 -17.88 -12.66 24.96
C PHE D 221 -16.97 -13.88 24.82
N PRO D 222 -16.72 -14.64 25.89
CA PRO D 222 -15.98 -15.89 25.84
C PRO D 222 -16.64 -16.94 24.96
N SER D 223 -15.83 -17.60 24.13
CA SER D 223 -16.28 -18.74 23.35
C SER D 223 -16.35 -19.96 24.28
N THR D 224 -17.53 -20.51 24.52
CA THR D 224 -17.62 -21.71 25.34
C THR D 224 -17.20 -22.88 24.48
N THR D 225 -17.47 -22.78 23.18
CA THR D 225 -17.21 -23.90 22.32
C THR D 225 -15.70 -24.02 22.16
N LYS D 226 -15.02 -22.86 22.02
CA LYS D 226 -13.62 -22.90 21.67
C LYS D 226 -12.85 -21.99 22.58
N PRO D 227 -12.72 -22.30 23.88
CA PRO D 227 -12.03 -21.46 24.87
C PRO D 227 -10.68 -20.90 24.42
N GLU D 228 -9.90 -21.74 23.75
CA GLU D 228 -8.60 -21.30 23.26
C GLU D 228 -8.66 -20.14 22.26
N SER D 229 -9.78 -19.91 21.59
CA SER D 229 -9.89 -18.77 20.70
C SER D 229 -10.22 -17.46 21.44
N THR D 230 -10.62 -17.49 22.72
CA THR D 230 -10.94 -16.26 23.42
C THR D 230 -10.29 -16.21 24.80
N PRO D 231 -8.96 -15.97 24.91
CA PRO D 231 -8.27 -15.74 26.18
C PRO D 231 -8.81 -14.60 27.03
N PHE D 232 -9.40 -13.57 26.44
CA PHE D 232 -9.99 -12.47 27.20
C PHE D 232 -11.37 -12.20 26.61
N SER D 233 -12.06 -11.17 27.10
CA SER D 233 -13.36 -10.75 26.58
C SER D 233 -13.68 -9.43 27.25
N SER D 234 -14.26 -8.50 26.48
CA SER D 234 -14.71 -7.19 26.97
C SER D 234 -15.57 -7.38 28.23
N ASP D 235 -16.57 -8.25 28.10
CA ASP D 235 -17.56 -8.53 29.10
C ASP D 235 -17.04 -8.86 30.48
N LYS D 236 -15.99 -9.66 30.54
CA LYS D 236 -15.34 -9.96 31.80
C LYS D 236 -14.86 -8.64 32.42
N ALA D 237 -14.16 -7.80 31.66
CA ALA D 237 -13.68 -6.54 32.18
C ALA D 237 -14.76 -5.58 32.67
N VAL D 238 -15.77 -5.32 31.85
CA VAL D 238 -16.84 -4.39 32.16
C VAL D 238 -17.59 -4.84 33.42
N LYS D 239 -18.12 -6.07 33.50
CA LYS D 239 -18.81 -6.46 34.71
C LYS D 239 -17.89 -6.56 35.93
N ASP D 240 -16.58 -6.74 35.74
CA ASP D 240 -15.62 -6.72 36.84
C ASP D 240 -15.38 -5.31 37.36
N TYR D 241 -15.37 -4.30 36.48
CA TYR D 241 -15.27 -2.90 36.88
C TYR D 241 -16.52 -2.52 37.66
N ILE D 242 -17.69 -3.00 37.15
CA ILE D 242 -18.98 -2.71 37.75
C ILE D 242 -19.04 -3.39 39.10
N LYS D 243 -18.66 -4.66 39.30
CA LYS D 243 -18.61 -5.22 40.64
C LYS D 243 -17.65 -4.44 41.50
N ALA D 244 -16.56 -3.91 40.91
CA ALA D 244 -15.59 -3.08 41.65
C ALA D 244 -16.15 -1.73 42.07
N GLY D 245 -17.19 -1.28 41.38
CA GLY D 245 -17.85 -0.05 41.75
C GLY D 245 -17.71 1.07 40.73
N VAL D 246 -17.31 0.80 39.49
CA VAL D 246 -17.33 1.90 38.52
C VAL D 246 -18.77 1.86 37.98
N PRO D 247 -19.46 3.01 37.93
CA PRO D 247 -20.67 3.21 37.15
C PRO D 247 -20.47 2.81 35.70
N ALA D 248 -21.31 1.93 35.17
CA ALA D 248 -21.22 1.49 33.77
C ALA D 248 -21.27 2.60 32.74
N ASN D 249 -22.12 3.60 33.02
CA ASN D 249 -22.26 4.74 32.13
C ASN D 249 -20.95 5.52 32.08
N LYS D 250 -19.98 5.29 32.97
CA LYS D 250 -18.67 5.94 32.90
C LYS D 250 -17.63 5.07 32.19
N ILE D 251 -17.97 3.85 31.79
CA ILE D 251 -17.09 2.95 31.07
C ILE D 251 -17.34 3.09 29.58
N VAL D 252 -16.39 3.61 28.83
CA VAL D 252 -16.49 3.76 27.40
C VAL D 252 -15.74 2.57 26.80
N LEU D 253 -16.41 1.75 26.00
CA LEU D 253 -15.87 0.53 25.42
C LEU D 253 -14.95 0.82 24.22
N GLY D 254 -13.64 0.55 24.42
CA GLY D 254 -12.63 0.71 23.40
C GLY D 254 -12.77 -0.31 22.28
N MET D 255 -12.67 0.12 21.05
CA MET D 255 -12.76 -0.73 19.89
C MET D 255 -11.57 -0.36 18.99
N PRO D 256 -10.91 -1.36 18.41
CA PRO D 256 -9.78 -1.15 17.55
C PRO D 256 -10.16 -0.72 16.14
N LEU D 257 -9.40 0.12 15.47
CA LEU D 257 -9.65 0.35 14.07
C LEU D 257 -8.53 -0.25 13.24
N TYR D 258 -7.83 -1.25 13.81
CA TYR D 258 -6.72 -2.01 13.20
C TYR D 258 -7.02 -3.49 13.54
N GLY D 259 -6.25 -4.44 12.98
CA GLY D 259 -6.45 -5.84 13.25
C GLY D 259 -5.15 -6.56 13.47
N ARG D 260 -5.12 -7.54 14.36
CA ARG D 260 -3.91 -8.33 14.58
C ARG D 260 -3.91 -9.70 13.86
N ALA D 261 -2.81 -9.88 13.14
CA ALA D 261 -2.52 -10.99 12.29
C ALA D 261 -1.74 -12.14 12.89
N PHE D 262 -1.88 -13.33 12.28
CA PHE D 262 -1.20 -14.54 12.72
C PHE D 262 -0.74 -15.28 11.46
N ALA D 263 0.49 -15.78 11.37
CA ALA D 263 0.95 -16.48 10.18
C ALA D 263 1.09 -18.00 10.43
N SER D 264 1.02 -18.86 9.41
CA SER D 264 1.10 -20.31 9.52
C SER D 264 0.07 -20.84 10.51
N THR D 265 -1.19 -20.60 10.18
CA THR D 265 -2.29 -20.96 11.05
C THR D 265 -3.24 -21.76 10.20
N ASP D 266 -4.05 -22.62 10.84
CA ASP D 266 -5.14 -23.29 10.14
C ASP D 266 -6.29 -22.34 10.37
N GLY D 267 -6.43 -21.80 11.56
CA GLY D 267 -7.48 -20.85 11.81
C GLY D 267 -7.50 -20.45 13.27
N ILE D 268 -8.61 -19.82 13.62
CA ILE D 268 -8.78 -19.33 14.95
C ILE D 268 -8.62 -20.53 15.90
N GLY D 269 -7.91 -20.25 16.97
CA GLY D 269 -7.65 -21.23 17.99
C GLY D 269 -6.54 -22.22 17.67
N THR D 270 -5.90 -22.15 16.50
CA THR D 270 -4.81 -23.07 16.21
C THR D 270 -3.48 -22.35 16.39
N SER D 271 -2.35 -23.03 16.40
CA SER D 271 -1.04 -22.41 16.50
C SER D 271 -0.61 -21.68 15.24
N PHE D 272 0.24 -20.68 15.42
CA PHE D 272 0.70 -19.86 14.30
C PHE D 272 2.18 -19.67 14.59
N ASN D 273 2.93 -19.23 13.61
CA ASN D 273 4.34 -18.99 13.79
C ASN D 273 4.51 -17.74 12.96
N GLY D 274 4.87 -16.64 13.61
CA GLY D 274 4.99 -15.42 12.87
C GLY D 274 3.65 -14.72 12.80
N VAL D 275 3.70 -13.45 12.44
CA VAL D 275 2.51 -12.65 12.36
C VAL D 275 2.50 -11.95 11.02
N GLY D 276 3.53 -12.07 10.18
CA GLY D 276 3.56 -11.42 8.87
C GLY D 276 3.87 -9.94 8.95
N GLY D 277 3.44 -9.25 7.91
CA GLY D 277 3.60 -7.83 7.81
C GLY D 277 2.53 -7.08 8.57
N GLY D 278 2.22 -5.91 8.05
CA GLY D 278 1.24 -5.06 8.66
C GLY D 278 1.14 -3.84 7.82
N SER D 279 0.27 -2.90 8.18
CA SER D 279 0.17 -1.69 7.39
C SER D 279 1.30 -0.71 7.73
N TRP D 280 1.73 -0.74 8.98
CA TRP D 280 2.75 0.15 9.48
C TRP D 280 3.72 -0.63 10.35
N GLU D 281 3.33 -1.67 11.07
CA GLU D 281 4.26 -2.43 11.87
C GLU D 281 3.95 -3.89 11.61
N ASN D 282 4.71 -4.89 12.05
CA ASN D 282 4.41 -6.28 11.72
C ASN D 282 3.32 -6.74 12.67
N GLY D 283 2.48 -7.62 12.11
CA GLY D 283 1.31 -8.23 12.74
C GLY D 283 0.11 -7.31 12.98
N VAL D 284 0.11 -6.06 12.49
CA VAL D 284 -0.94 -5.11 12.77
C VAL D 284 -1.36 -4.49 11.43
N TRP D 285 -2.63 -4.56 11.06
CA TRP D 285 -3.14 -4.05 9.79
C TRP D 285 -4.23 -3.01 10.02
N ASP D 286 -4.26 -1.92 9.26
CA ASP D 286 -5.32 -0.93 9.40
C ASP D 286 -6.57 -1.56 8.88
N TYR D 287 -7.67 -1.35 9.59
CA TYR D 287 -8.96 -1.85 9.16
C TYR D 287 -9.29 -1.46 7.72
N LYS D 288 -8.96 -0.24 7.24
CA LYS D 288 -9.28 0.16 5.88
C LYS D 288 -8.51 -0.58 4.80
N ASP D 289 -7.58 -1.44 5.22
CA ASP D 289 -6.88 -2.34 4.32
C ASP D 289 -7.50 -3.71 4.30
N MET D 290 -8.49 -3.87 5.17
CA MET D 290 -9.16 -5.12 5.31
C MET D 290 -10.35 -4.99 4.38
N PRO D 291 -10.81 -6.06 3.72
CA PRO D 291 -10.23 -7.38 3.77
C PRO D 291 -9.25 -7.58 2.63
N GLN D 292 -8.17 -8.27 2.99
CA GLN D 292 -7.14 -8.62 2.03
C GLN D 292 -7.59 -9.70 1.05
N GLN D 293 -7.15 -9.48 -0.21
CA GLN D 293 -7.45 -10.38 -1.31
C GLN D 293 -7.13 -11.84 -0.99
N GLY D 294 -8.14 -12.70 -1.26
CA GLY D 294 -7.98 -14.11 -1.05
C GLY D 294 -8.26 -14.53 0.37
N ALA D 295 -8.77 -13.68 1.26
CA ALA D 295 -9.15 -14.14 2.59
C ALA D 295 -10.67 -14.10 2.74
N GLN D 296 -11.23 -15.08 3.44
CA GLN D 296 -12.67 -15.08 3.65
C GLN D 296 -12.86 -14.61 5.08
N VAL D 297 -13.86 -13.75 5.20
CA VAL D 297 -14.14 -13.14 6.48
C VAL D 297 -15.19 -13.91 7.25
N THR D 298 -14.89 -14.29 8.48
CA THR D 298 -15.81 -14.99 9.32
C THR D 298 -16.30 -14.00 10.36
N GLU D 299 -17.63 -13.93 10.62
CA GLU D 299 -18.20 -13.05 11.64
C GLU D 299 -18.90 -13.91 12.66
N LEU D 300 -18.46 -13.90 13.89
CA LEU D 300 -19.09 -14.67 14.92
C LEU D 300 -19.83 -13.70 15.81
N GLU D 301 -21.08 -13.40 15.41
CA GLU D 301 -21.95 -12.49 16.12
C GLU D 301 -22.21 -12.80 17.57
N ASP D 302 -22.40 -14.06 17.96
CA ASP D 302 -22.72 -14.33 19.35
C ASP D 302 -21.63 -13.92 20.36
N ILE D 303 -20.36 -13.90 19.96
CA ILE D 303 -19.32 -13.44 20.87
C ILE D 303 -18.75 -12.07 20.46
N ALA D 304 -19.37 -11.56 19.39
CA ALA D 304 -19.04 -10.36 18.63
C ALA D 304 -17.54 -10.27 18.39
N ALA D 305 -17.15 -11.08 17.40
CA ALA D 305 -15.77 -11.24 16.98
C ALA D 305 -15.71 -11.56 15.51
N SER D 306 -14.74 -11.10 14.74
CA SER D 306 -14.60 -11.51 13.36
C SER D 306 -13.13 -11.60 13.02
N TYR D 307 -12.83 -12.18 11.85
CA TYR D 307 -11.47 -12.30 11.34
C TYR D 307 -11.44 -12.58 9.85
N SER D 308 -10.35 -12.26 9.17
CA SER D 308 -10.17 -12.75 7.83
C SER D 308 -9.16 -13.91 7.99
N TYR D 309 -9.24 -14.87 7.06
CA TYR D 309 -8.31 -15.95 7.02
C TYR D 309 -8.14 -16.30 5.55
N ASP D 310 -6.86 -16.44 5.15
CA ASP D 310 -6.48 -16.88 3.80
C ASP D 310 -5.98 -18.32 3.95
N LYS D 311 -6.81 -19.23 3.42
CA LYS D 311 -6.62 -20.68 3.43
C LYS D 311 -5.30 -21.07 2.76
N ASN D 312 -4.96 -20.40 1.65
CA ASN D 312 -3.69 -20.69 0.98
C ASN D 312 -2.51 -20.15 1.80
N LYS D 313 -2.37 -18.84 1.99
CA LYS D 313 -1.25 -18.33 2.76
C LYS D 313 -1.33 -18.64 4.25
N ARG D 314 -2.35 -19.34 4.73
CA ARG D 314 -2.48 -19.71 6.14
C ARG D 314 -2.34 -18.56 7.16
N TYR D 315 -2.95 -17.43 6.82
CA TYR D 315 -2.84 -16.18 7.57
C TYR D 315 -4.20 -15.68 8.09
N LEU D 316 -4.25 -15.41 9.38
CA LEU D 316 -5.44 -14.99 10.11
C LEU D 316 -5.32 -13.52 10.58
N ILE D 317 -6.29 -12.63 10.38
CA ILE D 317 -6.20 -11.27 10.88
C ILE D 317 -7.49 -11.03 11.68
N SER D 318 -7.36 -10.89 12.99
CA SER D 318 -8.47 -10.59 13.86
C SER D 318 -8.77 -9.11 13.76
N TYR D 319 -9.98 -8.73 13.33
CA TYR D 319 -10.42 -7.34 13.27
C TYR D 319 -11.93 -7.32 13.22
N ASP D 320 -12.57 -6.19 13.50
CA ASP D 320 -14.02 -6.03 13.49
C ASP D 320 -14.52 -5.63 12.12
N THR D 321 -15.65 -6.23 11.78
CA THR D 321 -16.39 -5.83 10.58
C THR D 321 -17.56 -4.93 11.06
N VAL D 322 -18.32 -4.32 10.14
CA VAL D 322 -19.47 -3.48 10.50
C VAL D 322 -20.52 -4.24 11.29
N LYS D 323 -20.73 -5.50 10.93
CA LYS D 323 -21.69 -6.33 11.63
C LYS D 323 -21.23 -6.46 13.06
N ILE D 324 -19.91 -6.62 13.26
CA ILE D 324 -19.40 -6.81 14.62
C ILE D 324 -19.44 -5.52 15.38
N ALA D 325 -19.11 -4.40 14.73
CA ALA D 325 -19.13 -3.10 15.37
C ALA D 325 -20.55 -2.79 15.88
N GLY D 326 -21.52 -3.24 15.07
CA GLY D 326 -22.92 -3.13 15.37
C GLY D 326 -23.29 -3.92 16.63
N LYS D 327 -22.76 -5.14 16.73
CA LYS D 327 -22.99 -5.96 17.91
C LYS D 327 -22.33 -5.31 19.12
N LYS D 328 -21.23 -4.58 18.92
CA LYS D 328 -20.55 -3.90 19.99
C LYS D 328 -21.40 -2.73 20.41
N ALA D 329 -21.92 -1.93 19.48
CA ALA D 329 -22.83 -0.82 19.79
C ALA D 329 -23.98 -1.32 20.66
N GLU D 330 -24.55 -2.44 20.19
CA GLU D 330 -25.61 -3.17 20.88
C GLU D 330 -25.29 -3.46 22.34
N TYR D 331 -24.06 -3.90 22.62
CA TYR D 331 -23.66 -4.21 23.96
C TYR D 331 -23.59 -2.92 24.75
N ILE D 332 -23.06 -1.84 24.16
CA ILE D 332 -22.93 -0.54 24.83
C ILE D 332 -24.31 -0.02 25.27
N THR D 333 -25.29 0.03 24.34
CA THR D 333 -26.66 0.45 24.65
C THR D 333 -27.31 -0.49 25.66
N LYS D 334 -27.40 -1.77 25.30
CA LYS D 334 -27.99 -2.79 26.17
C LYS D 334 -27.50 -2.72 27.61
N ASN D 335 -26.21 -2.50 27.80
CA ASN D 335 -25.67 -2.48 29.15
C ASN D 335 -25.56 -1.08 29.77
N GLY D 336 -26.01 -0.06 29.05
CA GLY D 336 -26.01 1.31 29.56
C GLY D 336 -24.63 1.79 29.94
N MET D 337 -23.70 1.54 29.01
CA MET D 337 -22.32 1.94 29.14
C MET D 337 -22.10 3.39 28.65
N GLY D 338 -20.94 3.99 28.90
CA GLY D 338 -20.68 5.37 28.49
C GLY D 338 -20.52 5.65 27.00
N GLY D 339 -20.42 4.66 26.12
CA GLY D 339 -20.20 4.95 24.71
C GLY D 339 -19.03 4.15 24.17
N GLY D 340 -18.56 4.58 23.02
CA GLY D 340 -17.51 3.86 22.32
C GLY D 340 -16.28 4.72 22.18
N MET D 341 -15.13 4.05 22.22
CA MET D 341 -13.84 4.69 22.07
C MET D 341 -13.09 3.97 20.95
N TRP D 342 -12.34 4.67 20.11
CA TRP D 342 -11.57 4.03 19.07
C TRP D 342 -10.09 4.43 19.01
N TRP D 343 -9.21 3.42 18.88
CA TRP D 343 -7.77 3.57 18.64
C TRP D 343 -7.52 2.91 17.26
N GLU D 344 -7.16 3.70 16.25
CA GLU D 344 -6.99 5.15 16.37
C GLU D 344 -7.47 5.77 15.07
N SER D 345 -7.87 7.05 15.05
CA SER D 345 -8.51 7.67 13.89
C SER D 345 -8.08 7.47 12.43
N SER D 346 -6.88 7.03 12.06
CA SER D 346 -6.55 6.98 10.64
C SER D 346 -6.87 5.66 9.94
N SER D 347 -7.06 4.62 10.73
CA SER D 347 -7.17 3.31 10.16
C SER D 347 -8.59 2.90 9.79
N ASP D 348 -9.53 3.81 10.06
CA ASP D 348 -10.92 3.53 9.78
C ASP D 348 -11.30 3.86 8.35
N LYS D 349 -12.31 3.15 7.88
CA LYS D 349 -12.87 3.43 6.56
C LYS D 349 -13.92 4.55 6.68
N THR D 350 -14.45 4.96 5.54
CA THR D 350 -15.45 5.99 5.54
C THR D 350 -16.78 5.44 5.04
N GLY D 351 -17.77 6.31 4.99
CA GLY D 351 -19.08 6.00 4.42
C GLY D 351 -19.78 4.88 5.16
N ASN D 352 -20.44 4.06 4.37
CA ASN D 352 -21.16 2.92 4.91
C ASN D 352 -20.26 1.90 5.54
N GLU D 353 -18.96 1.94 5.23
CA GLU D 353 -18.03 1.03 5.85
C GLU D 353 -17.31 1.60 7.07
N SER D 354 -17.67 2.79 7.56
CA SER D 354 -17.03 3.30 8.75
C SER D 354 -17.47 2.50 9.95
N LEU D 355 -16.53 1.86 10.64
CA LEU D 355 -16.86 1.16 11.89
C LEU D 355 -17.43 2.10 12.93
N VAL D 356 -16.86 3.31 12.98
CA VAL D 356 -17.30 4.32 13.93
C VAL D 356 -18.73 4.76 13.54
N GLY D 357 -18.94 5.04 12.24
CA GLY D 357 -20.25 5.37 11.70
C GLY D 357 -21.30 4.38 12.17
N THR D 358 -20.94 3.11 11.95
CA THR D 358 -21.74 1.98 12.37
C THR D 358 -22.10 2.03 13.87
N VAL D 359 -21.14 2.32 14.75
CA VAL D 359 -21.43 2.33 16.18
C VAL D 359 -22.27 3.53 16.54
N VAL D 360 -22.07 4.70 15.92
CA VAL D 360 -22.83 5.90 16.31
C VAL D 360 -24.31 5.69 15.97
N ASN D 361 -24.57 5.18 14.78
CA ASN D 361 -25.90 4.78 14.34
C ASN D 361 -26.53 3.72 15.24
N GLY D 362 -25.86 2.67 15.68
CA GLY D 362 -26.42 1.72 16.62
C GLY D 362 -26.58 2.34 17.99
N LEU D 363 -25.96 3.47 18.24
CA LEU D 363 -26.15 4.20 19.47
C LEU D 363 -27.40 5.07 19.38
N GLY D 364 -27.97 5.17 18.17
CA GLY D 364 -29.16 5.95 17.93
C GLY D 364 -28.85 7.20 17.14
N GLY D 365 -27.66 7.21 16.55
CA GLY D 365 -27.17 8.33 15.77
C GLY D 365 -26.62 9.41 16.68
N THR D 366 -26.18 10.52 16.08
CA THR D 366 -25.52 11.58 16.82
C THR D 366 -26.39 12.21 17.86
N GLY D 367 -27.72 12.19 17.61
CA GLY D 367 -28.71 12.72 18.52
C GLY D 367 -28.65 12.06 19.89
N LYS D 368 -28.09 10.87 19.96
CA LYS D 368 -27.96 10.20 21.22
C LYS D 368 -26.58 10.39 21.83
N LEU D 369 -25.72 11.18 21.20
CA LEU D 369 -24.42 11.41 21.78
C LEU D 369 -24.51 12.50 22.85
N GLU D 370 -23.63 12.42 23.86
CA GLU D 370 -23.56 13.30 25.01
C GLU D 370 -23.31 14.72 24.51
N GLN D 371 -24.20 15.64 24.91
CA GLN D 371 -24.11 17.02 24.49
C GLN D 371 -23.40 17.73 25.63
N ARG D 372 -22.12 18.04 25.47
CA ARG D 372 -21.38 18.79 26.46
C ARG D 372 -20.58 19.80 25.64
N GLU D 373 -20.87 21.08 25.79
CA GLU D 373 -20.18 22.04 24.96
C GLU D 373 -18.77 22.24 25.50
N ASN D 374 -17.86 22.32 24.53
CA ASN D 374 -16.43 22.47 24.76
C ASN D 374 -16.01 23.87 25.19
N GLU D 375 -14.73 24.03 25.43
CA GLU D 375 -14.24 25.27 25.94
C GLU D 375 -13.47 25.94 24.85
N LEU D 376 -13.88 27.13 24.46
CA LEU D 376 -13.10 27.90 23.53
C LEU D 376 -12.29 29.00 24.18
N SER D 377 -12.52 29.34 25.44
CA SER D 377 -11.85 30.46 26.03
C SER D 377 -10.69 30.01 26.87
N TYR D 378 -9.48 30.37 26.43
CA TYR D 378 -8.26 30.07 27.18
C TYR D 378 -7.53 31.38 27.53
N PRO D 379 -8.02 32.05 28.59
CA PRO D 379 -7.58 33.40 28.97
C PRO D 379 -6.11 33.41 29.37
N GLU D 380 -5.61 32.33 29.95
CA GLU D 380 -4.25 32.33 30.43
C GLU D 380 -3.25 31.78 29.42
N SER D 381 -3.64 31.57 28.15
CA SER D 381 -2.74 30.96 27.19
C SER D 381 -1.59 31.89 26.91
N VAL D 382 -0.48 31.19 26.82
CA VAL D 382 0.79 31.78 26.50
C VAL D 382 0.93 32.04 25.00
N TYR D 383 -0.06 31.66 24.21
CA TYR D 383 -0.05 31.82 22.77
C TYR D 383 -1.15 32.81 22.42
N ASP D 384 -0.83 33.78 21.60
CA ASP D 384 -1.73 34.89 21.37
C ASP D 384 -2.87 34.52 20.46
N ASN D 385 -2.58 33.91 19.32
CA ASN D 385 -3.65 33.43 18.46
C ASN D 385 -4.58 32.52 19.23
N LEU D 386 -4.10 31.58 20.07
CA LEU D 386 -5.04 30.69 20.76
C LEU D 386 -5.83 31.47 21.80
N LYS D 387 -5.15 32.34 22.56
CA LYS D 387 -5.76 33.18 23.59
C LYS D 387 -6.87 34.05 23.00
N ASN D 388 -6.69 34.43 21.74
CA ASN D 388 -7.66 35.28 21.13
C ASN D 388 -8.61 34.50 20.31
N GLY D 389 -8.72 33.21 20.59
CA GLY D 389 -9.68 32.30 19.97
C GLY D 389 -9.55 32.11 18.47
N MET D 390 -8.28 32.23 18.05
CA MET D 390 -7.81 32.14 16.67
C MET D 390 -8.67 32.83 15.62
N PRO D 391 -8.49 34.15 15.46
CA PRO D 391 -8.95 34.94 14.30
C PRO D 391 -8.33 34.50 12.98
N SER D 392 -8.30 35.33 11.98
CA SER D 392 -7.38 35.05 10.90
C SER D 392 -6.40 36.15 11.25
#